data_8A0Y
#
_entry.id   8A0Y
#
_cell.length_a   131.930
_cell.length_b   159.784
_cell.length_c   227.886
_cell.angle_alpha   90.000
_cell.angle_beta   96.740
_cell.angle_gamma   90.000
#
_symmetry.space_group_name_H-M   'C 1 2 1'
#
loop_
_entity.id
_entity.type
_entity.pdbx_description
1 polymer Contactin-2
2 branched alpha-D-mannopyranose-(1-3)-beta-D-mannopyranose-(1-4)-2-acetamido-2-deoxy-beta-D-glucopyranose-(1-4)-2-acetamido-2-deoxy-beta-D-glucopyranose
3 branched beta-D-mannopyranose-(1-4)-2-acetamido-2-deoxy-beta-D-glucopyranose-(1-4)-2-acetamido-2-deoxy-beta-D-glucopyranose
4 branched alpha-D-mannopyranose-(1-2)-alpha-D-mannopyranose-(1-3)-[alpha-D-mannopyranose-(1-6)]beta-D-mannopyranose-(1-4)-2-acetamido-2-deoxy-beta-D-glucopyranose-(1-4)-2-acetamido-2-deoxy-beta-D-glucopyranose
5 branched 2-acetamido-2-deoxy-beta-D-glucopyranose-(1-4)-2-acetamido-2-deoxy-beta-D-glucopyranose
6 branched alpha-D-mannopyranose-(1-3)-[alpha-D-mannopyranose-(1-6)]beta-D-mannopyranose-(1-4)-2-acetamido-2-deoxy-beta-D-glucopyranose-(1-4)-2-acetamido-2-deoxy-beta-D-glucopyranose
7 branched alpha-D-mannopyranose-(1-3)-[alpha-D-mannopyranose-(1-6)]alpha-D-mannopyranose-(1-6)-[alpha-D-mannopyranose-(1-3)]beta-D-mannopyranose-(1-4)-2-acetamido-2-deoxy-beta-D-glucopyranose-(1-4)-2-acetamido-2-deoxy-beta-D-glucopyranose
8 non-polymer 2-acetamido-2-deoxy-beta-D-glucopyranose
#
_entity_poly.entity_id   1
_entity_poly.type   'polypeptide(L)'
_entity_poly.pdbx_seq_one_letter_code
;GSFSQGTPATFGPVFEEQPVGLLFPEESAEDQVTLACRARASPPATYRWKMNGTEMNLEPGSRHQLMGGNLVIMSPTKAQ
DAGVYQCLASNPVGTVVSKEAVLRFGFLQEFSKEERDPVKTHEGWGVMLPCNPPAHYPGLSYRWLLNEFPNFIPTDGRHF
VSQTTGNLYIARTNASDLGNYSCLATSHLDFSTKSVFSKFAQLNLAAEDPRLFAPSIKARFPPETYALVGQQVTLECFAF
GNPVPRIKWRKVDGSLSPQWGTAEPTLQIPSVSFEDEGTYECEAENSKGRDTVQGRIIVQAQPEWLKVISDTEADIGSNL
RWGCAAAGKPRPMVRWLRNGEPLASQNRVEVLAGDLRFSKLNLEDSGMYQCVAENKHGTIYASAELAVQALAPDFRQNPV
RRLIPAARGGEISIPCQPRAAPKATILWSKGTEILGNSTRVTVTLDGTLIIRNISRSDEGKYTCFAENFMGKANSTGILS
VRDATKITLAPSSADINVGDNLTLQCHASHDPTMDLTFTWTLDDFPVDFDKPGGHYRRASVKETIGDLTILNAQLRHGGT
YTCMAQTVVDGASKEATVLVRGHHHHHH
;
_entity_poly.pdbx_strand_id   A,B,C
#
loop_
_chem_comp.id
_chem_comp.type
_chem_comp.name
_chem_comp.formula
BMA D-saccharide, beta linking beta-D-mannopyranose 'C6 H12 O6'
MAN D-saccharide, alpha linking alpha-D-mannopyranose 'C6 H12 O6'
NAG D-saccharide, beta linking 2-acetamido-2-deoxy-beta-D-glucopyranose 'C8 H15 N O6'
#
# COMPACT_ATOMS: atom_id res chain seq x y z
N ALA A 9 -13.58 1.33 -15.46
CA ALA A 9 -13.27 0.25 -14.52
C ALA A 9 -12.03 0.58 -13.70
N THR A 10 -11.39 1.70 -13.99
CA THR A 10 -10.18 2.11 -13.30
C THR A 10 -10.54 3.05 -12.14
N PHE A 11 -9.90 2.84 -11.00
CA PHE A 11 -10.12 3.68 -9.83
C PHE A 11 -8.82 3.79 -9.05
N GLY A 12 -8.76 4.79 -8.17
CA GLY A 12 -7.60 5.04 -7.38
C GLY A 12 -7.38 4.00 -6.29
N PRO A 13 -6.19 4.01 -5.69
CA PRO A 13 -5.89 3.00 -4.67
C PRO A 13 -6.60 3.27 -3.36
N VAL A 14 -7.16 2.21 -2.78
CA VAL A 14 -7.86 2.29 -1.50
C VAL A 14 -7.20 1.29 -0.55
N PHE A 15 -6.66 1.78 0.56
CA PHE A 15 -6.00 0.90 1.51
C PHE A 15 -7.00 -0.07 2.11
N GLU A 16 -6.61 -1.35 2.18
CA GLU A 16 -7.40 -2.37 2.86
C GLU A 16 -6.72 -2.86 4.14
N GLU A 17 -5.44 -3.19 4.06
CA GLU A 17 -4.63 -3.52 5.24
C GLU A 17 -3.53 -2.47 5.36
N GLN A 18 -3.36 -1.95 6.57
CA GLN A 18 -2.39 -0.90 6.84
C GLN A 18 -1.37 -1.38 7.87
N PRO A 19 -0.17 -0.80 7.89
CA PRO A 19 0.86 -1.28 8.80
C PRO A 19 0.48 -1.06 10.25
N VAL A 20 1.20 -1.74 11.13
CA VAL A 20 0.93 -1.70 12.57
C VAL A 20 2.26 -1.71 13.32
N GLY A 21 2.42 -0.80 14.27
CA GLY A 21 3.63 -0.78 15.07
C GLY A 21 3.85 -2.10 15.78
N LEU A 22 5.12 -2.44 15.98
CA LEU A 22 5.48 -3.74 16.55
C LEU A 22 6.62 -3.61 17.54
N LEU A 23 6.46 -4.23 18.70
CA LEU A 23 7.51 -4.39 19.68
C LEU A 23 8.17 -5.75 19.46
N PHE A 24 9.45 -5.74 19.08
CA PHE A 24 10.15 -6.97 18.77
C PHE A 24 10.78 -7.47 20.06
N PRO A 25 10.30 -8.57 20.64
CA PRO A 25 10.86 -9.03 21.91
C PRO A 25 12.31 -9.48 21.80
N GLU A 26 13.02 -9.37 22.92
CA GLU A 26 14.38 -9.86 23.00
C GLU A 26 14.33 -11.38 22.99
N GLU A 27 15.10 -12.00 22.10
CA GLU A 27 15.06 -13.44 21.89
C GLU A 27 13.65 -13.85 21.42
N SER A 28 13.26 -13.23 20.30
CA SER A 28 11.95 -13.49 19.69
C SER A 28 11.77 -14.94 19.29
N ALA A 29 10.58 -15.27 18.80
CA ALA A 29 10.30 -16.61 18.29
C ALA A 29 10.92 -16.84 16.91
N GLU A 30 10.78 -15.88 16.01
CA GLU A 30 11.38 -15.96 14.69
C GLU A 30 12.22 -14.72 14.41
N ASP A 31 13.04 -14.81 13.37
CA ASP A 31 13.90 -13.72 12.94
C ASP A 31 13.35 -13.08 11.68
N GLN A 32 12.08 -12.67 11.74
CA GLN A 32 11.44 -11.99 10.62
C GLN A 32 10.26 -11.20 11.17
N VAL A 33 10.05 -10.01 10.61
CA VAL A 33 8.92 -9.16 10.97
C VAL A 33 8.21 -8.74 9.70
N THR A 34 6.88 -8.86 9.69
CA THR A 34 6.06 -8.59 8.51
C THR A 34 5.12 -7.41 8.82
N LEU A 35 5.45 -6.25 8.27
CA LEU A 35 4.60 -5.07 8.33
C LEU A 35 3.61 -5.14 7.17
N ALA A 36 2.32 -5.16 7.50
CA ALA A 36 1.29 -5.39 6.49
C ALA A 36 1.00 -4.12 5.69
N CYS A 37 0.63 -4.32 4.42
CA CYS A 37 0.16 -3.24 3.57
C CYS A 37 -0.42 -3.81 2.28
N ARG A 38 -1.63 -3.37 1.92
CA ARG A 38 -2.32 -3.91 0.76
C ARG A 38 -3.38 -2.90 0.33
N ALA A 39 -3.56 -2.75 -0.97
CA ALA A 39 -4.45 -1.73 -1.49
C ALA A 39 -5.24 -2.28 -2.67
N ARG A 40 -6.53 -1.97 -2.68
CA ARG A 40 -7.40 -2.27 -3.82
C ARG A 40 -7.17 -1.23 -4.90
N ALA A 41 -6.81 -1.69 -6.09
CA ALA A 41 -6.64 -0.82 -7.26
C ALA A 41 -6.94 -1.65 -8.49
N SER A 42 -7.79 -1.12 -9.37
CA SER A 42 -8.20 -1.87 -10.57
C SER A 42 -6.97 -2.31 -11.35
N PRO A 43 -6.09 -1.40 -11.76
CA PRO A 43 -4.76 -1.83 -12.20
C PRO A 43 -3.84 -2.03 -11.01
N PRO A 44 -3.50 -3.29 -10.65
CA PRO A 44 -2.86 -3.56 -9.36
C PRO A 44 -1.84 -2.51 -8.93
N ALA A 45 -1.91 -2.12 -7.67
CA ALA A 45 -1.14 -1.00 -7.15
C ALA A 45 0.31 -1.40 -6.91
N THR A 46 1.19 -0.41 -6.98
CA THR A 46 2.60 -0.59 -6.63
C THR A 46 2.81 -0.04 -5.22
N TYR A 47 3.49 -0.82 -4.39
CA TYR A 47 3.73 -0.46 -3.00
C TYR A 47 5.16 0.01 -2.83
N ARG A 48 5.34 1.17 -2.23
CA ARG A 48 6.64 1.70 -1.88
C ARG A 48 6.73 1.80 -0.36
N TRP A 49 7.96 1.69 0.17
CA TRP A 49 8.15 1.73 1.62
C TRP A 49 9.17 2.80 1.99
N LYS A 50 8.89 3.50 3.08
CA LYS A 50 9.69 4.63 3.54
C LYS A 50 10.05 4.43 5.00
N MET A 51 11.34 4.30 5.28
CA MET A 51 11.86 4.16 6.64
C MET A 51 12.50 5.47 7.06
N ASN A 52 12.10 5.97 8.23
CA ASN A 52 12.66 7.22 8.78
C ASN A 52 12.66 8.34 7.74
N GLY A 53 11.68 8.34 6.86
CA GLY A 53 11.58 9.37 5.84
C GLY A 53 12.58 9.21 4.71
N THR A 54 12.85 7.97 4.30
CA THR A 54 13.78 7.73 3.20
C THR A 54 13.37 6.44 2.48
N GLU A 55 13.45 6.47 1.15
CA GLU A 55 13.05 5.33 0.36
C GLU A 55 13.91 4.10 0.69
N MET A 56 13.32 2.92 0.51
CA MET A 56 13.99 1.66 0.79
C MET A 56 14.17 0.88 -0.51
N ASN A 57 15.41 0.47 -0.78
CA ASN A 57 15.71 -0.35 -1.96
C ASN A 57 15.50 -1.82 -1.59
N LEU A 58 14.38 -2.40 -2.04
CA LEU A 58 14.05 -3.77 -1.72
C LEU A 58 14.46 -4.70 -2.86
N GLU A 59 14.43 -6.01 -2.57
CA GLU A 59 14.76 -7.06 -3.52
C GLU A 59 14.49 -8.42 -2.88
N PRO A 60 14.45 -9.51 -3.67
CA PRO A 60 14.24 -10.83 -3.08
C PRO A 60 15.40 -11.24 -2.19
N GLY A 61 16.61 -11.26 -2.76
CA GLY A 61 17.77 -11.68 -2.00
C GLY A 61 18.27 -10.65 -1.01
N SER A 62 17.64 -9.49 -0.95
CA SER A 62 18.00 -8.45 0.01
C SER A 62 17.27 -8.71 1.33
N ARG A 63 17.74 -8.04 2.38
CA ARG A 63 17.11 -8.19 3.69
C ARG A 63 15.68 -7.65 3.67
N HIS A 64 15.46 -6.50 3.04
CA HIS A 64 14.14 -5.89 2.94
C HIS A 64 13.36 -6.54 1.81
N GLN A 65 12.65 -7.62 2.13
CA GLN A 65 11.90 -8.37 1.14
C GLN A 65 10.45 -7.88 1.08
N LEU A 66 9.75 -8.26 0.01
CA LEU A 66 8.36 -7.89 -0.18
C LEU A 66 7.52 -9.11 -0.53
N MET A 67 6.35 -9.22 0.08
CA MET A 67 5.38 -10.27 -0.27
C MET A 67 4.00 -9.65 -0.35
N GLY A 68 3.46 -9.55 -1.56
CA GLY A 68 2.15 -8.93 -1.74
C GLY A 68 2.04 -7.56 -1.11
N GLY A 69 3.07 -6.73 -1.25
CA GLY A 69 3.10 -5.42 -0.67
C GLY A 69 3.52 -5.38 0.79
N ASN A 70 3.42 -6.49 1.51
CA ASN A 70 3.82 -6.53 2.91
C ASN A 70 5.35 -6.56 2.99
N LEU A 71 5.91 -5.72 3.85
CA LEU A 71 7.35 -5.60 4.01
C LEU A 71 7.84 -6.62 5.04
N VAL A 72 8.78 -7.47 4.64
CA VAL A 72 9.37 -8.48 5.50
C VAL A 72 10.82 -8.10 5.75
N ILE A 73 11.16 -7.88 7.01
CA ILE A 73 12.54 -7.62 7.41
C ILE A 73 13.06 -8.88 8.09
N MET A 74 14.15 -9.43 7.56
CA MET A 74 14.73 -10.66 8.08
C MET A 74 15.76 -10.33 9.15
N SER A 75 15.80 -11.17 10.19
CA SER A 75 16.69 -10.96 11.33
C SER A 75 16.62 -9.51 11.78
N PRO A 76 15.48 -9.05 12.28
CA PRO A 76 15.36 -7.64 12.68
C PRO A 76 16.47 -7.22 13.64
N THR A 77 16.93 -5.98 13.49
CA THR A 77 18.00 -5.43 14.29
C THR A 77 17.55 -4.10 14.87
N LYS A 78 17.77 -3.92 16.18
CA LYS A 78 17.38 -2.67 16.81
C LYS A 78 18.21 -1.50 16.29
N ALA A 79 19.45 -1.75 15.89
CA ALA A 79 20.33 -0.68 15.43
C ALA A 79 20.14 -0.32 13.97
N GLN A 80 19.42 -1.14 13.21
CA GLN A 80 19.26 -0.94 11.77
C GLN A 80 17.82 -0.68 11.35
N ASP A 81 16.86 -1.36 11.98
CA ASP A 81 15.47 -1.32 11.54
C ASP A 81 14.54 -0.69 12.57
N ALA A 82 15.07 -0.12 13.64
CA ALA A 82 14.24 0.54 14.64
C ALA A 82 13.84 1.93 14.13
N GLY A 83 12.56 2.25 14.22
CA GLY A 83 12.08 3.55 13.81
C GLY A 83 10.77 3.43 13.08
N VAL A 84 10.45 4.47 12.31
CA VAL A 84 9.13 4.59 11.68
C VAL A 84 9.17 3.95 10.29
N TYR A 85 8.00 3.46 9.87
CA TYR A 85 7.83 2.86 8.56
C TYR A 85 6.49 3.33 8.00
N GLN A 86 6.48 3.59 6.69
CA GLN A 86 5.31 4.12 6.02
C GLN A 86 5.14 3.44 4.67
N CYS A 87 3.90 3.13 4.31
CA CYS A 87 3.56 2.49 3.05
C CYS A 87 2.93 3.51 2.12
N LEU A 88 3.35 3.49 0.86
CA LEU A 88 2.87 4.40 -0.16
C LEU A 88 2.30 3.57 -1.30
N ALA A 89 0.97 3.55 -1.42
CA ALA A 89 0.31 2.80 -2.48
C ALA A 89 0.05 3.74 -3.65
N SER A 90 0.64 3.42 -4.81
CA SER A 90 0.59 4.30 -5.96
C SER A 90 0.07 3.55 -7.17
N ASN A 91 -0.45 4.31 -8.12
CA ASN A 91 -1.04 3.77 -9.34
C ASN A 91 -1.21 4.89 -10.36
N PRO A 92 -1.67 4.58 -11.58
CA PRO A 92 -1.85 5.66 -12.57
C PRO A 92 -2.67 6.84 -12.04
N VAL A 93 -3.61 6.60 -11.13
CA VAL A 93 -4.48 7.67 -10.65
C VAL A 93 -3.72 8.59 -9.70
N GLY A 94 -2.88 8.02 -8.85
CA GLY A 94 -2.14 8.83 -7.90
C GLY A 94 -1.52 7.96 -6.82
N THR A 95 -1.09 8.63 -5.76
CA THR A 95 -0.39 7.98 -4.66
C THR A 95 -1.07 8.34 -3.35
N VAL A 96 -1.04 7.39 -2.41
CA VAL A 96 -1.63 7.58 -1.10
C VAL A 96 -0.67 7.04 -0.05
N VAL A 97 -0.58 7.76 1.08
CA VAL A 97 0.30 7.39 2.17
C VAL A 97 -0.51 6.64 3.22
N SER A 98 0.14 5.71 3.91
CA SER A 98 -0.49 4.92 4.95
C SER A 98 -0.14 5.47 6.32
N LYS A 99 -0.73 4.86 7.35
CA LYS A 99 -0.40 5.24 8.71
C LYS A 99 1.10 5.06 8.94
N GLU A 100 1.62 5.75 9.94
CA GLU A 100 3.00 5.55 10.36
C GLU A 100 3.03 4.44 11.41
N ALA A 101 3.83 3.40 11.16
CA ALA A 101 3.95 2.28 12.09
C ALA A 101 5.37 2.25 12.62
N VAL A 102 5.51 2.20 13.95
CA VAL A 102 6.81 2.26 14.60
C VAL A 102 7.25 0.84 14.93
N LEU A 103 8.42 0.46 14.44
CA LEU A 103 9.07 -0.78 14.85
C LEU A 103 10.04 -0.45 15.97
N ARG A 104 9.71 -0.88 17.18
CA ARG A 104 10.56 -0.68 18.35
C ARG A 104 11.01 -2.04 18.86
N PHE A 105 12.18 -2.05 19.50
CA PHE A 105 12.82 -3.27 19.96
C PHE A 105 12.93 -3.21 21.48
N GLY A 106 12.22 -4.10 22.16
CA GLY A 106 12.33 -4.17 23.61
C GLY A 106 13.53 -5.00 24.02
N PHE A 107 14.14 -4.60 25.12
CA PHE A 107 15.37 -5.24 25.58
C PHE A 107 15.67 -4.73 26.98
N LEU A 108 16.83 -5.13 27.50
CA LEU A 108 17.30 -4.66 28.80
C LEU A 108 18.77 -5.01 28.97
N GLN A 109 19.66 -4.07 28.66
CA GLN A 109 21.08 -4.28 28.86
C GLN A 109 21.40 -4.31 30.35
N GLU A 110 22.63 -4.66 30.66
CA GLU A 110 23.08 -4.76 32.04
C GLU A 110 23.75 -3.48 32.49
N PHE A 111 23.83 -3.30 33.80
CA PHE A 111 24.41 -2.09 34.36
C PHE A 111 25.88 -1.97 33.98
N SER A 112 26.34 -0.73 33.79
CA SER A 112 27.74 -0.49 33.50
C SER A 112 28.60 -1.14 34.58
N LYS A 113 29.63 -1.87 34.15
CA LYS A 113 30.46 -2.61 35.10
C LYS A 113 31.32 -1.71 35.97
N GLU A 114 31.39 -0.42 35.68
CA GLU A 114 32.17 0.48 36.53
C GLU A 114 31.55 0.55 37.92
N GLU A 115 32.39 0.43 38.94
CA GLU A 115 31.89 0.51 40.31
C GLU A 115 31.33 1.90 40.57
N ARG A 116 30.25 1.96 41.33
CA ARG A 116 29.54 3.22 41.59
C ARG A 116 30.01 3.81 42.90
N ASP A 117 30.23 5.13 42.90
CA ASP A 117 30.81 5.81 44.04
C ASP A 117 29.90 5.71 45.26
N PRO A 118 30.48 5.71 46.46
CA PRO A 118 29.67 5.69 47.68
C PRO A 118 29.04 7.04 47.99
N VAL A 119 28.00 7.00 48.80
CA VAL A 119 27.27 8.18 49.24
C VAL A 119 27.31 8.20 50.77
N LYS A 120 27.51 9.39 51.33
CA LYS A 120 27.71 9.55 52.77
C LYS A 120 26.86 10.67 53.32
N THR A 121 26.26 10.43 54.49
CA THR A 121 25.46 11.45 55.15
C THR A 121 25.46 11.22 56.66
N HIS A 122 24.89 12.19 57.37
CA HIS A 122 24.73 12.10 58.82
C HIS A 122 23.61 11.12 59.18
N GLU A 123 23.85 10.30 60.20
CA GLU A 123 22.81 9.40 60.69
C GLU A 123 21.61 10.22 61.16
N GLY A 124 20.41 9.72 60.85
CA GLY A 124 19.19 10.41 61.19
C GLY A 124 18.66 11.32 60.10
N TRP A 125 19.48 11.65 59.10
CA TRP A 125 19.04 12.43 57.96
C TRP A 125 18.43 11.53 56.89
N GLY A 126 17.81 12.16 55.90
CA GLY A 126 17.37 11.45 54.72
C GLY A 126 18.42 11.46 53.63
N VAL A 127 18.31 10.52 52.69
CA VAL A 127 19.30 10.36 51.64
C VAL A 127 18.66 9.74 50.42
N MET A 128 19.33 9.90 49.28
CA MET A 128 18.92 9.31 48.02
C MET A 128 20.09 8.56 47.41
N LEU A 129 19.85 7.32 47.01
CA LEU A 129 20.80 6.48 46.30
C LEU A 129 20.35 6.34 44.86
N PRO A 130 21.13 6.79 43.88
CA PRO A 130 20.67 6.72 42.49
C PRO A 130 20.83 5.34 41.89
N CYS A 131 19.88 4.99 41.01
CA CYS A 131 19.92 3.73 40.31
C CYS A 131 20.70 3.85 39.00
N ASN A 132 20.43 4.90 38.23
CA ASN A 132 21.09 5.10 36.95
C ASN A 132 20.95 3.82 36.14
N PRO A 133 19.75 3.47 35.71
CA PRO A 133 19.54 2.16 35.08
C PRO A 133 20.14 2.12 33.69
N PRO A 134 20.32 0.92 33.13
CA PRO A 134 20.94 0.81 31.81
C PRO A 134 19.93 1.07 30.70
N ALA A 135 20.45 1.13 29.48
CA ALA A 135 19.58 1.38 28.34
C ALA A 135 18.49 0.34 28.27
N HIS A 136 17.26 0.79 28.01
CA HIS A 136 16.08 -0.07 28.01
C HIS A 136 14.95 0.68 27.35
N TYR A 137 14.13 -0.02 26.58
CA TYR A 137 12.94 0.63 26.04
C TYR A 137 11.75 0.42 26.97
N PRO A 138 11.26 -0.81 27.11
CA PRO A 138 9.97 -0.98 27.80
C PRO A 138 10.08 -0.59 29.27
N GLY A 139 8.93 -0.34 29.87
CA GLY A 139 8.91 0.03 31.28
C GLY A 139 9.55 -1.04 32.15
N LEU A 140 10.06 -0.61 33.29
CA LEU A 140 10.82 -1.47 34.17
C LEU A 140 10.25 -1.40 35.58
N SER A 141 10.55 -2.42 36.38
CA SER A 141 10.20 -2.46 37.79
C SER A 141 11.50 -2.42 38.58
N TYR A 142 11.68 -1.36 39.37
CA TYR A 142 12.92 -1.12 40.09
C TYR A 142 12.79 -1.52 41.55
N ARG A 143 13.70 -2.36 42.01
CA ARG A 143 13.84 -2.71 43.42
C ARG A 143 15.30 -2.50 43.82
N TRP A 144 15.60 -2.70 45.10
CA TRP A 144 16.95 -2.50 45.61
C TRP A 144 17.36 -3.66 46.51
N LEU A 145 18.66 -3.93 46.50
CA LEU A 145 19.26 -5.04 47.23
C LEU A 145 20.25 -4.50 48.25
N LEU A 146 20.32 -5.17 49.39
CA LEU A 146 21.22 -4.79 50.48
C LEU A 146 22.31 -5.85 50.61
N ASN A 147 23.56 -5.42 50.43
CA ASN A 147 24.73 -6.28 50.62
C ASN A 147 24.85 -7.34 49.54
N GLU A 148 24.01 -8.38 49.60
CA GLU A 148 24.10 -9.51 48.67
C GLU A 148 22.83 -9.57 47.80
N PHE A 149 22.94 -10.32 46.71
CA PHE A 149 21.84 -10.35 45.74
C PHE A 149 20.55 -10.94 46.30
N PRO A 150 20.55 -12.15 46.87
CA PRO A 150 19.27 -12.70 47.34
C PRO A 150 18.55 -11.75 48.28
N ASN A 151 19.29 -11.11 49.18
CA ASN A 151 18.69 -10.23 50.18
C ASN A 151 18.11 -8.99 49.51
N PHE A 152 16.94 -8.58 49.96
CA PHE A 152 16.25 -7.42 49.41
C PHE A 152 16.05 -6.36 50.49
N ILE A 153 15.86 -5.12 50.04
CA ILE A 153 15.62 -4.01 50.98
C ILE A 153 14.28 -4.22 51.66
N PRO A 154 14.15 -3.90 52.96
CA PRO A 154 12.83 -3.95 53.61
C PRO A 154 11.95 -2.79 53.17
N THR A 155 10.85 -3.11 52.50
CA THR A 155 9.85 -2.12 52.10
C THR A 155 8.90 -1.94 53.28
N ASP A 156 8.92 -0.75 53.88
CA ASP A 156 8.18 -0.52 55.12
C ASP A 156 7.56 0.86 55.25
N GLY A 157 8.09 1.88 54.58
CA GLY A 157 7.54 3.23 54.67
C GLY A 157 8.62 4.24 54.95
N ARG A 158 9.71 3.79 55.60
CA ARG A 158 10.89 4.63 55.75
C ARG A 158 11.74 4.61 54.49
N HIS A 159 11.58 3.58 53.65
CA HIS A 159 12.24 3.46 52.37
C HIS A 159 11.20 3.60 51.26
N PHE A 160 11.64 4.10 50.10
CA PHE A 160 10.76 4.21 48.95
C PHE A 160 11.59 4.18 47.68
N VAL A 161 11.29 3.23 46.79
CA VAL A 161 11.99 3.09 45.53
C VAL A 161 11.14 3.72 44.43
N SER A 162 11.64 4.77 43.81
CA SER A 162 10.95 5.42 42.71
C SER A 162 10.98 4.50 41.49
N GLN A 163 9.80 4.14 40.98
CA GLN A 163 9.68 3.28 39.82
C GLN A 163 9.59 4.07 38.51
N THR A 164 10.10 5.30 38.51
CA THR A 164 10.28 6.09 37.30
C THR A 164 11.75 6.40 37.06
N THR A 165 12.47 6.84 38.09
CA THR A 165 13.91 7.06 38.02
C THR A 165 14.71 5.90 38.61
N GLY A 166 14.06 4.96 39.29
CA GLY A 166 14.73 3.85 39.91
C GLY A 166 15.42 4.15 41.22
N ASN A 167 15.56 5.42 41.59
CA ASN A 167 16.32 5.80 42.77
C ASN A 167 15.69 5.20 44.03
N LEU A 168 16.43 5.33 45.13
CA LEU A 168 16.00 4.83 46.43
C LEU A 168 16.10 5.96 47.44
N TYR A 169 14.97 6.32 48.04
CA TYR A 169 14.91 7.41 49.01
C TYR A 169 14.71 6.84 50.40
N ILE A 170 15.58 7.21 51.33
CA ILE A 170 15.45 6.86 52.73
C ILE A 170 15.10 8.13 53.50
N ALA A 171 13.95 8.11 54.19
CA ALA A 171 13.50 9.29 54.91
C ALA A 171 14.43 9.60 56.08
N ARG A 172 14.70 8.60 56.92
CA ARG A 172 15.59 8.76 58.06
C ARG A 172 16.68 7.71 57.98
N THR A 173 17.91 8.15 57.76
CA THR A 173 19.05 7.24 57.74
C THR A 173 19.21 6.61 59.12
N ASN A 174 18.82 5.36 59.25
CA ASN A 174 18.82 4.66 60.51
C ASN A 174 20.16 3.96 60.72
N ALA A 175 20.49 3.68 61.98
CA ALA A 175 21.77 3.06 62.29
C ALA A 175 21.93 1.74 61.54
N SER A 176 20.83 1.06 61.26
CA SER A 176 20.86 -0.21 60.54
C SER A 176 20.98 -0.04 59.04
N ASP A 177 20.91 1.18 58.54
CA ASP A 177 21.00 1.44 57.11
C ASP A 177 22.44 1.57 56.61
N LEU A 178 23.41 1.28 57.46
CA LEU A 178 24.82 1.33 57.08
C LEU A 178 25.17 0.04 56.35
N GLY A 179 25.36 0.13 55.03
CA GLY A 179 25.66 -1.06 54.26
C GLY A 179 25.77 -0.77 52.78
N ASN A 180 25.68 -1.83 51.99
CA ASN A 180 25.85 -1.76 50.55
C ASN A 180 24.50 -1.92 49.86
N TYR A 181 24.28 -1.11 48.83
CA TYR A 181 22.99 -1.01 48.16
C TYR A 181 23.19 -1.07 46.65
N SER A 182 22.44 -1.93 45.98
CA SER A 182 22.47 -2.03 44.53
C SER A 182 21.05 -1.94 43.99
N CYS A 183 20.94 -1.52 42.74
CA CYS A 183 19.66 -1.40 42.06
C CYS A 183 19.41 -2.65 41.23
N LEU A 184 18.13 -3.02 41.09
CA LEU A 184 17.74 -4.20 40.33
C LEU A 184 16.53 -3.85 39.48
N ALA A 185 16.71 -3.87 38.18
CA ALA A 185 15.63 -3.60 37.22
C ALA A 185 15.10 -4.92 36.68
N THR A 186 13.77 -5.04 36.65
CA THR A 186 13.09 -6.20 36.07
C THR A 186 12.26 -5.72 34.89
N SER A 187 12.62 -6.18 33.69
CA SER A 187 11.96 -5.78 32.44
C SER A 187 10.84 -6.75 32.10
N HIS A 188 9.74 -6.64 32.84
CA HIS A 188 8.58 -7.48 32.61
C HIS A 188 7.70 -6.84 31.56
N LEU A 189 7.55 -7.53 30.42
CA LEU A 189 6.67 -7.08 29.35
C LEU A 189 5.83 -8.25 28.84
N ASP A 190 5.38 -8.15 27.59
CA ASP A 190 4.55 -9.20 26.99
C ASP A 190 5.12 -10.58 27.28
N PHE A 191 6.38 -10.80 26.94
CA PHE A 191 7.11 -11.99 27.33
C PHE A 191 8.52 -11.54 27.71
N SER A 192 8.82 -11.56 29.00
CA SER A 192 10.17 -11.29 29.48
C SER A 192 10.22 -11.40 30.99
N THR A 193 11.19 -12.16 31.49
CA THR A 193 11.43 -12.28 32.93
C THR A 193 12.79 -11.70 33.29
N LYS A 194 13.43 -11.01 32.35
CA LYS A 194 14.79 -10.52 32.55
C LYS A 194 14.88 -9.58 33.74
N SER A 195 15.93 -9.76 34.53
CA SER A 195 16.20 -8.90 35.68
C SER A 195 17.71 -8.76 35.81
N VAL A 196 18.17 -7.53 35.94
CA VAL A 196 19.60 -7.22 36.01
C VAL A 196 19.82 -6.21 37.14
N PHE A 197 20.85 -6.44 37.94
CA PHE A 197 21.18 -5.56 39.06
C PHE A 197 22.56 -4.96 38.85
N SER A 198 22.84 -3.91 39.64
CA SER A 198 24.03 -3.09 39.46
C SER A 198 25.08 -3.48 40.50
N LYS A 199 26.30 -3.01 40.25
CA LYS A 199 27.37 -3.15 41.23
C LYS A 199 26.99 -2.36 42.49
N PHE A 200 27.34 -2.91 43.65
CA PHE A 200 26.88 -2.35 44.91
C PHE A 200 27.60 -1.05 45.22
N ALA A 201 26.83 0.02 45.41
CA ALA A 201 27.34 1.23 46.03
C ALA A 201 27.30 1.08 47.54
N GLN A 202 27.88 2.04 48.26
CA GLN A 202 28.04 1.95 49.70
C GLN A 202 27.49 3.20 50.36
N LEU A 203 26.83 3.02 51.50
CA LEU A 203 26.25 4.12 52.26
C LEU A 203 27.06 4.30 53.53
N ASN A 204 27.62 5.50 53.72
CA ASN A 204 28.44 5.83 54.87
C ASN A 204 27.65 6.74 55.80
N LEU A 205 27.72 6.43 57.09
CA LEU A 205 26.90 7.05 58.12
C LEU A 205 27.82 7.75 59.12
N ALA A 206 27.71 9.08 59.18
CA ALA A 206 28.51 9.86 60.12
C ALA A 206 27.87 9.83 61.50
N ALA A 207 28.30 10.74 62.37
CA ALA A 207 27.72 10.84 63.71
C ALA A 207 26.23 11.18 63.62
N GLU A 208 25.49 10.77 64.65
CA GLU A 208 24.05 10.98 64.66
C GLU A 208 23.72 12.47 64.84
N ASP A 209 22.52 12.84 64.38
CA ASP A 209 21.99 14.18 64.53
C ASP A 209 20.57 14.06 65.08
N PRO A 210 20.42 14.08 66.41
CA PRO A 210 19.09 13.85 67.00
C PRO A 210 18.11 14.99 66.77
N ARG A 211 18.57 16.15 66.29
CA ARG A 211 17.66 17.25 66.01
C ARG A 211 16.62 16.83 64.98
N LEU A 212 15.36 17.12 65.27
CA LEU A 212 14.27 16.74 64.36
C LEU A 212 14.35 17.57 63.08
N PHE A 213 13.91 16.96 61.99
CA PHE A 213 13.98 17.56 60.66
C PHE A 213 12.59 17.86 60.15
N ALA A 214 12.38 19.10 59.71
CA ALA A 214 11.14 19.46 59.05
C ALA A 214 11.01 18.72 57.73
N PRO A 215 9.82 18.22 57.38
CA PRO A 215 9.70 17.38 56.19
C PRO A 215 10.02 18.15 54.93
N SER A 216 10.85 17.54 54.07
CA SER A 216 11.23 18.14 52.79
C SER A 216 11.02 17.09 51.70
N ILE A 217 10.17 17.41 50.74
CA ILE A 217 9.84 16.47 49.66
C ILE A 217 11.02 16.39 48.70
N LYS A 218 11.47 15.17 48.40
CA LYS A 218 12.56 14.97 47.46
C LYS A 218 12.19 14.12 46.27
N ALA A 219 11.23 13.20 46.40
CA ALA A 219 10.68 12.47 45.27
C ALA A 219 9.36 13.13 44.89
N ARG A 220 9.42 14.01 43.89
CA ARG A 220 8.24 14.75 43.46
C ARG A 220 7.69 14.19 42.15
N PHE A 221 6.49 14.64 41.82
CA PHE A 221 5.88 14.35 40.53
C PHE A 221 5.75 15.63 39.72
N PRO A 222 5.69 15.53 38.39
CA PRO A 222 5.77 16.75 37.57
C PRO A 222 4.57 17.65 37.84
N PRO A 223 4.74 18.96 37.67
CA PRO A 223 3.58 19.84 37.82
C PRO A 223 2.51 19.59 36.77
N GLU A 224 2.90 19.11 35.59
CA GLU A 224 1.97 18.76 34.52
C GLU A 224 2.30 17.35 34.07
N THR A 225 1.32 16.45 34.19
CA THR A 225 1.47 15.05 33.82
C THR A 225 0.47 14.76 32.72
N TYR A 226 0.96 14.48 31.52
CA TYR A 226 0.10 14.32 30.35
C TYR A 226 -0.23 12.85 30.16
N ALA A 227 -1.52 12.54 30.08
CA ALA A 227 -1.99 11.18 29.89
C ALA A 227 -3.26 11.19 29.05
N LEU A 228 -3.56 10.05 28.45
CA LEU A 228 -4.74 9.89 27.61
C LEU A 228 -5.82 9.13 28.35
N VAL A 229 -7.07 9.35 27.93
CA VAL A 229 -8.18 8.64 28.55
C VAL A 229 -7.99 7.14 28.35
N GLY A 230 -8.34 6.36 29.37
CA GLY A 230 -8.15 4.93 29.35
C GLY A 230 -6.77 4.47 29.78
N GLN A 231 -5.77 5.35 29.77
CA GLN A 231 -4.43 5.00 30.22
C GLN A 231 -4.38 5.01 31.75
N GLN A 232 -3.28 4.49 32.28
CA GLN A 232 -3.01 4.53 33.71
C GLN A 232 -1.97 5.61 33.98
N VAL A 233 -2.13 6.30 35.11
CA VAL A 233 -1.17 7.32 35.52
C VAL A 233 -0.80 7.07 36.97
N THR A 234 0.43 7.45 37.33
CA THR A 234 0.95 7.23 38.66
C THR A 234 1.73 8.46 39.10
N LEU A 235 1.42 8.96 40.29
CA LEU A 235 2.10 10.10 40.89
C LEU A 235 2.89 9.65 42.10
N GLU A 236 4.13 10.11 42.20
CA GLU A 236 5.02 9.74 43.29
C GLU A 236 5.29 10.96 44.17
N CYS A 237 5.38 10.71 45.48
CA CYS A 237 5.57 11.79 46.44
C CYS A 237 6.18 11.22 47.71
N PHE A 238 7.43 11.58 48.00
CA PHE A 238 8.11 11.10 49.19
C PHE A 238 9.03 12.19 49.73
N ALA A 239 9.17 12.21 51.05
CA ALA A 239 9.86 13.30 51.73
C ALA A 239 10.74 12.75 52.83
N PHE A 240 11.74 13.55 53.21
CA PHE A 240 12.59 13.27 54.35
C PHE A 240 12.01 13.97 55.58
N GLY A 241 11.80 13.20 56.63
CA GLY A 241 11.36 13.75 57.90
C GLY A 241 11.74 12.79 59.02
N ASN A 242 12.43 13.30 60.03
CA ASN A 242 12.94 12.43 61.09
C ASN A 242 11.85 11.57 61.72
N PRO A 243 10.67 12.09 62.05
CA PRO A 243 9.52 11.20 62.27
C PRO A 243 8.94 10.77 60.92
N VAL A 244 8.73 9.47 60.76
CA VAL A 244 8.25 8.91 59.49
C VAL A 244 7.09 9.75 58.98
N PRO A 245 7.29 10.58 57.96
CA PRO A 245 6.22 11.47 57.52
C PRO A 245 5.03 10.70 56.98
N ARG A 246 3.83 11.14 57.38
CA ARG A 246 2.59 10.59 56.86
C ARG A 246 2.24 11.31 55.56
N ILE A 247 1.93 10.53 54.53
CA ILE A 247 1.68 11.05 53.19
C ILE A 247 0.19 10.92 52.89
N LYS A 248 -0.42 12.02 52.45
CA LYS A 248 -1.83 12.04 52.06
C LYS A 248 -1.96 12.61 50.66
N TRP A 249 -2.88 12.03 49.89
CA TRP A 249 -3.19 12.48 48.54
C TRP A 249 -4.60 13.04 48.50
N ARG A 250 -4.78 14.13 47.74
CA ARG A 250 -6.12 14.69 47.57
C ARG A 250 -6.17 15.48 46.28
N LYS A 251 -7.39 15.86 45.90
CA LYS A 251 -7.66 16.69 44.74
C LYS A 251 -8.17 18.04 45.23
N VAL A 252 -7.62 19.13 44.68
CA VAL A 252 -7.88 20.46 45.22
C VAL A 252 -9.37 20.77 45.28
N ASP A 253 -10.16 20.22 44.37
CA ASP A 253 -11.59 20.52 44.35
C ASP A 253 -12.37 19.38 43.70
N GLY A 254 -12.04 18.15 44.09
CA GLY A 254 -12.72 16.98 43.56
C GLY A 254 -13.02 15.97 44.65
N SER A 255 -14.16 15.30 44.54
CA SER A 255 -14.52 14.31 45.55
C SER A 255 -13.56 13.14 45.53
N LEU A 256 -12.91 12.89 44.40
CA LEU A 256 -11.97 11.80 44.26
C LEU A 256 -12.67 10.46 44.45
N SER A 257 -11.90 9.39 44.62
CA SER A 257 -12.47 8.06 44.71
C SER A 257 -12.14 7.42 46.06
N PRO A 258 -13.07 6.70 46.66
CA PRO A 258 -12.76 6.02 47.94
C PRO A 258 -11.86 4.81 47.76
N GLN A 259 -11.95 4.12 46.62
CA GLN A 259 -11.15 2.91 46.42
C GLN A 259 -9.66 3.21 46.50
N TRP A 260 -9.23 4.36 45.98
CA TRP A 260 -7.82 4.72 46.08
C TRP A 260 -7.46 4.96 47.54
N GLY A 261 -6.36 4.34 47.97
CA GLY A 261 -5.96 4.46 49.37
C GLY A 261 -5.57 5.88 49.76
N THR A 262 -4.75 6.53 48.92
CA THR A 262 -4.27 7.88 49.18
C THR A 262 -3.41 7.95 50.44
N ALA A 263 -2.88 6.81 50.89
CA ALA A 263 -2.03 6.77 52.07
C ALA A 263 -0.57 6.45 51.77
N GLU A 264 -0.28 5.87 50.62
CA GLU A 264 1.10 5.54 50.24
C GLU A 264 1.69 6.65 49.39
N PRO A 265 3.01 6.63 49.19
CA PRO A 265 3.63 7.67 48.36
C PRO A 265 3.15 7.67 46.92
N THR A 266 2.61 6.57 46.43
CA THR A 266 2.22 6.43 45.03
C THR A 266 0.70 6.50 44.93
N LEU A 267 0.20 7.48 44.19
CA LEU A 267 -1.21 7.57 43.84
C LEU A 267 -1.41 6.99 42.45
N GLN A 268 -2.35 6.05 42.33
CA GLN A 268 -2.53 5.26 41.13
C GLN A 268 -3.92 5.51 40.57
N ILE A 269 -3.99 5.99 39.33
CA ILE A 269 -5.26 6.13 38.63
C ILE A 269 -5.24 5.17 37.45
N PRO A 270 -5.85 3.99 37.57
CA PRO A 270 -5.98 3.10 36.41
C PRO A 270 -7.17 3.48 35.55
N SER A 271 -6.98 3.47 34.24
CA SER A 271 -8.00 3.88 33.28
C SER A 271 -8.48 5.30 33.59
N VAL A 272 -7.53 6.23 33.50
CA VAL A 272 -7.81 7.63 33.81
C VAL A 272 -8.94 8.11 32.91
N SER A 273 -10.00 8.61 33.52
CA SER A 273 -11.09 9.22 32.78
C SER A 273 -10.86 10.73 32.67
N PHE A 274 -11.68 11.39 31.86
CA PHE A 274 -11.57 12.83 31.72
C PHE A 274 -11.92 13.53 33.03
N GLU A 275 -12.82 12.94 33.83
CA GLU A 275 -13.19 13.56 35.10
C GLU A 275 -12.04 13.54 36.09
N ASP A 276 -11.13 12.57 35.98
CA ASP A 276 -9.96 12.53 36.86
C ASP A 276 -8.98 13.66 36.57
N GLU A 277 -9.21 14.42 35.51
CA GLU A 277 -8.37 15.57 35.21
C GLU A 277 -8.47 16.61 36.33
N GLY A 278 -7.44 17.43 36.46
CA GLY A 278 -7.45 18.55 37.38
C GLY A 278 -6.22 18.54 38.26
N THR A 279 -6.26 19.38 39.29
CA THR A 279 -5.10 19.59 40.15
C THR A 279 -5.13 18.64 41.34
N TYR A 280 -3.98 18.06 41.65
CA TYR A 280 -3.80 17.14 42.77
C TYR A 280 -2.72 17.67 43.70
N GLU A 281 -2.86 17.34 44.98
CA GLU A 281 -1.94 17.77 46.02
C GLU A 281 -1.53 16.59 46.87
N CYS A 282 -0.23 16.50 47.14
CA CYS A 282 0.34 15.56 48.08
C CYS A 282 0.83 16.32 49.29
N GLU A 283 0.61 15.74 50.48
CA GLU A 283 0.92 16.37 51.74
C GLU A 283 1.75 15.41 52.58
N ALA A 284 2.97 15.82 52.93
CA ALA A 284 3.83 15.06 53.83
C ALA A 284 3.87 15.81 55.15
N GLU A 285 3.38 15.18 56.21
CA GLU A 285 3.21 15.84 57.49
C GLU A 285 3.89 15.03 58.59
N ASN A 286 4.49 15.73 59.54
CA ASN A 286 5.07 15.11 60.72
C ASN A 286 4.99 16.09 61.88
N SER A 287 5.27 15.58 63.08
CA SER A 287 5.05 16.36 64.29
C SER A 287 5.65 17.76 64.19
N LYS A 288 6.79 17.89 63.53
CA LYS A 288 7.54 19.15 63.52
C LYS A 288 7.26 20.02 62.30
N GLY A 289 6.47 19.57 61.34
CA GLY A 289 6.19 20.43 60.20
C GLY A 289 5.38 19.71 59.15
N ARG A 290 5.27 20.36 58.00
CA ARG A 290 4.49 19.82 56.90
C ARG A 290 4.95 20.48 55.61
N ASP A 291 4.90 19.72 54.52
CA ASP A 291 5.20 20.24 53.20
C ASP A 291 4.20 19.65 52.21
N THR A 292 4.03 20.32 51.09
CA THR A 292 3.06 19.93 50.09
C THR A 292 3.64 20.11 48.70
N VAL A 293 3.07 19.39 47.74
CA VAL A 293 3.43 19.54 46.34
C VAL A 293 2.19 19.34 45.50
N GLN A 294 2.01 20.20 44.50
CA GLN A 294 0.82 20.18 43.67
C GLN A 294 1.22 19.98 42.22
N GLY A 295 0.27 19.48 41.44
CA GLY A 295 0.48 19.31 40.03
C GLY A 295 -0.80 18.84 39.37
N ARG A 296 -0.91 19.13 38.10
CA ARG A 296 -2.13 18.86 37.36
C ARG A 296 -1.98 17.58 36.54
N ILE A 297 -3.00 16.73 36.60
CA ILE A 297 -3.17 15.66 35.64
C ILE A 297 -4.05 16.24 34.54
N ILE A 298 -3.48 16.43 33.36
CA ILE A 298 -4.18 17.01 32.23
C ILE A 298 -4.48 15.88 31.26
N VAL A 299 -5.75 15.48 31.17
CA VAL A 299 -6.15 14.38 30.31
C VAL A 299 -6.21 14.90 28.88
N GLN A 300 -5.74 14.07 27.94
CA GLN A 300 -5.68 14.44 26.55
C GLN A 300 -6.21 13.29 25.70
N ALA A 301 -6.19 13.46 24.38
CA ALA A 301 -6.76 12.48 23.49
C ALA A 301 -6.06 12.54 22.14
N GLN A 302 -6.08 11.42 21.44
CA GLN A 302 -5.50 11.32 20.10
C GLN A 302 -6.47 11.90 19.07
N PRO A 303 -5.98 12.19 17.87
CA PRO A 303 -6.88 12.68 16.83
C PRO A 303 -7.88 11.60 16.43
N GLU A 304 -9.11 12.04 16.15
CA GLU A 304 -10.11 11.14 15.58
C GLU A 304 -11.04 11.96 14.69
N TRP A 305 -11.35 11.41 13.51
CA TRP A 305 -12.05 12.17 12.50
C TRP A 305 -13.47 12.53 12.93
N LEU A 306 -14.04 13.52 12.23
CA LEU A 306 -15.42 13.94 12.43
C LEU A 306 -16.07 14.10 11.06
N LYS A 307 -15.38 14.81 10.16
CA LYS A 307 -15.77 14.91 8.76
C LYS A 307 -14.51 14.74 7.91
N VAL A 308 -14.64 14.07 6.77
CA VAL A 308 -13.51 13.80 5.87
C VAL A 308 -13.99 13.86 4.43
N ILE A 309 -13.04 13.81 3.50
CA ILE A 309 -13.33 13.93 2.08
C ILE A 309 -13.79 12.59 1.53
N SER A 310 -14.30 12.59 0.30
CA SER A 310 -14.80 11.38 -0.35
C SER A 310 -14.50 11.45 -1.84
N ASP A 311 -14.45 10.27 -2.47
CA ASP A 311 -14.24 10.18 -3.90
C ASP A 311 -15.29 11.02 -4.63
N THR A 312 -14.82 11.85 -5.56
CA THR A 312 -15.67 12.83 -6.21
C THR A 312 -15.36 12.92 -7.69
N GLU A 313 -16.41 13.04 -8.51
CA GLU A 313 -16.33 13.41 -9.91
C GLU A 313 -16.90 14.82 -10.05
N ALA A 314 -16.14 15.69 -10.71
CA ALA A 314 -16.56 17.08 -10.87
C ALA A 314 -16.27 17.55 -12.29
N ASP A 315 -17.16 18.36 -12.83
CA ASP A 315 -16.97 18.85 -14.19
C ASP A 315 -15.83 19.86 -14.23
N ILE A 316 -15.23 19.99 -15.42
CA ILE A 316 -14.11 20.92 -15.57
C ILE A 316 -14.56 22.32 -15.20
N GLY A 317 -13.68 23.05 -14.51
CA GLY A 317 -13.98 24.42 -14.14
C GLY A 317 -15.08 24.55 -13.10
N SER A 318 -15.21 23.58 -12.21
CA SER A 318 -16.21 23.62 -11.16
C SER A 318 -15.62 24.20 -9.88
N ASN A 319 -16.50 24.50 -8.92
CA ASN A 319 -16.11 24.94 -7.59
C ASN A 319 -16.36 23.81 -6.61
N LEU A 320 -15.31 23.44 -5.88
CA LEU A 320 -15.33 22.27 -5.00
C LEU A 320 -14.87 22.68 -3.61
N ARG A 321 -15.73 22.46 -2.62
CA ARG A 321 -15.42 22.74 -1.22
C ARG A 321 -15.24 21.41 -0.49
N TRP A 322 -14.02 21.14 -0.05
CA TRP A 322 -13.71 19.95 0.74
C TRP A 322 -13.38 20.36 2.16
N GLY A 323 -13.81 19.53 3.12
CA GLY A 323 -13.56 19.82 4.51
C GLY A 323 -13.23 18.59 5.32
N CYS A 324 -12.17 18.66 6.12
CA CYS A 324 -11.80 17.59 7.03
C CYS A 324 -11.67 18.19 8.43
N ALA A 325 -12.33 17.56 9.40
CA ALA A 325 -12.30 18.02 10.78
C ALA A 325 -11.94 16.86 11.69
N ALA A 326 -11.24 17.17 12.78
CA ALA A 326 -10.77 16.15 13.70
C ALA A 326 -10.94 16.67 15.12
N ALA A 327 -11.03 15.72 16.05
CA ALA A 327 -11.18 16.01 17.47
C ALA A 327 -9.98 15.45 18.22
N GLY A 328 -9.62 16.15 19.30
CA GLY A 328 -8.49 15.78 20.12
C GLY A 328 -8.16 16.88 21.10
N LYS A 329 -7.76 16.52 22.33
CA LYS A 329 -7.56 17.54 23.35
C LYS A 329 -6.59 18.62 22.90
N PRO A 330 -5.37 18.32 22.42
CA PRO A 330 -4.61 19.32 21.66
C PRO A 330 -5.19 19.43 20.26
N ARG A 331 -5.91 20.52 20.00
CA ARG A 331 -6.66 20.66 18.74
C ARG A 331 -5.81 20.16 17.59
N PRO A 332 -6.22 19.06 16.93
CA PRO A 332 -5.40 18.52 15.84
C PRO A 332 -5.23 19.54 14.72
N MET A 333 -3.99 19.77 14.32
CA MET A 333 -3.70 20.62 13.17
C MET A 333 -3.87 19.80 11.90
N VAL A 334 -4.56 20.37 10.93
CA VAL A 334 -4.93 19.68 9.70
C VAL A 334 -4.01 20.13 8.57
N ARG A 335 -3.61 19.18 7.75
CA ARG A 335 -2.76 19.41 6.58
C ARG A 335 -3.35 18.64 5.40
N TRP A 336 -2.84 18.94 4.21
CA TRP A 336 -3.32 18.30 2.99
C TRP A 336 -2.13 17.73 2.23
N LEU A 337 -2.40 16.65 1.50
CA LEU A 337 -1.39 15.98 0.69
C LEU A 337 -1.99 15.65 -0.67
N ARG A 338 -1.22 15.92 -1.73
CA ARG A 338 -1.57 15.57 -3.09
C ARG A 338 -0.59 14.50 -3.57
N ASN A 339 -1.10 13.29 -3.82
CA ASN A 339 -0.26 12.18 -4.24
C ASN A 339 0.93 12.00 -3.31
N GLY A 340 0.66 12.10 -2.01
CA GLY A 340 1.70 11.91 -1.01
C GLY A 340 2.73 13.01 -0.97
N GLU A 341 2.33 14.26 -1.24
CA GLU A 341 3.22 15.40 -1.19
C GLU A 341 2.47 16.59 -0.62
N PRO A 342 3.16 17.49 0.08
CA PRO A 342 2.46 18.62 0.72
C PRO A 342 1.70 19.47 -0.28
N LEU A 343 0.43 19.73 0.02
CA LEU A 343 -0.44 20.55 -0.81
C LEU A 343 -0.56 21.93 -0.17
N ALA A 344 0.26 22.86 -0.62
CA ALA A 344 0.15 24.25 -0.19
C ALA A 344 -0.90 24.98 -1.02
N SER A 345 -1.34 26.12 -0.49
CA SER A 345 -2.32 26.94 -1.18
C SER A 345 -1.72 27.47 -2.48
N GLN A 346 -1.99 26.79 -3.60
CA GLN A 346 -1.44 27.19 -4.89
C GLN A 346 -2.34 28.24 -5.55
N ASN A 347 -1.98 28.63 -6.78
CA ASN A 347 -2.69 29.70 -7.45
C ASN A 347 -4.16 29.35 -7.65
N ARG A 348 -4.45 28.12 -8.08
CA ARG A 348 -5.83 27.74 -8.39
C ARG A 348 -6.63 27.34 -7.16
N VAL A 349 -5.97 26.91 -6.08
CA VAL A 349 -6.63 26.23 -4.98
C VAL A 349 -6.26 26.92 -3.67
N GLU A 350 -7.26 27.07 -2.80
CA GLU A 350 -7.10 27.70 -1.50
C GLU A 350 -7.08 26.63 -0.40
N VAL A 351 -6.12 26.75 0.51
CA VAL A 351 -5.98 25.84 1.65
C VAL A 351 -6.03 26.67 2.92
N LEU A 352 -6.93 26.30 3.85
CA LEU A 352 -7.05 26.99 5.13
C LEU A 352 -7.33 25.96 6.21
N ALA A 353 -6.26 25.50 6.86
CA ALA A 353 -6.37 24.54 7.95
C ALA A 353 -7.19 23.32 7.53
N GLY A 354 -8.48 23.32 7.85
CA GLY A 354 -9.34 22.19 7.61
C GLY A 354 -10.15 22.24 6.33
N ASP A 355 -10.06 23.32 5.56
CA ASP A 355 -10.84 23.49 4.34
C ASP A 355 -9.93 23.59 3.13
N LEU A 356 -10.38 22.99 2.02
CA LEU A 356 -9.67 23.03 0.74
C LEU A 356 -10.68 23.39 -0.34
N ARG A 357 -10.49 24.55 -0.96
CA ARG A 357 -11.42 25.06 -1.96
C ARG A 357 -10.74 25.08 -3.32
N PHE A 358 -11.20 24.24 -4.23
CA PHE A 358 -10.78 24.29 -5.62
C PHE A 358 -11.70 25.25 -6.37
N SER A 359 -11.11 26.26 -7.00
CA SER A 359 -11.83 27.24 -7.81
C SER A 359 -11.49 27.01 -9.27
N LYS A 360 -12.50 26.71 -10.08
CA LYS A 360 -12.33 26.44 -11.52
C LYS A 360 -11.32 25.30 -11.73
N LEU A 361 -11.79 24.10 -11.40
CA LEU A 361 -10.97 22.91 -11.55
C LEU A 361 -10.54 22.74 -13.00
N ASN A 362 -9.35 22.13 -13.18
CA ASN A 362 -8.79 21.87 -14.48
C ASN A 362 -8.42 20.39 -14.58
N LEU A 363 -8.03 19.98 -15.79
CA LEU A 363 -7.65 18.58 -16.01
C LEU A 363 -6.45 18.17 -15.16
N GLU A 364 -5.65 19.14 -14.70
CA GLU A 364 -4.46 18.84 -13.92
C GLU A 364 -4.76 18.49 -12.46
N ASP A 365 -5.92 18.90 -11.94
CA ASP A 365 -6.22 18.72 -10.53
C ASP A 365 -6.65 17.29 -10.18
N SER A 366 -6.92 16.44 -11.16
CA SER A 366 -7.29 15.07 -10.86
C SER A 366 -6.17 14.37 -10.09
N GLY A 367 -6.55 13.41 -9.26
CA GLY A 367 -5.58 12.59 -8.55
C GLY A 367 -6.05 12.25 -7.16
N MET A 368 -5.14 11.71 -6.37
CA MET A 368 -5.44 11.26 -5.02
C MET A 368 -5.09 12.36 -4.03
N TYR A 369 -6.07 12.73 -3.20
CA TYR A 369 -5.87 13.73 -2.16
C TYR A 369 -6.09 13.11 -0.80
N GLN A 370 -5.42 13.66 0.20
CA GLN A 370 -5.54 13.17 1.57
C GLN A 370 -5.51 14.35 2.52
N CYS A 371 -6.28 14.24 3.60
CA CYS A 371 -6.21 15.19 4.70
C CYS A 371 -5.67 14.47 5.92
N VAL A 372 -4.73 15.11 6.61
CA VAL A 372 -3.93 14.49 7.65
C VAL A 372 -3.96 15.40 8.87
N ALA A 373 -4.53 14.92 9.97
CA ALA A 373 -4.65 15.70 11.19
C ALA A 373 -3.74 15.11 12.26
N GLU A 374 -2.89 15.96 12.85
CA GLU A 374 -1.93 15.49 13.84
C GLU A 374 -1.92 16.39 15.05
N ASN A 375 -1.64 15.79 16.20
CA ASN A 375 -1.34 16.49 17.43
C ASN A 375 -0.16 15.80 18.11
N LYS A 376 0.23 16.30 19.28
CA LYS A 376 1.38 15.74 19.97
C LYS A 376 1.25 14.25 20.23
N HIS A 377 0.05 13.69 20.12
CA HIS A 377 -0.19 12.29 20.43
C HIS A 377 -0.31 11.41 19.18
N GLY A 378 -0.13 11.95 17.99
CA GLY A 378 -0.08 11.13 16.80
C GLY A 378 -0.67 11.85 15.60
N THR A 379 -0.97 11.05 14.58
CA THR A 379 -1.47 11.53 13.29
C THR A 379 -2.55 10.59 12.78
N ILE A 380 -3.45 11.11 11.97
CA ILE A 380 -4.48 10.31 11.31
C ILE A 380 -4.64 10.81 9.87
N TYR A 381 -4.94 9.88 8.97
CA TYR A 381 -5.01 10.14 7.55
C TYR A 381 -6.39 9.78 7.01
N ALA A 382 -6.82 10.49 5.97
CA ALA A 382 -8.02 10.12 5.23
C ALA A 382 -7.82 10.47 3.75
N SER A 383 -8.15 9.53 2.87
CA SER A 383 -7.84 9.66 1.45
C SER A 383 -9.11 9.68 0.61
N ALA A 384 -8.97 10.16 -0.63
CA ALA A 384 -10.06 10.18 -1.59
C ALA A 384 -9.47 10.46 -2.98
N GLU A 385 -10.29 10.21 -4.00
CA GLU A 385 -9.92 10.41 -5.39
C GLU A 385 -10.74 11.54 -5.99
N LEU A 386 -10.09 12.40 -6.77
CA LEU A 386 -10.75 13.49 -7.49
C LEU A 386 -10.60 13.24 -8.98
N ALA A 387 -11.74 13.13 -9.68
CA ALA A 387 -11.78 12.92 -11.11
C ALA A 387 -12.48 14.10 -11.76
N VAL A 388 -11.72 14.89 -12.52
CA VAL A 388 -12.29 15.98 -13.30
C VAL A 388 -12.74 15.45 -14.65
N GLN A 389 -13.99 15.71 -14.98
CA GLN A 389 -14.68 15.09 -16.11
C GLN A 389 -14.67 16.00 -17.32
N ALA A 390 -14.09 15.53 -18.41
CA ALA A 390 -14.34 16.15 -19.71
C ALA A 390 -15.44 15.35 -20.39
N LEU A 391 -16.13 15.98 -21.34
CA LEU A 391 -17.29 15.34 -21.94
C LEU A 391 -17.85 16.12 -23.12
N ALA A 392 -18.08 15.45 -24.24
CA ALA A 392 -18.77 16.10 -25.35
C ALA A 392 -20.25 16.19 -25.04
N PRO A 393 -20.97 17.08 -25.73
CA PRO A 393 -22.40 17.21 -25.47
C PRO A 393 -23.17 15.97 -25.87
N ASP A 394 -24.07 15.54 -25.00
CA ASP A 394 -24.93 14.39 -25.25
C ASP A 394 -26.37 14.76 -24.92
N PHE A 395 -27.28 14.45 -25.83
CA PHE A 395 -28.70 14.71 -25.64
C PHE A 395 -29.51 13.44 -25.38
N ARG A 396 -28.85 12.28 -25.27
CA ARG A 396 -29.57 11.04 -25.04
C ARG A 396 -30.35 11.08 -23.73
N GLN A 397 -29.86 11.82 -22.74
CA GLN A 397 -30.48 11.85 -21.41
C GLN A 397 -31.48 12.98 -21.24
N ASN A 398 -31.35 14.06 -22.01
CA ASN A 398 -32.28 15.19 -21.96
C ASN A 398 -32.45 15.75 -23.36
N PRO A 399 -33.13 15.00 -24.23
CA PRO A 399 -33.32 15.47 -25.60
C PRO A 399 -34.31 16.62 -25.65
N VAL A 400 -34.41 17.23 -26.84
CA VAL A 400 -35.31 18.36 -27.03
C VAL A 400 -36.74 17.86 -27.16
N ARG A 401 -37.68 18.73 -26.83
CA ARG A 401 -39.10 18.43 -26.88
C ARG A 401 -39.51 17.99 -28.27
N ARG A 402 -39.69 16.68 -28.49
CA ARG A 402 -39.93 16.21 -29.86
C ARG A 402 -41.22 16.78 -30.42
N LEU A 403 -42.18 17.09 -29.57
CA LEU A 403 -43.47 17.65 -29.98
C LEU A 403 -43.65 18.98 -29.26
N ILE A 404 -44.04 20.01 -30.00
CA ILE A 404 -44.25 21.32 -29.40
C ILE A 404 -45.57 21.92 -29.88
N PRO A 405 -46.69 21.63 -29.22
CA PRO A 405 -47.91 22.40 -29.49
C PRO A 405 -47.92 23.72 -28.74
N ALA A 406 -48.56 24.71 -29.35
CA ALA A 406 -48.70 26.03 -28.75
C ALA A 406 -50.03 26.62 -29.21
N ALA A 407 -50.12 27.94 -29.29
CA ALA A 407 -51.36 28.60 -29.64
C ALA A 407 -51.06 29.83 -30.48
N ARG A 408 -51.98 30.14 -31.40
CA ARG A 408 -51.79 31.26 -32.32
C ARG A 408 -51.57 32.54 -31.54
N GLY A 409 -50.48 33.24 -31.86
CA GLY A 409 -50.16 34.47 -31.18
C GLY A 409 -49.61 34.30 -29.79
N GLY A 410 -49.35 33.06 -29.36
CA GLY A 410 -48.84 32.79 -28.04
C GLY A 410 -47.33 32.80 -27.98
N GLU A 411 -46.81 32.69 -26.76
CA GLU A 411 -45.38 32.62 -26.52
C GLU A 411 -44.96 31.17 -26.33
N ILE A 412 -43.76 30.85 -26.81
CA ILE A 412 -43.23 29.49 -26.76
C ILE A 412 -41.82 29.56 -26.21
N SER A 413 -41.51 28.69 -25.25
CA SER A 413 -40.18 28.59 -24.66
C SER A 413 -39.72 27.15 -24.81
N ILE A 414 -38.63 26.96 -25.55
CA ILE A 414 -38.07 25.64 -25.86
C ILE A 414 -36.70 25.56 -25.19
N PRO A 415 -36.55 24.79 -24.11
CA PRO A 415 -35.24 24.70 -23.45
C PRO A 415 -34.28 23.80 -24.22
N CYS A 416 -33.00 24.06 -24.02
CA CYS A 416 -31.94 23.20 -24.54
C CYS A 416 -30.87 23.07 -23.47
N GLN A 417 -30.79 21.89 -22.86
CA GLN A 417 -29.88 21.63 -21.73
C GLN A 417 -29.16 20.31 -21.94
N PRO A 418 -28.15 20.28 -22.81
CA PRO A 418 -27.33 19.08 -22.95
C PRO A 418 -26.44 18.87 -21.73
N ARG A 419 -25.80 17.70 -21.70
CA ARG A 419 -24.87 17.33 -20.64
C ARG A 419 -23.47 17.38 -21.23
N ALA A 420 -22.70 18.38 -20.81
CA ALA A 420 -21.34 18.60 -21.30
C ALA A 420 -20.47 19.04 -20.14
N ALA A 421 -19.18 18.73 -20.23
CA ALA A 421 -18.27 19.03 -19.13
C ALA A 421 -18.31 20.53 -18.84
N PRO A 422 -17.81 21.41 -19.72
CA PRO A 422 -18.16 22.83 -19.61
C PRO A 422 -19.50 23.10 -20.27
N LYS A 423 -20.21 24.10 -19.74
CA LYS A 423 -21.53 24.44 -20.26
C LYS A 423 -21.49 24.56 -21.78
N ALA A 424 -22.50 24.01 -22.43
CA ALA A 424 -22.50 23.92 -23.89
C ALA A 424 -22.95 25.24 -24.49
N THR A 425 -22.15 25.76 -25.43
CA THR A 425 -22.57 26.90 -26.22
C THR A 425 -23.70 26.48 -27.14
N ILE A 426 -24.80 27.25 -27.11
CA ILE A 426 -26.07 26.87 -27.72
C ILE A 426 -26.39 27.80 -28.88
N LEU A 427 -26.96 27.24 -29.94
CA LEU A 427 -27.53 28.00 -31.04
C LEU A 427 -28.78 27.30 -31.52
N TRP A 428 -29.70 28.08 -32.10
CA TRP A 428 -30.98 27.58 -32.56
C TRP A 428 -31.12 27.82 -34.05
N SER A 429 -31.69 26.85 -34.76
CA SER A 429 -31.88 26.98 -36.21
C SER A 429 -33.18 26.32 -36.61
N LYS A 430 -33.98 27.04 -37.39
CA LYS A 430 -35.19 26.48 -37.99
C LYS A 430 -34.84 26.00 -39.39
N GLY A 431 -35.11 24.73 -39.68
CA GLY A 431 -34.70 24.18 -40.96
C GLY A 431 -33.21 24.30 -41.12
N THR A 432 -32.79 25.09 -42.10
CA THR A 432 -31.36 25.33 -42.36
C THR A 432 -30.94 26.75 -42.02
N GLU A 433 -31.82 27.57 -41.45
CA GLU A 433 -31.54 28.97 -41.17
C GLU A 433 -31.35 29.18 -39.68
N ILE A 434 -30.26 29.86 -39.30
CA ILE A 434 -29.96 30.14 -37.91
C ILE A 434 -30.85 31.29 -37.42
N LEU A 435 -31.09 31.32 -36.11
CA LEU A 435 -31.94 32.34 -35.51
C LEU A 435 -31.16 33.13 -34.47
N GLY A 436 -31.52 34.41 -34.34
CA GLY A 436 -30.89 35.30 -33.38
C GLY A 436 -31.94 36.08 -32.61
N ASN A 437 -31.53 37.14 -31.91
CA ASN A 437 -32.46 37.95 -31.14
C ASN A 437 -33.13 38.96 -32.08
N SER A 438 -34.29 38.56 -32.60
CA SER A 438 -35.15 39.45 -33.37
C SER A 438 -36.32 39.89 -32.50
N THR A 439 -37.20 40.71 -33.06
CA THR A 439 -38.34 41.20 -32.29
C THR A 439 -39.19 40.05 -31.78
N ARG A 440 -39.39 39.01 -32.60
CA ARG A 440 -40.21 37.87 -32.20
C ARG A 440 -39.39 36.73 -31.59
N VAL A 441 -38.19 36.49 -32.13
CA VAL A 441 -37.36 35.36 -31.72
C VAL A 441 -36.21 35.84 -30.86
N THR A 442 -35.85 35.03 -29.87
CA THR A 442 -34.71 35.34 -29.01
C THR A 442 -34.06 34.04 -28.56
N VAL A 443 -32.72 34.03 -28.61
CA VAL A 443 -31.91 32.91 -28.13
C VAL A 443 -31.34 33.36 -26.79
N THR A 444 -31.96 32.90 -25.71
CA THR A 444 -31.71 33.45 -24.39
C THR A 444 -30.32 33.03 -23.87
N LEU A 445 -29.98 33.58 -22.71
CA LEU A 445 -28.71 33.25 -22.07
C LEU A 445 -28.70 31.80 -21.60
N ASP A 446 -29.71 31.40 -20.81
CA ASP A 446 -29.80 30.03 -20.32
C ASP A 446 -29.78 29.01 -21.45
N GLY A 447 -30.14 29.43 -22.67
CA GLY A 447 -30.17 28.54 -23.82
C GLY A 447 -31.56 28.34 -24.39
N THR A 448 -32.60 28.76 -23.67
CA THR A 448 -33.97 28.56 -24.14
C THR A 448 -34.25 29.45 -25.35
N LEU A 449 -35.03 28.91 -26.29
CA LEU A 449 -35.49 29.65 -27.44
C LEU A 449 -36.88 30.21 -27.12
N ILE A 450 -37.03 31.52 -27.23
CA ILE A 450 -38.30 32.19 -26.94
C ILE A 450 -38.84 32.75 -28.24
N ILE A 451 -40.05 32.33 -28.60
CA ILE A 451 -40.74 32.80 -29.79
C ILE A 451 -42.03 33.48 -29.33
N ARG A 452 -42.35 34.61 -29.96
CA ARG A 452 -43.47 35.45 -29.57
C ARG A 452 -44.37 35.72 -30.76
N ASN A 453 -45.67 35.77 -30.51
CA ASN A 453 -46.69 35.99 -31.54
C ASN A 453 -46.48 35.03 -32.70
N ILE A 454 -46.70 33.75 -32.39
CA ILE A 454 -46.43 32.67 -33.34
C ILE A 454 -47.54 32.60 -34.36
N SER A 455 -47.19 32.22 -35.59
CA SER A 455 -48.14 32.05 -36.66
C SER A 455 -47.93 30.67 -37.30
N ARG A 456 -48.91 30.26 -38.10
CA ARG A 456 -48.84 28.97 -38.78
C ARG A 456 -47.73 28.91 -39.82
N SER A 457 -47.08 30.03 -40.12
CA SER A 457 -45.92 30.03 -41.01
C SER A 457 -44.65 29.57 -40.30
N ASP A 458 -44.68 29.46 -38.97
CA ASP A 458 -43.51 29.03 -38.21
C ASP A 458 -43.49 27.54 -37.95
N GLU A 459 -44.62 26.86 -38.14
CA GLU A 459 -44.66 25.40 -38.04
C GLU A 459 -43.50 24.77 -38.78
N GLY A 460 -42.79 23.86 -38.11
CA GLY A 460 -41.68 23.18 -38.76
C GLY A 460 -40.67 22.67 -37.74
N LYS A 461 -39.49 22.32 -38.25
CA LYS A 461 -38.46 21.68 -37.45
C LYS A 461 -37.51 22.73 -36.88
N TYR A 462 -37.35 22.72 -35.56
CA TYR A 462 -36.42 23.60 -34.86
C TYR A 462 -35.36 22.74 -34.18
N THR A 463 -34.09 23.07 -34.42
CA THR A 463 -32.98 22.26 -33.95
C THR A 463 -32.07 23.09 -33.05
N CYS A 464 -31.65 22.47 -31.94
CA CYS A 464 -30.65 23.03 -31.06
C CYS A 464 -29.30 22.41 -31.39
N PHE A 465 -28.29 23.25 -31.60
CA PHE A 465 -26.91 22.86 -31.82
C PHE A 465 -26.08 23.31 -30.62
N ALA A 466 -25.46 22.36 -29.94
CA ALA A 466 -24.64 22.63 -28.77
C ALA A 466 -23.21 22.19 -29.02
N GLU A 467 -22.26 22.94 -28.45
CA GLU A 467 -20.85 22.61 -28.63
C GLU A 467 -20.08 22.93 -27.35
N ASN A 468 -18.83 22.48 -27.31
CA ASN A 468 -17.95 22.69 -26.17
C ASN A 468 -16.55 22.22 -26.55
N PHE A 469 -15.62 22.34 -25.60
CA PHE A 469 -14.24 21.91 -25.80
C PHE A 469 -14.13 20.63 -26.64
N MET A 470 -14.95 19.65 -26.32
CA MET A 470 -14.72 18.27 -26.77
C MET A 470 -15.41 17.93 -28.08
N GLY A 471 -16.67 18.33 -28.26
CA GLY A 471 -17.41 17.91 -29.41
C GLY A 471 -18.61 18.79 -29.65
N LYS A 472 -19.50 18.30 -30.53
CA LYS A 472 -20.70 19.03 -30.89
C LYS A 472 -21.84 18.03 -31.02
N ALA A 473 -23.04 18.50 -30.69
CA ALA A 473 -24.25 17.69 -30.78
C ALA A 473 -25.40 18.55 -31.25
N ASN A 474 -26.50 17.89 -31.60
CA ASN A 474 -27.65 18.56 -32.17
C ASN A 474 -28.88 17.68 -31.99
N SER A 475 -30.02 18.33 -31.83
CA SER A 475 -31.29 17.61 -31.69
C SER A 475 -32.43 18.48 -32.15
N THR A 476 -33.43 17.85 -32.78
CA THR A 476 -34.51 18.56 -33.44
C THR A 476 -35.84 18.28 -32.76
N GLY A 477 -36.79 19.17 -32.99
CA GLY A 477 -38.14 19.01 -32.49
C GLY A 477 -39.12 19.66 -33.44
N ILE A 478 -40.30 19.09 -33.50
CA ILE A 478 -41.36 19.60 -34.38
C ILE A 478 -42.15 20.65 -33.63
N LEU A 479 -42.54 21.71 -34.34
CA LEU A 479 -43.32 22.79 -33.80
C LEU A 479 -44.60 22.87 -34.62
N SER A 480 -45.73 22.59 -33.98
CA SER A 480 -47.02 22.43 -34.66
C SER A 480 -48.07 23.23 -33.92
N VAL A 481 -48.04 24.54 -34.08
CA VAL A 481 -48.99 25.44 -33.44
C VAL A 481 -50.14 25.65 -34.41
N ARG A 482 -51.34 25.22 -34.01
CA ARG A 482 -52.49 25.24 -34.90
C ARG A 482 -53.59 26.22 -34.50
N ASP A 483 -53.91 26.39 -33.22
CA ASP A 483 -54.87 27.43 -32.88
C ASP A 483 -54.98 27.58 -31.37
N ALA A 484 -55.32 28.80 -30.95
CA ALA A 484 -55.45 29.14 -29.54
C ALA A 484 -56.87 28.91 -29.05
N THR A 485 -57.02 28.10 -28.00
CA THR A 485 -58.29 27.96 -27.32
C THR A 485 -58.63 29.26 -26.59
N LYS A 486 -59.78 29.84 -26.89
CA LYS A 486 -60.15 31.13 -26.32
C LYS A 486 -61.62 31.12 -25.91
N ILE A 487 -61.92 31.82 -24.83
CA ILE A 487 -63.28 31.94 -24.33
C ILE A 487 -63.92 33.17 -24.97
N THR A 488 -64.98 32.96 -25.75
CA THR A 488 -65.65 34.07 -26.40
C THR A 488 -66.62 34.77 -25.44
N LEU A 489 -67.36 34.01 -24.66
CA LEU A 489 -68.31 34.56 -23.68
C LEU A 489 -67.97 34.02 -22.30
N ALA A 490 -67.57 34.91 -21.40
CA ALA A 490 -67.14 34.56 -20.06
C ALA A 490 -68.26 34.83 -19.06
N PRO A 491 -68.44 33.97 -18.04
CA PRO A 491 -69.48 34.23 -17.05
C PRO A 491 -69.04 35.23 -16.00
N SER A 492 -69.97 36.11 -15.61
CA SER A 492 -69.72 37.09 -14.57
C SER A 492 -70.38 36.64 -13.27
N SER A 493 -70.26 37.49 -12.24
CA SER A 493 -70.81 37.17 -10.94
C SER A 493 -72.33 37.15 -10.98
N ALA A 494 -72.92 36.71 -9.86
CA ALA A 494 -74.37 36.61 -9.75
C ALA A 494 -74.76 36.55 -8.29
N ASP A 495 -75.96 37.04 -7.99
CA ASP A 495 -76.54 37.01 -6.65
C ASP A 495 -77.91 36.36 -6.73
N ILE A 496 -78.17 35.41 -5.84
CA ILE A 496 -79.39 34.60 -5.92
C ILE A 496 -79.85 34.23 -4.52
N ASN A 497 -81.12 33.82 -4.43
CA ASN A 497 -81.73 33.36 -3.19
C ASN A 497 -81.68 31.83 -3.12
N VAL A 498 -81.93 31.32 -1.91
CA VAL A 498 -81.95 29.88 -1.70
C VAL A 498 -83.22 29.30 -2.32
N GLY A 499 -83.08 28.21 -3.07
CA GLY A 499 -84.19 27.55 -3.72
C GLY A 499 -84.37 27.92 -5.19
N ASP A 500 -83.76 29.01 -5.64
CA ASP A 500 -83.86 29.43 -7.03
C ASP A 500 -82.72 28.83 -7.86
N ASN A 501 -82.96 28.74 -9.16
CA ASN A 501 -82.00 28.15 -10.08
C ASN A 501 -81.07 29.21 -10.65
N LEU A 502 -79.85 28.78 -10.99
CA LEU A 502 -78.84 29.66 -11.57
C LEU A 502 -78.20 28.96 -12.76
N THR A 503 -77.76 29.77 -13.72
CA THR A 503 -77.10 29.27 -14.93
C THR A 503 -75.83 30.07 -15.16
N LEU A 504 -74.69 29.37 -15.21
CA LEU A 504 -73.41 29.98 -15.52
C LEU A 504 -72.95 29.44 -16.88
N GLN A 505 -72.77 30.35 -17.84
CA GLN A 505 -72.44 30.00 -19.20
C GLN A 505 -70.95 30.19 -19.46
N CYS A 506 -70.43 29.42 -20.43
CA CYS A 506 -69.03 29.54 -20.82
C CYS A 506 -68.96 29.18 -22.30
N HIS A 507 -68.88 30.20 -23.16
CA HIS A 507 -68.86 30.00 -24.60
C HIS A 507 -67.41 30.11 -25.07
N ALA A 508 -66.87 28.99 -25.54
CA ALA A 508 -65.46 28.88 -25.91
C ALA A 508 -65.33 28.48 -27.37
N SER A 509 -64.11 28.61 -27.89
CA SER A 509 -63.76 28.22 -29.25
C SER A 509 -62.46 27.43 -29.21
N HIS A 510 -62.30 26.53 -30.19
CA HIS A 510 -61.16 25.63 -30.18
C HIS A 510 -60.81 25.25 -31.62
N ASP A 511 -59.63 24.67 -31.78
CA ASP A 511 -59.22 24.15 -33.08
C ASP A 511 -60.09 22.97 -33.47
N PRO A 512 -60.60 22.93 -34.71
CA PRO A 512 -61.48 21.81 -35.09
C PRO A 512 -60.83 20.44 -34.96
N THR A 513 -59.51 20.35 -35.10
CA THR A 513 -58.86 19.05 -35.06
C THR A 513 -59.04 18.36 -33.72
N MET A 514 -59.18 19.12 -32.64
CA MET A 514 -59.17 18.58 -31.29
C MET A 514 -60.55 18.69 -30.65
N ASP A 515 -60.86 17.72 -29.80
CA ASP A 515 -62.06 17.78 -28.98
C ASP A 515 -61.89 18.78 -27.84
N LEU A 516 -63.01 19.21 -27.27
CA LEU A 516 -63.00 20.18 -26.20
C LEU A 516 -63.70 19.60 -24.98
N THR A 517 -63.12 19.83 -23.80
CA THR A 517 -63.65 19.32 -22.54
C THR A 517 -63.85 20.48 -21.57
N PHE A 518 -65.05 20.56 -21.01
CA PHE A 518 -65.40 21.61 -20.04
C PHE A 518 -65.27 21.07 -18.62
N THR A 519 -64.78 21.91 -17.73
CA THR A 519 -64.67 21.61 -16.32
C THR A 519 -65.19 22.79 -15.50
N TRP A 520 -65.87 22.50 -14.41
CA TRP A 520 -66.40 23.53 -13.52
C TRP A 520 -65.94 23.22 -12.10
N THR A 521 -65.18 24.13 -11.51
CA THR A 521 -64.70 23.96 -10.15
C THR A 521 -65.28 25.05 -9.25
N LEU A 522 -65.34 24.76 -7.96
CA LEU A 522 -65.91 25.66 -6.95
C LEU A 522 -64.94 25.75 -5.78
N ASP A 523 -64.12 26.80 -5.77
CA ASP A 523 -63.11 26.99 -4.72
C ASP A 523 -62.16 25.79 -4.65
N ASP A 524 -61.69 25.37 -5.83
CA ASP A 524 -60.76 24.27 -5.98
C ASP A 524 -61.38 22.91 -5.69
N PHE A 525 -62.71 22.83 -5.65
CA PHE A 525 -63.41 21.56 -5.50
C PHE A 525 -64.04 21.16 -6.82
N PRO A 526 -63.76 19.95 -7.34
CA PRO A 526 -64.38 19.55 -8.61
C PRO A 526 -65.89 19.37 -8.48
N VAL A 527 -66.65 20.25 -9.14
CA VAL A 527 -68.10 20.20 -9.08
C VAL A 527 -68.58 18.84 -9.58
N ASP A 528 -68.98 17.97 -8.66
CA ASP A 528 -69.40 16.62 -8.99
C ASP A 528 -70.85 16.65 -9.46
N PHE A 529 -71.04 16.69 -10.79
CA PHE A 529 -72.37 16.67 -11.37
C PHE A 529 -72.96 15.26 -11.44
N ASP A 530 -72.25 14.26 -10.91
CA ASP A 530 -72.74 12.89 -10.80
C ASP A 530 -72.82 12.46 -9.34
N LYS A 531 -73.05 13.43 -8.45
CA LYS A 531 -73.05 13.19 -7.01
C LYS A 531 -74.33 12.48 -6.59
N PRO A 532 -74.25 11.52 -5.66
CA PRO A 532 -75.48 10.95 -5.09
C PRO A 532 -76.28 12.03 -4.35
N GLY A 533 -77.46 12.36 -4.86
CA GLY A 533 -78.25 13.40 -4.24
C GLY A 533 -77.65 14.78 -4.36
N GLY A 534 -76.99 15.07 -5.49
CA GLY A 534 -76.38 16.36 -5.70
C GLY A 534 -77.38 17.42 -6.10
N HIS A 535 -76.84 18.61 -6.41
CA HIS A 535 -77.64 19.76 -6.78
C HIS A 535 -76.97 20.53 -7.91
N TYR A 536 -76.49 19.80 -8.93
CA TYR A 536 -75.81 20.42 -10.06
C TYR A 536 -76.23 19.73 -11.34
N ARG A 537 -76.01 20.41 -12.46
CA ARG A 537 -76.26 19.84 -13.77
C ARG A 537 -75.30 20.48 -14.77
N ARG A 538 -74.59 19.65 -15.55
CA ARG A 538 -73.82 20.16 -16.67
C ARG A 538 -74.71 20.09 -17.91
N ALA A 539 -74.93 21.25 -18.53
CA ALA A 539 -75.86 21.32 -19.64
C ALA A 539 -75.37 20.47 -20.81
N SER A 540 -76.25 20.31 -21.81
CA SER A 540 -75.92 19.55 -23.00
C SER A 540 -74.64 20.11 -23.64
N VAL A 541 -73.58 19.31 -23.64
CA VAL A 541 -72.26 19.79 -24.05
C VAL A 541 -72.18 19.76 -25.57
N LYS A 542 -72.14 20.94 -26.17
CA LYS A 542 -71.69 21.11 -27.54
C LYS A 542 -70.22 21.51 -27.51
N GLU A 543 -69.48 21.14 -28.54
CA GLU A 543 -68.03 21.33 -28.53
C GLU A 543 -67.62 22.79 -28.35
N THR A 544 -68.55 23.73 -28.39
CA THR A 544 -68.24 25.15 -28.23
C THR A 544 -68.71 25.73 -26.91
N ILE A 545 -69.88 25.35 -26.41
CA ILE A 545 -70.52 25.99 -25.27
C ILE A 545 -70.64 25.00 -24.13
N GLY A 546 -70.49 25.49 -22.91
CA GLY A 546 -70.70 24.68 -21.72
C GLY A 546 -71.36 25.48 -20.62
N ASP A 547 -72.44 24.95 -20.05
CA ASP A 547 -73.22 25.65 -19.03
C ASP A 547 -73.39 24.77 -17.80
N LEU A 548 -73.33 25.42 -16.64
CA LEU A 548 -73.56 24.75 -15.36
C LEU A 548 -74.84 25.33 -14.74
N THR A 549 -75.79 24.47 -14.44
CA THR A 549 -77.07 24.85 -13.86
C THR A 549 -77.10 24.38 -12.41
N ILE A 550 -77.26 25.33 -11.48
CA ILE A 550 -77.42 25.04 -10.07
C ILE A 550 -78.92 25.02 -9.78
N LEU A 551 -79.42 23.88 -9.32
CA LEU A 551 -80.82 23.68 -9.04
C LEU A 551 -81.03 23.62 -7.52
N ASN A 552 -82.05 24.32 -7.04
CA ASN A 552 -82.30 24.44 -5.61
C ASN A 552 -81.03 24.92 -4.89
N ALA A 553 -80.58 26.11 -5.27
CA ALA A 553 -79.36 26.67 -4.71
C ALA A 553 -79.43 26.69 -3.19
N GLN A 554 -78.27 26.55 -2.55
CA GLN A 554 -78.16 26.56 -1.10
C GLN A 554 -76.95 27.39 -0.71
N LEU A 555 -76.84 27.66 0.59
CA LEU A 555 -75.73 28.46 1.11
C LEU A 555 -74.38 27.81 0.80
N ARG A 556 -74.35 26.50 0.56
CA ARG A 556 -73.11 25.78 0.31
C ARG A 556 -72.78 25.68 -1.18
N HIS A 557 -73.67 26.16 -2.06
CA HIS A 557 -73.46 26.09 -3.49
C HIS A 557 -73.00 27.43 -4.07
N GLY A 558 -72.39 28.30 -3.25
CA GLY A 558 -71.88 29.56 -3.71
C GLY A 558 -70.37 29.63 -3.51
N GLY A 559 -69.78 30.72 -4.02
CA GLY A 559 -68.36 30.94 -3.94
C GLY A 559 -67.80 31.32 -5.29
N THR A 560 -66.51 31.09 -5.47
CA THR A 560 -65.81 31.42 -6.70
C THR A 560 -65.85 30.23 -7.64
N TYR A 561 -66.78 30.27 -8.59
CA TYR A 561 -66.84 29.25 -9.63
C TYR A 561 -65.81 29.54 -10.71
N THR A 562 -65.28 28.49 -11.32
CA THR A 562 -64.27 28.60 -12.35
C THR A 562 -64.62 27.67 -13.50
N CYS A 563 -64.79 28.26 -14.68
CA CYS A 563 -64.93 27.51 -15.92
C CYS A 563 -63.55 27.29 -16.52
N MET A 564 -63.31 26.05 -16.97
CA MET A 564 -62.01 25.65 -17.52
C MET A 564 -62.31 24.83 -18.77
N ALA A 565 -62.17 25.46 -19.94
CA ALA A 565 -62.39 24.79 -21.22
C ALA A 565 -61.03 24.42 -21.79
N GLN A 566 -60.75 23.11 -21.85
CA GLN A 566 -59.42 22.64 -22.21
C GLN A 566 -59.49 21.58 -23.29
N THR A 567 -58.47 21.60 -24.14
CA THR A 567 -58.13 20.48 -25.00
C THR A 567 -56.84 19.86 -24.47
N VAL A 568 -56.52 18.66 -24.95
CA VAL A 568 -55.47 17.84 -24.35
C VAL A 568 -54.09 18.50 -24.42
N VAL A 569 -54.00 19.67 -25.06
CA VAL A 569 -52.75 20.41 -25.09
C VAL A 569 -52.91 21.88 -24.75
N ASP A 570 -54.10 22.46 -24.82
CA ASP A 570 -54.30 23.87 -24.55
C ASP A 570 -55.54 24.03 -23.68
N GLY A 571 -55.68 25.20 -23.07
CA GLY A 571 -56.83 25.45 -22.22
C GLY A 571 -56.99 26.93 -21.93
N ALA A 572 -58.24 27.34 -21.74
CA ALA A 572 -58.59 28.68 -21.31
C ALA A 572 -59.52 28.57 -20.12
N SER A 573 -59.62 29.66 -19.35
CA SER A 573 -60.40 29.62 -18.12
C SER A 573 -60.93 31.01 -17.80
N LYS A 574 -62.07 31.02 -17.11
CA LYS A 574 -62.66 32.23 -16.58
C LYS A 574 -63.23 31.94 -15.19
N GLU A 575 -63.49 33.02 -14.44
CA GLU A 575 -63.93 32.90 -13.06
C GLU A 575 -65.10 33.84 -12.81
N ALA A 576 -66.07 33.35 -12.05
CA ALA A 576 -67.22 34.14 -11.61
C ALA A 576 -67.43 33.93 -10.12
N THR A 577 -68.21 34.82 -9.52
CA THR A 577 -68.50 34.76 -8.08
C THR A 577 -70.01 34.70 -7.90
N VAL A 578 -70.50 33.61 -7.29
CA VAL A 578 -71.91 33.41 -7.04
C VAL A 578 -72.16 33.59 -5.55
N LEU A 579 -73.14 34.44 -5.21
CA LEU A 579 -73.50 34.72 -3.82
C LEU A 579 -74.94 34.31 -3.62
N VAL A 580 -75.14 33.25 -2.84
CA VAL A 580 -76.47 32.81 -2.44
C VAL A 580 -76.81 33.49 -1.13
N ARG A 581 -78.10 33.67 -0.86
CA ARG A 581 -78.53 34.46 0.28
C ARG A 581 -79.75 33.85 0.93
N GLY A 582 -79.76 33.85 2.26
CA GLY A 582 -80.85 33.30 3.04
C GLY A 582 -81.50 34.33 3.94
N ALA B 9 71.33 -11.79 11.48
CA ALA B 9 70.71 -12.28 12.70
C ALA B 9 69.27 -12.69 12.44
N THR B 10 69.07 -13.65 11.53
CA THR B 10 67.75 -14.12 11.19
C THR B 10 67.39 -15.33 12.06
N PHE B 11 66.15 -15.35 12.54
CA PHE B 11 65.69 -16.43 13.38
C PHE B 11 64.20 -16.68 13.13
N GLY B 12 63.74 -17.84 13.54
CA GLY B 12 62.36 -18.24 13.37
C GLY B 12 61.42 -17.49 14.31
N PRO B 13 60.12 -17.61 14.08
CA PRO B 13 59.16 -16.86 14.91
C PRO B 13 59.08 -17.44 16.32
N VAL B 14 59.05 -16.53 17.30
CA VAL B 14 58.94 -16.89 18.71
C VAL B 14 57.71 -16.18 19.28
N PHE B 15 56.74 -16.95 19.77
CA PHE B 15 55.52 -16.36 20.30
C PHE B 15 55.83 -15.51 21.53
N GLU B 16 55.25 -14.31 21.59
CA GLU B 16 55.31 -13.46 22.75
C GLU B 16 53.96 -13.33 23.45
N GLU B 17 52.91 -13.03 22.69
CA GLU B 17 51.54 -13.04 23.18
C GLU B 17 50.76 -14.09 22.39
N GLN B 18 50.03 -14.94 23.10
CA GLN B 18 49.29 -16.04 22.51
C GLN B 18 47.80 -15.91 22.81
N PRO B 19 46.94 -16.54 22.00
CA PRO B 19 45.50 -16.36 22.17
C PRO B 19 45.02 -16.89 23.52
N VAL B 20 43.82 -16.46 23.88
CA VAL B 20 43.20 -16.81 25.16
C VAL B 20 41.71 -16.99 24.93
N GLY B 21 41.15 -18.08 25.46
CA GLY B 21 39.72 -18.31 25.32
C GLY B 21 38.93 -17.16 25.89
N LEU B 22 37.77 -16.91 25.30
CA LEU B 22 36.96 -15.75 25.66
C LEU B 22 35.49 -16.12 25.73
N LEU B 23 34.83 -15.69 26.82
CA LEU B 23 33.39 -15.80 26.97
C LEU B 23 32.77 -14.47 26.53
N PHE B 24 32.04 -14.51 25.42
CA PHE B 24 31.45 -13.30 24.84
C PHE B 24 30.03 -13.11 25.33
N PRO B 25 29.73 -12.05 26.09
CA PRO B 25 28.35 -11.87 26.54
C PRO B 25 27.43 -11.65 25.36
N GLU B 26 26.20 -12.15 25.48
CA GLU B 26 25.22 -11.97 24.41
C GLU B 26 24.56 -10.60 24.41
N GLU B 27 24.37 -9.99 25.59
CA GLU B 27 23.64 -8.73 25.67
C GLU B 27 24.33 -7.56 24.96
N SER B 28 25.41 -7.81 24.21
CA SER B 28 26.06 -6.78 23.40
C SER B 28 26.74 -5.70 24.22
N ALA B 29 27.85 -6.05 24.89
CA ALA B 29 28.68 -5.01 25.48
C ALA B 29 29.50 -4.32 24.39
N GLU B 30 30.16 -5.12 23.56
CA GLU B 30 30.84 -4.64 22.36
C GLU B 30 30.42 -5.52 21.19
N ASP B 31 30.66 -5.04 19.98
CA ASP B 31 30.42 -5.85 18.79
C ASP B 31 31.73 -6.23 18.13
N GLN B 32 32.70 -6.69 18.92
CA GLN B 32 33.97 -7.13 18.37
C GLN B 32 34.71 -7.97 19.41
N VAL B 33 35.43 -8.99 18.95
CA VAL B 33 36.26 -9.81 19.80
C VAL B 33 37.66 -9.87 19.21
N THR B 34 38.67 -9.65 20.03
CA THR B 34 40.07 -9.57 19.60
C THR B 34 40.85 -10.70 20.27
N LEU B 35 41.14 -11.74 19.49
CA LEU B 35 42.01 -12.82 19.93
C LEU B 35 43.46 -12.42 19.67
N ALA B 36 44.27 -12.39 20.71
CA ALA B 36 45.62 -11.85 20.62
C ALA B 36 46.58 -12.87 20.00
N CYS B 37 47.60 -12.34 19.31
CA CYS B 37 48.68 -13.16 18.77
C CYS B 37 49.81 -12.26 18.30
N ARG B 38 51.05 -12.59 18.67
CA ARG B 38 52.19 -11.73 18.41
C ARG B 38 53.47 -12.57 18.47
N ALA B 39 54.39 -12.29 17.55
CA ALA B 39 55.60 -13.10 17.41
C ALA B 39 56.81 -12.25 17.08
N ARG B 40 57.93 -12.58 17.72
CA ARG B 40 59.24 -12.03 17.38
C ARG B 40 59.77 -12.76 16.16
N ALA B 41 60.09 -12.02 15.10
CA ALA B 41 60.71 -12.60 13.92
C ALA B 41 61.59 -11.56 13.27
N SER B 42 62.85 -11.92 12.99
CA SER B 42 63.80 -10.99 12.39
C SER B 42 63.18 -10.44 11.10
N PRO B 43 62.80 -11.30 10.16
CA PRO B 43 61.89 -10.86 9.10
C PRO B 43 60.46 -10.90 9.60
N PRO B 44 59.83 -9.73 9.86
CA PRO B 44 58.54 -9.71 10.57
C PRO B 44 57.60 -10.82 10.14
N ALA B 45 56.98 -11.49 11.10
CA ALA B 45 56.19 -12.68 10.82
C ALA B 45 54.83 -12.31 10.25
N THR B 46 54.30 -13.22 9.43
CA THR B 46 52.94 -13.13 8.92
C THR B 46 52.07 -14.09 9.71
N TYR B 47 50.92 -13.61 10.17
CA TYR B 47 50.03 -14.39 11.01
C TYR B 47 48.82 -14.86 10.21
N ARG B 48 48.56 -16.16 10.27
CA ARG B 48 47.36 -16.78 9.71
C ARG B 48 46.52 -17.35 10.85
N TRP B 49 45.21 -17.44 10.63
CA TRP B 49 44.30 -17.90 11.66
C TRP B 49 43.47 -19.07 11.14
N LYS B 50 43.28 -20.06 12.00
CA LYS B 50 42.60 -21.31 11.64
C LYS B 50 41.52 -21.58 12.66
N MET B 51 40.26 -21.59 12.22
CA MET B 51 39.14 -21.89 13.11
C MET B 51 38.67 -23.31 12.82
N ASN B 52 38.48 -24.10 13.88
CA ASN B 52 37.98 -25.46 13.75
C ASN B 52 38.79 -26.25 12.73
N GLY B 53 40.08 -25.94 12.63
CA GLY B 53 40.95 -26.64 11.69
C GLY B 53 40.75 -26.24 10.25
N THR B 54 40.46 -24.96 9.99
CA THR B 54 40.28 -24.49 8.63
C THR B 54 40.69 -23.03 8.55
N GLU B 55 41.37 -22.67 7.46
CA GLU B 55 41.85 -21.30 7.29
C GLU B 55 40.70 -20.30 7.29
N MET B 56 41.02 -19.08 7.71
CA MET B 56 40.08 -17.97 7.76
C MET B 56 40.54 -16.92 6.76
N ASN B 57 39.63 -16.43 5.93
CA ASN B 57 39.96 -15.38 4.97
C ASN B 57 39.97 -14.06 5.70
N LEU B 58 41.18 -13.59 6.02
CA LEU B 58 41.36 -12.36 6.79
C LEU B 58 41.65 -11.16 5.90
N GLU B 59 41.37 -11.27 4.60
CA GLU B 59 41.58 -10.16 3.68
C GLU B 59 40.80 -8.94 4.13
N PRO B 60 41.11 -7.76 3.60
CA PRO B 60 40.38 -6.55 4.01
C PRO B 60 38.92 -6.60 3.59
N GLY B 61 38.12 -5.80 4.30
CA GLY B 61 36.68 -5.73 4.11
C GLY B 61 35.91 -6.97 4.53
N SER B 62 36.58 -8.01 5.00
CA SER B 62 35.89 -9.20 5.47
C SER B 62 35.48 -9.03 6.93
N ARG B 63 34.58 -9.90 7.40
CA ARG B 63 34.16 -9.83 8.79
C ARG B 63 35.32 -10.21 9.71
N HIS B 64 36.01 -11.30 9.40
CA HIS B 64 37.14 -11.78 10.18
C HIS B 64 38.39 -11.03 9.74
N GLN B 65 38.62 -9.88 10.37
CA GLN B 65 39.71 -8.97 10.01
C GLN B 65 40.94 -9.23 10.89
N LEU B 66 42.03 -8.58 10.52
CA LEU B 66 43.30 -8.64 11.23
C LEU B 66 43.76 -7.25 11.59
N MET B 67 44.27 -7.11 12.80
CA MET B 67 44.86 -5.86 13.30
C MET B 67 46.21 -6.27 13.87
N GLY B 68 47.29 -5.87 13.20
CA GLY B 68 48.60 -6.39 13.55
C GLY B 68 48.56 -7.90 13.48
N GLY B 69 48.69 -8.56 14.62
CA GLY B 69 48.65 -10.01 14.67
C GLY B 69 47.34 -10.52 15.24
N ASN B 70 46.63 -9.64 15.93
CA ASN B 70 45.39 -10.00 16.60
C ASN B 70 44.24 -10.15 15.61
N LEU B 71 43.48 -11.23 15.78
CA LEU B 71 42.31 -11.51 14.94
C LEU B 71 41.10 -10.81 15.54
N VAL B 72 40.44 -9.98 14.75
CA VAL B 72 39.26 -9.23 15.19
C VAL B 72 38.06 -9.76 14.43
N ILE B 73 37.09 -10.29 15.18
CA ILE B 73 35.82 -10.74 14.61
C ILE B 73 34.75 -9.73 15.00
N MET B 74 34.09 -9.14 14.01
CA MET B 74 33.08 -8.13 14.23
C MET B 74 31.71 -8.77 14.39
N SER B 75 30.92 -8.19 15.30
CA SER B 75 29.60 -8.70 15.63
C SER B 75 29.64 -10.22 15.85
N PRO B 76 30.36 -10.68 16.87
CA PRO B 76 30.47 -12.13 17.08
C PRO B 76 29.10 -12.80 17.17
N THR B 77 29.03 -14.03 16.66
CA THR B 77 27.79 -14.79 16.62
C THR B 77 28.03 -16.15 17.26
N LYS B 78 27.12 -16.55 18.16
CA LYS B 78 27.27 -17.85 18.82
C LYS B 78 27.14 -19.00 17.83
N ALA B 79 26.36 -18.82 16.78
CA ALA B 79 26.14 -19.87 15.79
C ALA B 79 27.19 -19.88 14.69
N GLN B 80 28.01 -18.84 14.57
CA GLN B 80 28.96 -18.71 13.46
C GLN B 80 30.41 -18.72 13.90
N ASP B 81 30.74 -18.12 15.05
CA ASP B 81 32.12 -17.97 15.48
C ASP B 81 32.44 -18.72 16.76
N ALA B 82 31.53 -19.55 17.25
CA ALA B 82 31.80 -20.34 18.45
C ALA B 82 32.69 -21.52 18.09
N GLY B 83 33.74 -21.73 18.88
CA GLY B 83 34.61 -22.87 18.64
C GLY B 83 36.06 -22.49 18.83
N VAL B 84 36.95 -23.31 18.25
CA VAL B 84 38.37 -23.21 18.50
C VAL B 84 39.02 -22.30 17.48
N TYR B 85 40.10 -21.64 17.90
CA TYR B 85 40.89 -20.75 17.07
C TYR B 85 42.36 -20.99 17.33
N GLN B 86 43.17 -20.93 16.27
CA GLN B 86 44.59 -21.19 16.35
C GLN B 86 45.34 -20.16 15.51
N CYS B 87 46.47 -19.69 16.03
CA CYS B 87 47.31 -18.72 15.35
C CYS B 87 48.55 -19.41 14.81
N LEU B 88 48.90 -19.09 13.57
CA LEU B 88 50.07 -19.65 12.90
C LEU B 88 50.95 -18.49 12.46
N ALA B 89 52.06 -18.29 13.17
CA ALA B 89 53.02 -17.25 12.84
C ALA B 89 54.12 -17.87 11.97
N SER B 90 54.26 -17.37 10.75
CA SER B 90 55.17 -17.96 9.78
C SER B 90 56.08 -16.88 9.21
N ASN B 91 57.21 -17.32 8.68
CA ASN B 91 58.22 -16.44 8.11
C ASN B 91 59.18 -17.29 7.28
N PRO B 92 60.16 -16.68 6.59
CA PRO B 92 61.04 -17.48 5.73
C PRO B 92 61.64 -18.70 6.43
N VAL B 93 61.86 -18.65 7.74
CA VAL B 93 62.49 -19.77 8.41
C VAL B 93 61.50 -20.93 8.59
N GLY B 94 60.24 -20.62 8.90
CA GLY B 94 59.26 -21.67 9.11
C GLY B 94 58.01 -21.11 9.76
N THR B 95 57.19 -22.04 10.25
CA THR B 95 55.88 -21.70 10.82
C THR B 95 55.74 -22.33 12.20
N VAL B 96 55.02 -21.65 13.08
CA VAL B 96 54.75 -22.15 14.43
C VAL B 96 53.30 -21.87 14.78
N VAL B 97 52.65 -22.83 15.42
CA VAL B 97 51.26 -22.70 15.84
C VAL B 97 51.22 -22.31 17.30
N SER B 98 50.17 -21.57 17.67
CA SER B 98 49.97 -21.10 19.03
C SER B 98 48.97 -21.99 19.76
N LYS B 99 48.72 -21.64 21.02
CA LYS B 99 47.71 -22.34 21.82
C LYS B 99 46.37 -22.36 21.09
N GLU B 100 45.52 -23.31 21.46
CA GLU B 100 44.14 -23.33 20.99
C GLU B 100 43.30 -22.48 21.94
N ALA B 101 42.59 -21.50 21.40
CA ALA B 101 41.75 -20.61 22.19
C ALA B 101 40.29 -20.80 21.80
N VAL B 102 39.44 -21.01 22.81
CA VAL B 102 38.03 -21.31 22.58
C VAL B 102 37.24 -20.03 22.72
N LEU B 103 36.47 -19.68 21.68
CA LEU B 103 35.49 -18.60 21.76
C LEU B 103 34.15 -19.22 22.10
N ARG B 104 33.67 -18.94 23.31
CA ARG B 104 32.41 -19.45 23.83
C ARG B 104 31.48 -18.27 24.05
N PHE B 105 30.18 -18.52 23.95
CA PHE B 105 29.18 -17.45 24.04
C PHE B 105 28.27 -17.71 25.24
N GLY B 106 28.38 -16.85 26.25
CA GLY B 106 27.53 -16.97 27.41
C GLY B 106 26.18 -16.29 27.21
N PHE B 107 25.16 -16.85 27.83
CA PHE B 107 23.79 -16.39 27.63
C PHE B 107 22.90 -17.05 28.67
N LEU B 108 21.59 -16.81 28.55
CA LEU B 108 20.60 -17.42 29.42
C LEU B 108 19.20 -17.19 28.85
N GLN B 109 18.67 -18.16 28.12
CA GLN B 109 17.33 -18.04 27.58
C GLN B 109 16.30 -18.11 28.71
N GLU B 110 15.04 -17.85 28.36
CA GLU B 110 13.96 -17.85 29.32
C GLU B 110 13.23 -19.18 29.34
N PHE B 111 12.48 -19.41 30.42
CA PHE B 111 11.78 -20.67 30.60
C PHE B 111 10.71 -20.86 29.55
N SER B 112 10.51 -22.11 29.14
CA SER B 112 9.44 -22.43 28.20
C SER B 112 8.10 -21.96 28.77
N LYS B 113 7.31 -21.30 27.93
CA LYS B 113 6.03 -20.77 28.37
C LYS B 113 4.98 -21.85 28.58
N GLU B 114 5.27 -23.11 28.25
CA GLU B 114 4.30 -24.18 28.46
C GLU B 114 3.98 -24.28 29.95
N GLU B 115 2.70 -24.43 30.25
CA GLU B 115 2.26 -24.50 31.64
C GLU B 115 2.85 -25.71 32.35
N ARG B 116 3.14 -25.53 33.63
CA ARG B 116 3.79 -26.54 34.45
C ARG B 116 2.73 -27.30 35.23
N ASP B 117 2.83 -28.63 35.25
CA ASP B 117 1.81 -29.41 35.93
C ASP B 117 1.89 -29.15 37.44
N PRO B 118 0.76 -29.18 38.13
CA PRO B 118 0.79 -29.06 39.59
C PRO B 118 1.21 -30.37 40.24
N VAL B 119 1.66 -30.26 41.48
CA VAL B 119 2.10 -31.41 42.27
C VAL B 119 1.24 -31.47 43.52
N LYS B 120 0.78 -32.67 43.86
CA LYS B 120 -0.14 -32.85 44.97
C LYS B 120 0.31 -34.05 45.79
N THR B 121 0.29 -33.89 47.11
CA THR B 121 0.63 -34.99 48.01
C THR B 121 -0.03 -34.77 49.36
N HIS B 122 0.09 -35.78 50.22
CA HIS B 122 -0.40 -35.65 51.59
C HIS B 122 0.54 -34.75 52.38
N GLU B 123 -0.04 -33.87 53.19
CA GLU B 123 0.76 -33.03 54.07
C GLU B 123 1.58 -33.91 55.01
N GLY B 124 2.82 -33.49 55.26
CA GLY B 124 3.73 -34.26 56.07
C GLY B 124 4.66 -35.17 55.28
N TRP B 125 4.40 -35.40 54.00
CA TRP B 125 5.31 -36.15 53.16
C TRP B 125 6.38 -35.22 52.59
N GLY B 126 7.39 -35.83 51.95
CA GLY B 126 8.34 -35.07 51.18
C GLY B 126 7.93 -34.98 49.72
N VAL B 127 8.48 -33.99 49.01
CA VAL B 127 8.07 -33.73 47.64
C VAL B 127 9.21 -33.07 46.88
N MET B 128 9.16 -33.16 45.56
CA MET B 128 10.12 -32.52 44.68
C MET B 128 9.40 -31.73 43.61
N LEU B 129 9.81 -30.47 43.42
CA LEU B 129 9.31 -29.62 42.36
C LEU B 129 10.42 -29.42 41.34
N PRO B 130 10.27 -29.82 40.08
CA PRO B 130 11.36 -29.70 39.13
C PRO B 130 11.48 -28.30 38.54
N CYS B 131 12.73 -27.91 38.27
CA CYS B 131 13.00 -26.61 37.67
C CYS B 131 13.03 -26.69 36.15
N ASN B 132 13.71 -27.69 35.58
CA ASN B 132 13.83 -27.85 34.14
C ASN B 132 14.31 -26.54 33.52
N PRO B 133 15.54 -26.13 33.79
CA PRO B 133 15.99 -24.79 33.37
C PRO B 133 16.26 -24.73 31.87
N PRO B 134 16.35 -23.53 31.32
CA PRO B 134 16.60 -23.38 29.89
C PRO B 134 18.08 -23.48 29.56
N ALA B 135 18.38 -23.48 28.27
CA ALA B 135 19.76 -23.56 27.82
C ALA B 135 20.58 -22.41 28.39
N HIS B 136 21.81 -22.71 28.78
CA HIS B 136 22.69 -21.76 29.42
C HIS B 136 24.10 -22.34 29.35
N TYR B 137 25.09 -21.49 29.10
CA TYR B 137 26.45 -22.01 29.10
C TYR B 137 27.18 -21.78 30.42
N PRO B 138 27.43 -20.52 30.79
CA PRO B 138 28.45 -20.25 31.81
C PRO B 138 28.17 -20.88 33.18
N GLY B 139 26.92 -21.01 33.58
CA GLY B 139 26.58 -21.61 34.86
C GLY B 139 25.49 -20.82 35.54
N LEU B 140 24.72 -21.51 36.38
CA LEU B 140 23.55 -20.92 37.01
C LEU B 140 23.53 -21.13 38.51
N SER B 141 22.80 -20.23 39.17
CA SER B 141 22.45 -20.31 40.58
C SER B 141 20.93 -20.42 40.63
N TYR B 142 20.43 -21.52 41.17
CA TYR B 142 18.99 -21.80 41.17
C TYR B 142 18.40 -21.48 42.53
N ARG B 143 17.35 -20.66 42.51
CA ARG B 143 16.54 -20.35 43.69
C ARG B 143 15.08 -20.58 43.32
N TRP B 144 14.19 -20.42 44.30
CA TRP B 144 12.77 -20.63 44.05
C TRP B 144 11.95 -19.50 44.67
N LEU B 145 10.83 -19.21 44.03
CA LEU B 145 9.94 -18.12 44.39
C LEU B 145 8.59 -18.68 44.78
N LEU B 146 7.95 -18.03 45.75
CA LEU B 146 6.65 -18.44 46.26
C LEU B 146 5.60 -17.41 45.85
N ASN B 147 4.64 -17.84 45.05
CA ASN B 147 3.48 -17.02 44.66
C ASN B 147 3.87 -15.87 43.73
N GLU B 148 4.51 -14.83 44.25
CA GLU B 148 4.85 -13.65 43.46
C GLU B 148 6.36 -13.57 43.27
N PHE B 149 6.78 -12.74 42.32
CA PHE B 149 8.19 -12.71 41.95
C PHE B 149 9.09 -12.24 43.07
N PRO B 150 8.88 -11.07 43.68
CA PRO B 150 9.81 -10.62 44.73
C PRO B 150 9.98 -11.63 45.85
N ASN B 151 8.88 -12.29 46.25
CA ASN B 151 8.91 -13.20 47.39
C ASN B 151 9.75 -14.44 47.08
N PHE B 152 10.50 -14.90 48.08
CA PHE B 152 11.37 -16.05 47.97
C PHE B 152 10.93 -17.16 48.92
N ILE B 153 11.35 -18.37 48.62
CA ILE B 153 11.06 -19.52 49.48
C ILE B 153 11.76 -19.33 50.82
N PRO B 154 11.16 -19.75 51.94
CA PRO B 154 11.92 -19.72 53.20
C PRO B 154 13.03 -20.74 53.15
N THR B 155 14.28 -20.26 53.16
CA THR B 155 15.45 -21.13 53.11
C THR B 155 15.80 -21.60 54.51
N ASP B 156 15.64 -22.90 54.74
CA ASP B 156 15.82 -23.48 56.06
C ASP B 156 16.44 -24.86 55.87
N GLY B 157 16.23 -25.74 56.85
CA GLY B 157 16.76 -27.09 56.79
C GLY B 157 15.77 -28.07 56.18
N ARG B 158 14.49 -27.70 56.20
CA ARG B 158 13.45 -28.51 55.60
C ARG B 158 13.37 -28.39 54.09
N HIS B 159 13.89 -27.30 53.52
CA HIS B 159 13.95 -27.10 52.07
C HIS B 159 15.39 -27.20 51.57
N PHE B 160 15.54 -27.63 50.32
CA PHE B 160 16.87 -27.68 49.72
C PHE B 160 16.74 -27.57 48.20
N VAL B 161 17.41 -26.59 47.62
CA VAL B 161 17.39 -26.37 46.18
C VAL B 161 18.67 -26.94 45.58
N SER B 162 18.52 -27.94 44.72
CA SER B 162 19.67 -28.54 44.04
C SER B 162 20.21 -27.55 43.01
N GLN B 163 21.48 -27.20 43.15
CA GLN B 163 22.12 -26.26 42.23
C GLN B 163 22.83 -26.96 41.08
N THR B 164 22.42 -28.18 40.75
CA THR B 164 22.85 -28.85 39.53
C THR B 164 21.69 -29.14 38.60
N THR B 165 20.58 -29.67 39.14
CA THR B 165 19.36 -29.87 38.37
C THR B 165 18.35 -28.76 38.58
N GLY B 166 18.59 -27.86 39.54
CA GLY B 166 17.67 -26.78 39.83
C GLY B 166 16.45 -27.17 40.63
N ASN B 167 16.20 -28.46 40.82
CA ASN B 167 14.97 -28.90 41.47
C ASN B 167 14.91 -28.39 42.91
N LEU B 168 13.74 -28.56 43.53
CA LEU B 168 13.47 -28.14 44.89
C LEU B 168 12.93 -29.32 45.67
N TYR B 169 13.64 -29.72 46.73
CA TYR B 169 13.25 -30.84 47.56
C TYR B 169 12.77 -30.34 48.91
N ILE B 170 11.56 -30.74 49.29
CA ILE B 170 11.01 -30.46 50.61
C ILE B 170 10.97 -31.78 51.37
N ALA B 171 11.68 -31.82 52.50
CA ALA B 171 11.74 -33.04 53.30
C ALA B 171 10.39 -33.36 53.93
N ARG B 172 9.78 -32.36 54.59
CA ARG B 172 8.49 -32.52 55.25
C ARG B 172 7.55 -31.45 54.72
N THR B 173 6.54 -31.88 53.97
CA THR B 173 5.52 -30.97 53.44
C THR B 173 4.73 -30.35 54.58
N ASN B 174 4.97 -29.07 54.85
CA ASN B 174 4.34 -28.35 55.94
C ASN B 174 3.03 -27.71 55.51
N ALA B 175 2.16 -27.46 56.48
CA ALA B 175 0.87 -26.85 56.19
C ALA B 175 1.05 -25.51 55.48
N SER B 176 2.15 -24.81 55.77
CA SER B 176 2.43 -23.51 55.18
C SER B 176 3.00 -23.61 53.77
N ASP B 177 3.30 -24.82 53.28
CA ASP B 177 3.86 -25.01 51.95
C ASP B 177 2.79 -25.05 50.87
N LEU B 178 1.54 -24.75 51.20
CA LEU B 178 0.46 -24.73 50.23
C LEU B 178 0.52 -23.42 49.46
N GLY B 179 0.95 -23.47 48.20
CA GLY B 179 1.07 -22.27 47.42
C GLY B 179 1.68 -22.54 46.06
N ASN B 180 2.14 -21.47 45.42
CA ASN B 180 2.68 -21.53 44.07
C ASN B 180 4.20 -21.35 44.11
N TYR B 181 4.89 -22.14 43.29
CA TYR B 181 6.35 -22.22 43.30
C TYR B 181 6.89 -22.10 41.88
N SER B 182 7.86 -21.20 41.70
CA SER B 182 8.53 -21.04 40.41
C SER B 182 10.04 -21.10 40.60
N CYS B 183 10.75 -21.45 39.53
CA CYS B 183 12.20 -21.56 39.54
C CYS B 183 12.82 -20.25 39.05
N LEU B 184 14.00 -19.93 39.57
CA LEU B 184 14.72 -18.70 39.22
C LEU B 184 16.18 -19.04 38.99
N ALA B 185 16.64 -18.89 37.75
CA ALA B 185 18.03 -19.10 37.40
C ALA B 185 18.73 -17.75 37.30
N THR B 186 19.86 -17.62 37.99
CA THR B 186 20.68 -16.41 37.97
C THR B 186 22.08 -16.78 37.52
N SER B 187 22.53 -16.19 36.42
CA SER B 187 23.84 -16.54 35.86
C SER B 187 24.99 -15.79 36.53
N HIS B 188 24.73 -15.13 37.66
CA HIS B 188 25.76 -14.38 38.36
C HIS B 188 27.07 -15.12 38.49
N LEU B 189 28.09 -14.61 37.80
CA LEU B 189 29.46 -15.04 37.98
C LEU B 189 30.31 -13.78 37.92
N ASP B 190 31.60 -13.95 37.58
CA ASP B 190 32.49 -12.81 37.43
C ASP B 190 31.84 -11.69 36.61
N PHE B 191 31.24 -12.04 35.47
CA PHE B 191 30.56 -11.07 34.62
C PHE B 191 29.23 -11.61 34.13
N SER B 192 28.14 -10.93 34.53
CA SER B 192 26.76 -11.13 34.07
C SER B 192 25.82 -11.32 35.25
N THR B 193 24.71 -10.56 35.28
CA THR B 193 23.71 -10.65 36.34
C THR B 193 22.35 -11.11 35.84
N LYS B 194 22.25 -11.59 34.60
CA LYS B 194 20.95 -11.94 34.04
C LYS B 194 20.27 -13.02 34.88
N SER B 195 18.96 -12.87 35.09
CA SER B 195 18.18 -13.79 35.90
C SER B 195 16.78 -13.93 35.32
N VAL B 196 16.30 -15.18 35.25
CA VAL B 196 15.03 -15.52 34.63
C VAL B 196 14.25 -16.47 35.53
N PHE B 197 12.94 -16.24 35.67
CA PHE B 197 12.10 -17.12 36.48
C PHE B 197 11.07 -17.82 35.59
N SER B 198 10.51 -18.89 36.11
CA SER B 198 9.64 -19.79 35.36
C SER B 198 8.17 -19.57 35.71
N LYS B 199 7.30 -20.16 34.89
CA LYS B 199 5.88 -20.16 35.20
C LYS B 199 5.63 -20.88 36.51
N PHE B 200 4.68 -20.36 37.29
CA PHE B 200 4.43 -20.87 38.63
C PHE B 200 3.70 -22.20 38.57
N ALA B 201 4.28 -23.24 39.14
CA ALA B 201 3.56 -24.47 39.45
C ALA B 201 2.82 -24.31 40.78
N GLN B 202 1.97 -25.29 41.10
CA GLN B 202 1.13 -25.22 42.28
C GLN B 202 1.30 -26.48 43.12
N LEU B 203 1.35 -26.31 44.43
CA LEU B 203 1.51 -27.42 45.37
C LEU B 203 0.23 -27.59 46.16
N ASN B 204 -0.40 -28.76 46.05
CA ASN B 204 -1.63 -29.08 46.75
C ASN B 204 -1.36 -30.11 47.85
N LEU B 205 -1.91 -29.86 49.03
CA LEU B 205 -1.66 -30.66 50.22
C LEU B 205 -2.97 -31.25 50.70
N ALA B 206 -3.06 -32.58 50.70
CA ALA B 206 -4.23 -33.28 51.19
C ALA B 206 -4.20 -33.35 52.72
N ALA B 207 -4.99 -34.24 53.30
CA ALA B 207 -4.97 -34.40 54.75
C ALA B 207 -3.57 -34.80 55.21
N GLU B 208 -3.27 -34.46 56.47
CA GLU B 208 -1.95 -34.69 57.00
C GLU B 208 -1.69 -36.18 57.21
N ASP B 209 -0.40 -36.54 57.19
CA ASP B 209 0.04 -37.91 57.47
C ASP B 209 1.19 -37.86 58.46
N PRO B 210 0.88 -37.86 59.76
CA PRO B 210 1.95 -37.77 60.77
C PRO B 210 2.80 -39.02 60.89
N ARG B 211 2.45 -40.09 60.17
CA ARG B 211 3.20 -41.34 60.24
C ARG B 211 4.68 -41.10 59.96
N LEU B 212 5.52 -41.66 60.83
CA LEU B 212 6.96 -41.45 60.73
C LEU B 212 7.53 -42.13 59.48
N PHE B 213 8.54 -41.49 58.89
CA PHE B 213 9.16 -41.97 57.66
C PHE B 213 10.64 -42.24 57.88
N ALA B 214 11.08 -43.43 57.50
CA ALA B 214 12.50 -43.69 57.45
C ALA B 214 13.14 -42.85 56.36
N PRO B 215 14.32 -42.27 56.59
CA PRO B 215 14.87 -41.32 55.61
C PRO B 215 15.16 -42.00 54.29
N SER B 216 14.75 -41.35 53.20
CA SER B 216 14.97 -41.87 51.86
C SER B 216 15.61 -40.77 51.02
N ILE B 217 16.81 -41.05 50.49
CA ILE B 217 17.55 -40.05 49.73
C ILE B 217 16.92 -39.88 48.36
N LYS B 218 16.66 -38.62 47.99
CA LYS B 218 16.10 -38.28 46.69
C LYS B 218 17.01 -37.40 45.84
N ALA B 219 17.84 -36.58 46.48
CA ALA B 219 18.87 -35.80 45.79
C ALA B 219 20.21 -36.53 45.98
N ARG B 220 20.60 -37.29 44.96
CA ARG B 220 21.83 -38.07 45.05
C ARG B 220 22.93 -37.38 44.26
N PHE B 221 24.17 -37.84 44.45
CA PHE B 221 25.30 -37.35 43.67
C PHE B 221 25.86 -38.47 42.79
N PRO B 222 26.55 -38.11 41.70
CA PRO B 222 26.91 -39.12 40.72
C PRO B 222 27.85 -40.15 41.31
N PRO B 223 27.78 -41.40 40.84
CA PRO B 223 28.73 -42.41 41.33
C PRO B 223 30.17 -42.13 40.95
N GLU B 224 30.40 -41.48 39.81
CA GLU B 224 31.75 -41.14 39.35
C GLU B 224 31.78 -39.67 38.99
N THR B 225 32.61 -38.90 39.70
CA THR B 225 32.73 -37.46 39.49
C THR B 225 34.18 -37.13 39.16
N TYR B 226 34.44 -36.73 37.92
CA TYR B 226 35.77 -36.40 37.44
C TYR B 226 36.01 -34.90 37.55
N ALA B 227 37.12 -34.53 38.17
CA ALA B 227 37.49 -33.12 38.32
C ALA B 227 39.01 -32.99 38.21
N LEU B 228 39.46 -31.79 37.90
CA LEU B 228 40.87 -31.50 37.72
C LEU B 228 41.44 -30.76 38.92
N VAL B 229 42.75 -30.90 39.10
CA VAL B 229 43.43 -30.24 40.22
C VAL B 229 43.22 -28.73 40.12
N GLY B 230 43.03 -28.09 41.27
CA GLY B 230 42.73 -26.68 41.33
C GLY B 230 41.26 -26.34 41.14
N GLN B 231 40.47 -27.28 40.61
CA GLN B 231 39.05 -27.08 40.42
C GLN B 231 38.32 -27.23 41.76
N GLN B 232 37.07 -26.77 41.79
CA GLN B 232 36.19 -26.94 42.93
C GLN B 232 35.14 -27.99 42.60
N VAL B 233 34.77 -28.81 43.59
CA VAL B 233 33.75 -29.82 43.40
C VAL B 233 32.74 -29.72 44.52
N THR B 234 31.49 -30.11 44.22
CA THR B 234 30.40 -30.03 45.17
C THR B 234 29.54 -31.28 45.04
N LEU B 235 29.26 -31.91 46.18
CA LEU B 235 28.43 -33.11 46.25
C LEU B 235 27.14 -32.77 46.98
N GLU B 236 26.01 -33.23 46.43
CA GLU B 236 24.69 -32.96 47.00
C GLU B 236 24.08 -34.24 47.53
N CYS B 237 23.35 -34.13 48.63
CA CYS B 237 22.73 -35.30 49.28
C CYS B 237 21.59 -34.81 50.16
N PHE B 238 20.35 -35.15 49.79
CA PHE B 238 19.19 -34.74 50.57
C PHE B 238 18.13 -35.85 50.54
N ALA B 239 17.38 -35.95 51.64
CA ALA B 239 16.46 -37.05 51.83
C ALA B 239 15.16 -36.57 52.47
N PHE B 240 14.12 -37.37 52.27
CA PHE B 240 12.82 -37.16 52.93
C PHE B 240 12.75 -37.97 54.22
N GLY B 241 12.41 -37.29 55.31
CA GLY B 241 12.20 -37.92 56.61
C GLY B 241 11.38 -37.05 57.52
N ASN B 242 10.32 -37.60 58.14
CA ASN B 242 9.43 -36.77 58.97
C ASN B 242 10.18 -35.96 60.02
N PRO B 243 11.11 -36.51 60.78
CA PRO B 243 12.09 -35.64 61.46
C PRO B 243 13.14 -35.19 60.46
N VAL B 244 13.38 -33.88 60.40
CA VAL B 244 14.31 -33.31 59.43
C VAL B 244 15.58 -34.17 59.46
N PRO B 245 15.82 -35.00 58.45
CA PRO B 245 16.99 -35.89 58.51
C PRO B 245 18.28 -35.09 58.58
N ARG B 246 19.17 -35.52 59.47
CA ARG B 246 20.49 -34.93 59.58
C ARG B 246 21.40 -35.62 58.58
N ILE B 247 22.18 -34.82 57.85
CA ILE B 247 23.05 -35.30 56.77
C ILE B 247 24.48 -35.22 57.26
N LYS B 248 25.21 -36.33 57.13
CA LYS B 248 26.61 -36.41 57.51
C LYS B 248 27.42 -36.91 56.32
N TRP B 249 28.62 -36.34 56.16
CA TRP B 249 29.53 -36.70 55.08
C TRP B 249 30.76 -37.38 55.66
N ARG B 250 31.29 -38.36 54.94
CA ARG B 250 32.51 -39.03 55.35
C ARG B 250 33.25 -39.52 54.11
N LYS B 251 34.51 -39.86 54.29
CA LYS B 251 35.35 -40.41 53.23
C LYS B 251 35.76 -41.83 53.61
N VAL B 252 35.53 -42.78 52.69
CA VAL B 252 35.81 -44.19 52.96
C VAL B 252 37.30 -44.34 53.24
N ASP B 253 37.65 -44.56 54.50
CA ASP B 253 39.05 -44.67 54.91
C ASP B 253 39.79 -43.35 54.68
N GLY B 254 39.16 -42.24 55.06
CA GLY B 254 39.77 -40.93 54.90
C GLY B 254 39.57 -40.04 56.11
N SER B 255 40.60 -39.26 56.47
CA SER B 255 40.52 -38.40 57.64
C SER B 255 39.60 -37.21 57.42
N LEU B 256 39.41 -36.79 56.17
CA LEU B 256 38.60 -35.60 55.89
C LEU B 256 39.26 -34.37 56.53
N SER B 257 38.55 -33.24 56.58
CA SER B 257 39.10 -32.00 57.09
C SER B 257 38.27 -31.48 58.26
N PRO B 258 38.90 -30.94 59.30
CA PRO B 258 38.11 -30.40 60.42
C PRO B 258 37.45 -29.07 60.11
N GLN B 259 38.08 -28.22 59.29
CA GLN B 259 37.52 -26.91 59.01
C GLN B 259 36.15 -27.00 58.36
N TRP B 260 35.96 -27.96 57.45
CA TRP B 260 34.68 -28.13 56.79
C TRP B 260 33.63 -28.60 57.80
N GLY B 261 32.46 -27.97 57.78
CA GLY B 261 31.41 -28.37 58.70
C GLY B 261 30.94 -29.78 58.44
N THR B 262 30.70 -30.11 57.17
CA THR B 262 30.27 -31.45 56.76
C THR B 262 28.93 -31.84 57.36
N ALA B 263 28.13 -30.84 57.74
CA ALA B 263 26.82 -31.07 58.33
C ALA B 263 25.66 -30.70 57.40
N GLU B 264 25.91 -29.94 56.35
CA GLU B 264 24.87 -29.54 55.42
C GLU B 264 24.75 -30.54 54.28
N PRO B 265 23.67 -30.47 53.51
CA PRO B 265 23.50 -31.41 52.38
C PRO B 265 24.58 -31.27 51.32
N THR B 266 25.26 -30.14 51.26
CA THR B 266 26.26 -29.87 50.23
C THR B 266 27.66 -29.98 50.83
N LEU B 267 28.46 -30.89 50.30
CA LEU B 267 29.87 -31.00 50.64
C LEU B 267 30.68 -30.27 49.59
N GLN B 268 31.53 -29.34 50.01
CA GLN B 268 32.22 -28.44 49.10
C GLN B 268 33.73 -28.62 49.28
N ILE B 269 34.40 -28.98 48.18
CA ILE B 269 35.86 -29.08 48.16
C ILE B 269 36.40 -28.01 47.23
N PRO B 270 36.90 -26.89 47.75
CA PRO B 270 37.56 -25.91 46.87
C PRO B 270 39.02 -26.28 46.61
N SER B 271 39.43 -26.12 45.35
CA SER B 271 40.79 -26.46 44.92
C SER B 271 41.08 -27.94 45.20
N VAL B 272 40.30 -28.80 44.55
CA VAL B 272 40.45 -30.25 44.75
C VAL B 272 41.88 -30.65 44.46
N SER B 273 42.53 -31.27 45.44
CA SER B 273 43.85 -31.83 45.27
C SER B 273 43.74 -33.32 44.89
N PHE B 274 44.88 -33.89 44.49
CA PHE B 274 44.90 -35.32 44.18
C PHE B 274 44.59 -36.16 45.41
N GLU B 275 44.98 -35.69 46.60
CA GLU B 275 44.72 -36.46 47.81
C GLU B 275 43.23 -36.53 48.11
N ASP B 276 42.46 -35.53 47.66
CA ASP B 276 41.01 -35.57 47.84
C ASP B 276 40.34 -36.64 46.99
N GLU B 277 41.09 -37.31 46.13
CA GLU B 277 40.53 -38.41 45.35
C GLU B 277 40.03 -39.52 46.28
N GLY B 278 39.08 -40.32 45.79
CA GLY B 278 38.64 -41.50 46.52
C GLY B 278 37.15 -41.53 46.70
N THR B 279 36.70 -42.45 47.55
CA THR B 279 35.28 -42.71 47.73
C THR B 279 34.72 -41.87 48.88
N TYR B 280 33.53 -41.33 48.67
CA TYR B 280 32.81 -40.52 49.64
C TYR B 280 31.45 -41.14 49.91
N GLU B 281 30.97 -40.97 51.14
CA GLU B 281 29.70 -41.53 51.59
C GLU B 281 28.88 -40.45 52.30
N CYS B 282 27.61 -40.37 51.95
CA CYS B 282 26.65 -39.50 52.62
C CYS B 282 25.64 -40.35 53.37
N GLU B 283 25.27 -39.90 54.57
CA GLU B 283 24.34 -40.62 55.44
C GLU B 283 23.26 -39.65 55.87
N ALA B 284 22.00 -39.98 55.56
CA ALA B 284 20.84 -39.24 56.04
C ALA B 284 20.17 -40.06 57.13
N GLU B 285 20.15 -39.52 58.35
CA GLU B 285 19.70 -40.26 59.51
C GLU B 285 18.63 -39.49 60.25
N ASN B 286 17.65 -40.22 60.78
CA ASN B 286 16.62 -39.64 61.65
C ASN B 286 16.20 -40.73 62.63
N SER B 287 15.38 -40.32 63.61
CA SER B 287 15.04 -41.21 64.71
C SER B 287 14.60 -42.59 64.22
N LYS B 288 13.94 -42.65 63.07
CA LYS B 288 13.32 -43.89 62.60
C LYS B 288 14.16 -44.68 61.61
N GLY B 289 15.30 -44.16 61.15
CA GLY B 289 16.10 -44.93 60.21
C GLY B 289 17.29 -44.14 59.69
N ARG B 290 17.91 -44.72 58.66
CA ARG B 290 19.08 -44.13 58.04
C ARG B 290 19.24 -44.68 56.63
N ASP B 291 19.78 -43.85 55.74
CA ASP B 291 20.08 -44.24 54.38
C ASP B 291 21.44 -43.67 53.99
N THR B 292 22.07 -44.28 52.99
CA THR B 292 23.41 -43.87 52.59
C THR B 292 23.54 -43.91 51.07
N VAL B 293 24.51 -43.14 50.57
CA VAL B 293 24.85 -43.13 49.16
C VAL B 293 26.34 -42.86 49.02
N GLN B 294 26.99 -43.58 48.10
CA GLN B 294 28.44 -43.49 47.93
C GLN B 294 28.78 -43.13 46.49
N GLY B 295 29.99 -42.59 46.31
CA GLY B 295 30.48 -42.26 44.99
C GLY B 295 31.91 -41.79 45.03
N ARG B 296 32.59 -41.91 43.89
CA ARG B 296 34.02 -41.64 43.80
C ARG B 296 34.30 -40.28 43.17
N ILE B 297 35.24 -39.54 43.77
CA ILE B 297 35.89 -38.41 43.14
C ILE B 297 37.16 -38.94 42.48
N ILE B 298 37.21 -38.90 41.15
CA ILE B 298 38.35 -39.36 40.37
C ILE B 298 39.08 -38.12 39.87
N VAL B 299 40.23 -37.82 40.46
CA VAL B 299 41.01 -36.64 40.09
C VAL B 299 41.79 -36.89 38.82
N GLN B 300 41.85 -35.88 37.95
CA GLN B 300 42.57 -35.92 36.69
C GLN B 300 43.38 -34.63 36.56
N ALA B 301 44.11 -34.49 35.46
CA ALA B 301 44.97 -33.33 35.29
C ALA B 301 45.20 -33.06 33.81
N GLN B 302 45.47 -31.79 33.51
CA GLN B 302 45.81 -31.36 32.17
C GLN B 302 47.29 -31.63 31.89
N PRO B 303 47.69 -31.61 30.62
CA PRO B 303 49.12 -31.79 30.30
C PRO B 303 49.95 -30.64 30.82
N GLU B 304 51.17 -30.95 31.26
CA GLU B 304 52.15 -29.94 31.64
C GLU B 304 53.53 -30.45 31.28
N TRP B 305 54.35 -29.58 30.72
CA TRP B 305 55.64 -29.99 30.19
C TRP B 305 56.58 -30.44 31.31
N LEU B 306 57.60 -31.21 30.92
CA LEU B 306 58.63 -31.68 31.84
C LEU B 306 59.99 -31.51 31.18
N LYS B 307 60.10 -31.95 29.92
CA LYS B 307 61.26 -31.70 29.09
C LYS B 307 60.78 -31.27 27.71
N VAL B 308 61.49 -30.33 27.10
CA VAL B 308 61.12 -29.78 25.80
C VAL B 308 62.38 -29.46 25.02
N ILE B 309 62.19 -29.13 23.73
CA ILE B 309 63.29 -28.85 22.81
C ILE B 309 63.74 -27.40 22.96
N SER B 310 64.87 -27.06 22.34
CA SER B 310 65.41 -25.71 22.41
C SER B 310 66.07 -25.37 21.08
N ASP B 311 66.17 -24.07 20.81
CA ASP B 311 66.84 -23.61 19.60
C ASP B 311 68.25 -24.19 19.53
N THR B 312 68.59 -24.78 18.38
CA THR B 312 69.85 -25.51 18.25
C THR B 312 70.49 -25.25 16.90
N GLU B 313 71.81 -25.11 16.90
CA GLU B 313 72.63 -25.10 15.71
C GLU B 313 73.44 -26.40 15.64
N ALA B 314 73.40 -27.07 14.49
CA ALA B 314 74.10 -28.33 14.31
C ALA B 314 74.76 -28.37 12.95
N ASP B 315 75.94 -28.97 12.89
CA ASP B 315 76.67 -29.05 11.63
C ASP B 315 75.99 -30.05 10.69
N ILE B 316 76.25 -29.88 9.38
CA ILE B 316 75.64 -30.75 8.38
C ILE B 316 76.03 -32.19 8.66
N GLY B 317 75.07 -33.10 8.47
CA GLY B 317 75.33 -34.52 8.65
C GLY B 317 75.60 -34.93 10.07
N SER B 318 75.01 -34.24 11.04
CA SER B 318 75.16 -34.57 12.45
C SER B 318 73.99 -35.44 12.91
N ASN B 319 74.12 -35.99 14.11
CA ASN B 319 73.06 -36.75 14.75
C ASN B 319 72.48 -35.92 15.89
N LEU B 320 71.17 -35.71 15.87
CA LEU B 320 70.50 -34.83 16.82
C LEU B 320 69.31 -35.56 17.42
N ARG B 321 69.30 -35.72 18.74
CA ARG B 321 68.19 -36.37 19.44
C ARG B 321 67.44 -35.32 20.24
N TRP B 322 66.17 -35.11 19.89
CA TRP B 322 65.29 -34.19 20.61
C TRP B 322 64.24 -34.98 21.37
N GLY B 323 63.88 -34.48 22.55
CA GLY B 323 62.90 -35.16 23.38
C GLY B 323 61.97 -34.20 24.10
N CYS B 324 60.67 -34.50 24.08
CA CYS B 324 59.67 -33.75 24.82
C CYS B 324 58.87 -34.69 25.69
N ALA B 325 58.71 -34.35 26.96
CA ALA B 325 57.99 -35.16 27.93
C ALA B 325 56.93 -34.32 28.62
N ALA B 326 55.81 -34.95 28.95
CA ALA B 326 54.70 -34.24 29.57
C ALA B 326 54.06 -35.12 30.63
N ALA B 327 53.38 -34.47 31.57
CA ALA B 327 52.67 -35.13 32.65
C ALA B 327 51.19 -34.80 32.59
N GLY B 328 50.37 -35.76 33.03
CA GLY B 328 48.92 -35.60 33.05
C GLY B 328 48.25 -36.92 33.36
N LYS B 329 47.21 -36.91 34.19
CA LYS B 329 46.63 -38.17 34.64
C LYS B 329 46.20 -39.05 33.48
N PRO B 330 45.39 -38.60 32.53
CA PRO B 330 45.31 -39.33 31.26
C PRO B 330 46.59 -39.11 30.47
N ARG B 331 47.43 -40.14 30.41
CA ARG B 331 48.78 -40.03 29.87
C ARG B 331 48.79 -39.20 28.60
N PRO B 332 49.40 -38.02 28.60
CA PRO B 332 49.40 -37.20 27.40
C PRO B 332 50.14 -37.89 26.25
N MET B 333 49.45 -38.00 25.12
CA MET B 333 50.07 -38.50 23.91
C MET B 333 50.81 -37.36 23.22
N VAL B 334 52.04 -37.62 22.79
CA VAL B 334 52.93 -36.60 22.23
C VAL B 334 53.00 -36.77 20.72
N ARG B 335 53.01 -35.64 20.01
CA ARG B 335 53.10 -35.59 18.56
C ARG B 335 54.12 -34.51 18.19
N TRP B 336 54.49 -34.48 16.91
CA TRP B 336 55.46 -33.52 16.42
C TRP B 336 54.91 -32.81 15.20
N LEU B 337 55.33 -31.56 15.02
CA LEU B 337 54.93 -30.72 13.90
C LEU B 337 56.16 -30.04 13.31
N ARG B 338 56.24 -30.03 11.99
CA ARG B 338 57.28 -29.30 11.27
C ARG B 338 56.62 -28.15 10.51
N ASN B 339 56.95 -26.92 10.89
CA ASN B 339 56.37 -25.74 10.28
C ASN B 339 54.84 -25.80 10.30
N GLY B 340 54.30 -26.24 11.43
CA GLY B 340 52.86 -26.30 11.60
C GLY B 340 52.18 -27.37 10.77
N GLU B 341 52.85 -28.49 10.54
CA GLU B 341 52.28 -29.61 9.79
C GLU B 341 52.73 -30.92 10.44
N PRO B 342 51.91 -31.97 10.36
CA PRO B 342 52.27 -33.23 11.02
C PRO B 342 53.61 -33.75 10.51
N LEU B 343 54.49 -34.10 11.46
CA LEU B 343 55.82 -34.61 11.16
C LEU B 343 55.84 -36.12 11.37
N ALA B 344 55.68 -36.86 10.28
CA ALA B 344 55.81 -38.30 10.32
C ALA B 344 57.27 -38.71 10.20
N SER B 345 57.56 -39.95 10.57
CA SER B 345 58.92 -40.48 10.51
C SER B 345 59.38 -40.52 9.05
N GLN B 346 60.15 -39.52 8.64
CA GLN B 346 60.60 -39.43 7.27
C GLN B 346 61.86 -40.29 7.07
N ASN B 347 62.39 -40.29 5.85
CA ASN B 347 63.56 -41.10 5.56
C ASN B 347 64.75 -40.64 6.41
N ARG B 348 64.92 -39.33 6.54
CA ARG B 348 66.10 -38.81 7.23
C ARG B 348 65.91 -38.84 8.74
N VAL B 349 64.67 -38.79 9.21
CA VAL B 349 64.36 -38.53 10.61
C VAL B 349 63.37 -39.57 11.10
N GLU B 350 63.62 -40.06 12.32
CA GLU B 350 62.75 -41.04 12.97
C GLU B 350 61.94 -40.34 14.05
N VAL B 351 60.64 -40.65 14.10
CA VAL B 351 59.72 -40.09 15.08
C VAL B 351 59.11 -41.23 15.87
N LEU B 352 59.21 -41.18 17.20
CA LEU B 352 58.61 -42.20 18.05
C LEU B 352 58.05 -41.50 19.30
N ALA B 353 56.76 -41.16 19.25
CA ALA B 353 56.08 -40.55 20.38
C ALA B 353 56.83 -39.33 20.89
N GLY B 354 57.63 -39.50 21.93
CA GLY B 354 58.31 -38.40 22.58
C GLY B 354 59.70 -38.13 22.12
N ASP B 355 60.25 -38.93 21.21
CA ASP B 355 61.60 -38.77 20.73
C ASP B 355 61.60 -38.49 19.23
N LEU B 356 62.51 -37.60 18.81
CA LEU B 356 62.71 -37.25 17.42
C LEU B 356 64.21 -37.34 17.16
N ARG B 357 64.60 -38.29 16.32
CA ARG B 357 66.01 -38.57 16.06
C ARG B 357 66.34 -38.21 14.63
N PHE B 358 67.13 -37.17 14.45
CA PHE B 358 67.71 -36.82 13.16
C PHE B 358 69.03 -37.57 13.01
N SER B 359 69.13 -38.38 11.97
CA SER B 359 70.35 -39.11 11.66
C SER B 359 70.95 -38.51 10.40
N LYS B 360 72.16 -37.97 10.50
CA LYS B 360 72.85 -37.33 9.39
C LYS B 360 71.97 -36.21 8.82
N LEU B 361 71.92 -35.12 9.58
CA LEU B 361 71.11 -33.96 9.21
C LEU B 361 71.53 -33.43 7.86
N ASN B 362 70.57 -32.81 7.17
CA ASN B 362 70.81 -32.18 5.88
C ASN B 362 70.37 -30.73 5.94
N LEU B 363 70.74 -29.97 4.91
CA LEU B 363 70.36 -28.56 4.87
C LEU B 363 68.86 -28.37 4.79
N GLU B 364 68.12 -29.38 4.33
CA GLU B 364 66.67 -29.26 4.17
C GLU B 364 65.93 -29.39 5.49
N ASP B 365 66.54 -30.01 6.51
CA ASP B 365 65.85 -30.26 7.77
C ASP B 365 65.76 -29.02 8.65
N SER B 366 66.50 -27.96 8.35
CA SER B 366 66.41 -26.73 9.13
C SER B 366 64.98 -26.19 9.10
N GLY B 367 64.58 -25.52 10.18
CA GLY B 367 63.27 -24.90 10.25
C GLY B 367 62.71 -24.98 11.66
N MET B 368 61.42 -24.68 11.77
CA MET B 368 60.74 -24.63 13.04
C MET B 368 60.06 -25.97 13.34
N TYR B 369 60.37 -26.53 14.51
CA TYR B 369 59.79 -27.78 14.97
C TYR B 369 59.03 -27.54 16.27
N GLN B 370 58.00 -28.34 16.50
CA GLN B 370 57.20 -28.23 17.70
C GLN B 370 56.80 -29.61 18.19
N CYS B 371 56.74 -29.78 19.50
CA CYS B 371 56.18 -30.97 20.12
C CYS B 371 54.90 -30.60 20.85
N VAL B 372 53.87 -31.43 20.68
CA VAL B 372 52.52 -31.12 21.10
C VAL B 372 51.99 -32.31 21.88
N ALA B 373 51.70 -32.12 23.16
CA ALA B 373 51.21 -33.17 24.03
C ALA B 373 49.75 -32.91 24.40
N GLU B 374 48.89 -33.90 24.16
CA GLU B 374 47.46 -33.72 24.39
C GLU B 374 46.87 -34.92 25.12
N ASN B 375 45.84 -34.64 25.93
CA ASN B 375 44.98 -35.67 26.50
C ASN B 375 43.54 -35.18 26.37
N LYS B 376 42.58 -35.99 26.84
CA LYS B 376 41.18 -35.60 26.71
C LYS B 376 40.89 -34.25 27.37
N HIS B 377 41.79 -33.74 28.20
CA HIS B 377 41.58 -32.49 28.92
C HIS B 377 42.30 -31.31 28.30
N GLY B 378 42.95 -31.48 27.16
CA GLY B 378 43.50 -30.35 26.44
C GLY B 378 44.77 -30.70 25.70
N THR B 379 45.49 -29.65 25.30
CA THR B 379 46.69 -29.76 24.49
C THR B 379 47.69 -28.70 24.94
N ILE B 380 48.97 -28.99 24.73
CA ILE B 380 50.04 -28.03 25.00
C ILE B 380 51.08 -28.14 23.89
N TYR B 381 51.69 -27.00 23.57
CA TYR B 381 52.67 -26.89 22.49
C TYR B 381 53.99 -26.36 23.01
N ALA B 382 55.08 -26.77 22.37
CA ALA B 382 56.40 -26.18 22.64
C ALA B 382 57.19 -26.16 21.33
N SER B 383 57.82 -25.03 21.03
CA SER B 383 58.45 -24.80 19.74
C SER B 383 59.95 -24.57 19.90
N ALA B 384 60.66 -24.71 18.78
CA ALA B 384 62.10 -24.46 18.73
C ALA B 384 62.53 -24.37 17.27
N GLU B 385 63.73 -23.82 17.07
CA GLU B 385 64.31 -23.64 15.74
C GLU B 385 65.54 -24.53 15.58
N LEU B 386 65.66 -25.16 14.42
CA LEU B 386 66.80 -26.00 14.06
C LEU B 386 67.54 -25.33 12.92
N ALA B 387 68.82 -25.03 13.13
CA ALA B 387 69.66 -24.41 12.12
C ALA B 387 70.82 -25.34 11.80
N VAL B 388 70.81 -25.89 10.59
CA VAL B 388 71.92 -26.70 10.11
C VAL B 388 72.93 -25.78 9.45
N GLN B 389 74.19 -25.89 9.89
CA GLN B 389 75.21 -24.92 9.50
C GLN B 389 75.97 -25.49 8.31
N ALA B 390 75.80 -24.82 7.17
CA ALA B 390 76.60 -25.01 5.97
C ALA B 390 77.66 -23.92 5.85
N LEU B 391 78.52 -24.07 4.85
CA LEU B 391 79.61 -23.14 4.64
C LEU B 391 80.19 -23.36 3.24
N ALA B 392 80.29 -22.29 2.47
CA ALA B 392 80.93 -22.33 1.17
C ALA B 392 82.45 -22.38 1.35
N PRO B 393 83.17 -22.77 0.30
CA PRO B 393 84.63 -22.84 0.43
C PRO B 393 85.20 -21.46 0.72
N ASP B 394 86.12 -21.41 1.69
CA ASP B 394 86.74 -20.15 2.09
C ASP B 394 88.25 -20.31 2.11
N PHE B 395 88.94 -19.34 1.53
CA PHE B 395 90.39 -19.31 1.46
C PHE B 395 90.98 -18.26 2.40
N ARG B 396 90.17 -17.69 3.29
CA ARG B 396 90.66 -16.61 4.14
C ARG B 396 91.90 -17.05 4.90
N GLN B 397 91.91 -18.29 5.38
CA GLN B 397 93.06 -18.88 6.04
C GLN B 397 93.71 -19.89 5.10
N ASN B 398 95.00 -20.13 5.33
CA ASN B 398 95.75 -21.07 4.50
C ASN B 398 95.57 -20.75 3.02
N PRO B 399 96.09 -19.63 2.55
CA PRO B 399 95.99 -19.29 1.12
C PRO B 399 96.96 -20.11 0.28
N VAL B 400 96.84 -19.96 -1.04
CA VAL B 400 97.65 -20.73 -1.97
C VAL B 400 99.08 -20.21 -2.13
N ARG B 401 99.36 -18.94 -1.78
CA ARG B 401 100.68 -18.33 -1.89
C ARG B 401 100.86 -17.61 -3.22
N ARG B 402 100.88 -16.27 -3.20
CA ARG B 402 100.88 -15.53 -4.46
C ARG B 402 102.11 -15.82 -5.31
N LEU B 403 103.24 -16.17 -4.70
CA LEU B 403 104.49 -16.40 -5.42
C LEU B 403 105.05 -17.78 -5.14
N ILE B 404 105.50 -18.45 -6.19
CA ILE B 404 106.11 -19.78 -6.09
C ILE B 404 107.42 -19.77 -6.89
N PRO B 405 108.55 -19.48 -6.27
CA PRO B 405 109.84 -19.68 -6.95
C PRO B 405 110.21 -21.15 -6.97
N ALA B 406 110.98 -21.53 -7.98
CA ALA B 406 111.37 -22.93 -8.14
C ALA B 406 112.80 -22.97 -8.66
N ALA B 407 113.17 -24.12 -9.23
CA ALA B 407 114.51 -24.34 -9.76
C ALA B 407 114.38 -25.36 -10.88
N ARG B 408 115.24 -25.22 -11.89
CA ARG B 408 115.15 -26.09 -13.06
C ARG B 408 115.33 -27.55 -12.63
N GLY B 409 114.39 -28.40 -13.03
CA GLY B 409 114.44 -29.81 -12.72
C GLY B 409 114.07 -30.19 -11.31
N GLY B 410 113.59 -29.24 -10.50
CA GLY B 410 113.23 -29.54 -9.13
C GLY B 410 111.78 -29.97 -9.00
N GLU B 411 111.44 -30.41 -7.78
CA GLU B 411 110.08 -30.80 -7.45
C GLU B 411 109.39 -29.68 -6.70
N ILE B 412 108.09 -29.53 -6.95
CA ILE B 412 107.29 -28.44 -6.39
C ILE B 412 106.01 -29.03 -5.81
N SER B 413 105.66 -28.62 -4.60
CA SER B 413 104.43 -29.03 -3.94
C SER B 413 103.65 -27.77 -3.55
N ILE B 414 102.45 -27.63 -4.10
CA ILE B 414 101.60 -26.46 -3.91
C ILE B 414 100.35 -26.91 -3.16
N PRO B 415 100.20 -26.56 -1.88
CA PRO B 415 99.00 -26.99 -1.14
C PRO B 415 97.76 -26.18 -1.50
N CYS B 416 96.62 -26.82 -1.27
CA CYS B 416 95.30 -26.18 -1.41
C CYS B 416 94.48 -26.61 -0.21
N GLN B 417 94.14 -25.67 0.66
CA GLN B 417 93.50 -25.95 1.95
C GLN B 417 92.26 -25.08 2.10
N PRO B 418 91.20 -25.37 1.37
CA PRO B 418 89.93 -24.68 1.61
C PRO B 418 89.23 -25.22 2.85
N ARG B 419 88.31 -24.42 3.37
CA ARG B 419 87.47 -24.79 4.51
C ARG B 419 86.01 -24.74 4.10
N ALA B 420 85.35 -25.89 4.07
CA ALA B 420 83.95 -25.96 3.69
C ALA B 420 83.24 -26.96 4.58
N ALA B 421 81.94 -26.71 4.84
CA ALA B 421 81.15 -27.53 5.74
C ALA B 421 81.18 -28.98 5.26
N PRO B 422 80.61 -29.30 4.09
CA PRO B 422 80.91 -30.59 3.47
C PRO B 422 82.24 -30.52 2.74
N LYS B 423 82.92 -31.67 2.71
CA LYS B 423 84.25 -31.74 2.12
C LYS B 423 84.26 -31.12 0.73
N ALA B 424 85.27 -30.29 0.47
CA ALA B 424 85.32 -29.52 -0.76
C ALA B 424 85.95 -30.36 -1.87
N THR B 425 85.25 -30.47 -2.99
CA THR B 425 85.84 -31.05 -4.19
C THR B 425 86.87 -30.07 -4.75
N ILE B 426 88.08 -30.56 -4.99
CA ILE B 426 89.23 -29.72 -5.33
C ILE B 426 89.66 -30.06 -6.75
N LEU B 427 90.05 -29.04 -7.50
CA LEU B 427 90.60 -29.20 -8.84
C LEU B 427 91.69 -28.17 -9.06
N TRP B 428 92.63 -28.50 -9.95
CA TRP B 428 93.74 -27.62 -10.28
C TRP B 428 93.70 -27.29 -11.77
N SER B 429 93.99 -26.03 -12.09
CA SER B 429 94.00 -25.59 -13.48
C SER B 429 95.09 -24.57 -13.68
N LYS B 430 95.91 -24.77 -14.71
CA LYS B 430 96.91 -23.79 -15.12
C LYS B 430 96.31 -22.95 -16.24
N GLY B 431 96.26 -21.64 -16.04
CA GLY B 431 95.62 -20.79 -17.02
C GLY B 431 94.18 -21.21 -17.20
N THR B 432 93.85 -21.67 -18.41
CA THR B 432 92.51 -22.16 -18.73
C THR B 432 92.48 -23.66 -18.95
N GLU B 433 93.59 -24.35 -18.68
CA GLU B 433 93.71 -25.79 -18.94
C GLU B 433 93.70 -26.54 -17.62
N ILE B 434 92.86 -27.57 -17.54
CA ILE B 434 92.77 -28.39 -16.34
C ILE B 434 93.95 -29.36 -16.29
N LEU B 435 94.30 -29.78 -15.08
CA LEU B 435 95.43 -30.67 -14.87
C LEU B 435 94.97 -31.97 -14.23
N GLY B 436 95.63 -33.07 -14.59
CA GLY B 436 95.31 -34.38 -14.04
C GLY B 436 96.53 -35.17 -13.63
N ASN B 437 96.34 -36.48 -13.40
CA ASN B 437 97.42 -37.37 -12.99
C ASN B 437 98.19 -37.84 -14.22
N SER B 438 99.26 -37.12 -14.53
CA SER B 438 100.21 -37.52 -15.56
C SER B 438 101.49 -38.03 -14.90
N THR B 439 102.43 -38.48 -15.74
CA THR B 439 103.71 -38.95 -15.22
C THR B 439 104.43 -37.85 -14.44
N ARG B 440 104.34 -36.62 -14.93
CA ARG B 440 105.04 -35.48 -14.34
C ARG B 440 104.20 -34.76 -13.30
N VAL B 441 102.90 -34.64 -13.52
CA VAL B 441 102.00 -33.87 -12.66
C VAL B 441 101.14 -34.82 -11.86
N THR B 442 100.81 -34.42 -10.63
CA THR B 442 99.95 -35.22 -9.78
C THR B 442 99.06 -34.32 -8.93
N VAL B 443 97.77 -34.62 -8.91
CA VAL B 443 96.79 -33.93 -8.06
C VAL B 443 96.41 -34.90 -6.96
N THR B 444 97.01 -34.72 -5.78
CA THR B 444 96.88 -35.71 -4.72
C THR B 444 95.47 -35.68 -4.13
N LEU B 445 95.21 -36.62 -3.22
CA LEU B 445 93.92 -36.68 -2.55
C LEU B 445 93.72 -35.45 -1.66
N ASP B 446 94.67 -35.20 -0.76
CA ASP B 446 94.57 -34.05 0.13
C ASP B 446 94.38 -32.75 -0.62
N GLY B 447 94.76 -32.69 -1.89
CA GLY B 447 94.60 -31.49 -2.70
C GLY B 447 95.90 -30.88 -3.19
N THR B 448 97.05 -31.28 -2.67
CA THR B 448 98.30 -30.66 -3.07
C THR B 448 98.63 -31.01 -4.52
N LEU B 449 99.19 -30.05 -5.25
CA LEU B 449 99.66 -30.23 -6.61
C LEU B 449 101.15 -30.51 -6.59
N ILE B 450 101.56 -31.62 -7.20
CA ILE B 450 102.95 -32.04 -7.25
C ILE B 450 103.42 -31.96 -8.70
N ILE B 451 104.47 -31.17 -8.92
CA ILE B 451 105.10 -31.03 -10.23
C ILE B 451 106.54 -31.51 -10.12
N ARG B 452 107.00 -32.25 -11.12
CA ARG B 452 108.30 -32.90 -11.10
C ARG B 452 109.08 -32.53 -12.35
N ASN B 453 110.40 -32.37 -12.20
CA ASN B 453 111.27 -32.00 -13.33
C ASN B 453 110.70 -30.77 -14.05
N ILE B 454 110.73 -29.65 -13.34
CA ILE B 454 110.12 -28.42 -13.84
C ILE B 454 111.04 -27.78 -14.87
N SER B 455 110.42 -27.14 -15.86
CA SER B 455 111.13 -26.41 -16.90
C SER B 455 110.52 -25.02 -17.03
N ARG B 456 111.24 -24.14 -17.72
CA ARG B 456 110.77 -22.77 -17.89
C ARG B 456 109.48 -22.67 -18.69
N SER B 457 109.02 -23.78 -19.30
CA SER B 457 107.75 -23.77 -20.01
C SER B 457 106.55 -23.87 -19.08
N ASP B 458 106.76 -24.14 -17.80
CA ASP B 458 105.68 -24.26 -16.83
C ASP B 458 105.40 -22.96 -16.09
N GLU B 459 106.30 -21.96 -16.17
CA GLU B 459 106.06 -20.65 -15.58
C GLU B 459 104.65 -20.16 -15.88
N GLY B 460 103.94 -19.72 -14.84
CA GLY B 460 102.63 -19.16 -15.06
C GLY B 460 101.74 -19.26 -13.83
N LYS B 461 100.45 -19.03 -14.06
CA LYS B 461 99.46 -18.96 -13.00
C LYS B 461 98.79 -20.32 -12.82
N TYR B 462 98.82 -20.83 -11.60
CA TYR B 462 98.15 -22.08 -11.23
C TYR B 462 97.07 -21.78 -10.21
N THR B 463 95.85 -22.25 -10.47
CA THR B 463 94.69 -21.92 -9.65
C THR B 463 94.07 -23.19 -9.09
N CYS B 464 93.71 -23.15 -7.81
CA CYS B 464 92.93 -24.19 -7.16
C CYS B 464 91.47 -23.75 -7.10
N PHE B 465 90.59 -24.61 -7.58
CA PHE B 465 89.14 -24.40 -7.57
C PHE B 465 88.50 -25.38 -6.61
N ALA B 466 87.78 -24.88 -5.62
CA ALA B 466 87.10 -25.72 -4.63
C ALA B 466 85.59 -25.48 -4.72
N GLU B 467 84.82 -26.55 -4.54
CA GLU B 467 83.36 -26.44 -4.62
C GLU B 467 82.72 -27.39 -3.62
N ASN B 468 81.41 -27.21 -3.43
CA ASN B 468 80.63 -28.03 -2.52
C ASN B 468 79.15 -27.64 -2.68
N PHE B 469 78.29 -28.30 -1.91
CA PHE B 469 76.85 -28.04 -1.94
C PHE B 469 76.53 -26.56 -2.14
N MET B 470 77.23 -25.68 -1.40
CA MET B 470 76.77 -24.31 -1.22
C MET B 470 77.35 -23.35 -2.24
N GLY B 471 78.64 -23.45 -2.53
CA GLY B 471 79.26 -22.45 -3.38
C GLY B 471 80.58 -22.93 -3.96
N LYS B 472 81.31 -21.99 -4.51
CA LYS B 472 82.60 -22.26 -5.15
C LYS B 472 83.56 -21.13 -4.82
N ALA B 473 84.84 -21.48 -4.75
CA ALA B 473 85.91 -20.51 -4.51
C ALA B 473 87.13 -20.92 -5.30
N ASN B 474 88.09 -20.01 -5.40
CA ASN B 474 89.27 -20.26 -6.21
C ASN B 474 90.39 -19.35 -5.72
N SER B 475 91.62 -19.80 -5.91
CA SER B 475 92.77 -18.98 -5.54
C SER B 475 93.95 -19.35 -6.44
N THR B 476 94.72 -18.32 -6.82
CA THR B 476 95.76 -18.46 -7.83
C THR B 476 97.13 -18.17 -7.24
N GLY B 477 98.15 -18.66 -7.94
CA GLY B 477 99.54 -18.40 -7.55
C GLY B 477 100.44 -18.36 -8.76
N ILE B 478 101.50 -17.54 -8.66
CA ILE B 478 102.47 -17.37 -9.73
C ILE B 478 103.61 -18.37 -9.55
N LEU B 479 104.08 -18.94 -10.65
CA LEU B 479 105.16 -19.92 -10.66
C LEU B 479 106.27 -19.43 -11.57
N SER B 480 107.48 -19.32 -10.99
CA SER B 480 108.62 -18.62 -11.58
C SER B 480 109.84 -19.55 -11.55
N VAL B 481 110.19 -20.10 -12.70
CA VAL B 481 111.26 -21.09 -12.81
C VAL B 481 112.60 -20.37 -12.96
N ARG B 482 113.50 -20.61 -11.99
CA ARG B 482 114.82 -20.01 -11.93
C ARG B 482 115.88 -21.07 -12.17
N ASP B 483 117.13 -20.62 -12.28
CA ASP B 483 118.24 -21.56 -12.29
C ASP B 483 118.42 -22.16 -10.91
N ALA B 484 118.89 -23.40 -10.87
CA ALA B 484 119.06 -24.14 -9.63
C ALA B 484 120.44 -23.85 -9.05
N THR B 485 120.47 -23.46 -7.78
CA THR B 485 121.74 -23.33 -7.09
C THR B 485 122.38 -24.71 -7.01
N LYS B 486 123.56 -24.85 -7.61
CA LYS B 486 124.21 -26.14 -7.75
C LYS B 486 125.70 -25.99 -7.49
N ILE B 487 126.28 -27.04 -6.92
CA ILE B 487 127.72 -27.09 -6.67
C ILE B 487 128.39 -27.69 -7.91
N THR B 488 129.23 -26.90 -8.57
CA THR B 488 129.92 -27.38 -9.76
C THR B 488 131.14 -28.21 -9.40
N LEU B 489 131.89 -27.78 -8.38
CA LEU B 489 133.08 -28.47 -7.91
C LEU B 489 132.88 -28.77 -6.43
N ALA B 490 132.76 -30.05 -6.09
CA ALA B 490 132.48 -30.50 -4.74
C ALA B 490 133.75 -30.99 -4.05
N PRO B 491 133.91 -30.73 -2.75
CA PRO B 491 135.09 -31.24 -2.05
C PRO B 491 134.90 -32.69 -1.62
N SER B 492 135.96 -33.47 -1.75
CA SER B 492 135.97 -34.87 -1.33
C SER B 492 136.68 -34.99 0.01
N SER B 493 136.80 -36.23 0.49
CA SER B 493 137.43 -36.47 1.78
C SER B 493 138.92 -36.13 1.72
N ALA B 494 139.55 -36.16 2.89
CA ALA B 494 140.96 -35.82 3.02
C ALA B 494 141.50 -36.39 4.31
N ASP B 495 142.80 -36.71 4.29
CA ASP B 495 143.51 -37.21 5.46
C ASP B 495 144.75 -36.34 5.66
N ILE B 496 144.96 -35.90 6.90
CA ILE B 496 146.00 -34.91 7.19
C ILE B 496 146.57 -35.19 8.59
N ASN B 497 147.74 -34.60 8.85
CA ASN B 497 148.39 -34.69 10.15
C ASN B 497 148.08 -33.45 10.98
N VAL B 498 148.35 -33.56 12.28
CA VAL B 498 148.14 -32.44 13.19
C VAL B 498 149.21 -31.38 12.94
N GLY B 499 148.79 -30.12 12.84
CA GLY B 499 149.69 -29.03 12.59
C GLY B 499 149.74 -28.60 11.13
N ASP B 500 149.26 -29.45 10.22
CA ASP B 500 149.27 -29.15 8.80
C ASP B 500 147.98 -28.44 8.40
N ASN B 501 148.06 -27.72 7.28
CA ASN B 501 146.95 -26.91 6.80
C ASN B 501 146.12 -27.71 5.80
N LEU B 502 144.83 -27.39 5.74
CA LEU B 502 143.92 -28.06 4.81
C LEU B 502 143.04 -27.01 4.15
N THR B 503 142.62 -27.31 2.91
CA THR B 503 141.74 -26.43 2.14
C THR B 503 140.63 -27.26 1.54
N LEU B 504 139.38 -26.91 1.87
CA LEU B 504 138.20 -27.55 1.30
C LEU B 504 137.50 -26.53 0.41
N GLN B 505 137.37 -26.86 -0.87
CA GLN B 505 136.81 -25.96 -1.87
C GLN B 505 135.35 -26.31 -2.15
N CYS B 506 134.59 -25.30 -2.58
CA CYS B 506 133.19 -25.50 -2.95
C CYS B 506 132.88 -24.47 -4.03
N HIS B 507 132.87 -24.94 -5.29
CA HIS B 507 132.63 -24.07 -6.44
C HIS B 507 131.18 -24.26 -6.85
N ALA B 508 130.38 -23.21 -6.73
CA ALA B 508 128.95 -23.28 -6.96
C ALA B 508 128.55 -22.30 -8.06
N SER B 509 127.33 -22.50 -8.56
CA SER B 509 126.72 -21.63 -9.54
C SER B 509 125.29 -21.31 -9.11
N HIS B 510 124.82 -20.12 -9.49
CA HIS B 510 123.54 -19.64 -9.03
C HIS B 510 122.96 -18.67 -10.05
N ASP B 511 121.67 -18.37 -9.88
CA ASP B 511 121.03 -17.36 -10.71
C ASP B 511 121.63 -16.00 -10.40
N PRO B 512 122.03 -15.20 -11.40
CA PRO B 512 122.66 -13.91 -11.09
C PRO B 512 121.79 -12.97 -10.28
N THR B 513 120.46 -13.06 -10.43
CA THR B 513 119.57 -12.10 -9.76
C THR B 513 119.72 -12.17 -8.25
N MET B 514 120.12 -13.32 -7.71
CA MET B 514 120.12 -13.56 -6.28
C MET B 514 121.55 -13.62 -5.75
N ASP B 515 121.73 -13.15 -4.52
CA ASP B 515 123.00 -13.27 -3.84
C ASP B 515 123.20 -14.71 -3.37
N LEU B 516 124.45 -15.07 -3.12
CA LEU B 516 124.81 -16.41 -2.70
C LEU B 516 125.57 -16.35 -1.38
N THR B 517 125.23 -17.27 -0.47
CA THR B 517 125.83 -17.33 0.86
C THR B 517 126.39 -18.74 1.08
N PHE B 518 127.65 -18.82 1.49
CA PHE B 518 128.30 -20.09 1.76
C PHE B 518 128.27 -20.37 3.26
N THR B 519 128.06 -21.63 3.61
CA THR B 519 128.07 -22.10 4.99
C THR B 519 128.89 -23.38 5.07
N TRP B 520 129.65 -23.52 6.17
CA TRP B 520 130.46 -24.70 6.42
C TRP B 520 130.13 -25.22 7.81
N THR B 521 129.63 -26.45 7.88
CA THR B 521 129.29 -27.07 9.16
C THR B 521 130.18 -28.28 9.39
N LEU B 522 130.35 -28.63 10.67
CA LEU B 522 131.20 -29.73 11.09
C LEU B 522 130.41 -30.59 12.09
N ASP B 523 129.83 -31.68 11.60
CA ASP B 523 129.00 -32.56 12.41
C ASP B 523 127.85 -31.79 13.03
N ASP B 524 127.18 -30.97 12.20
CA ASP B 524 126.04 -30.17 12.59
C ASP B 524 126.42 -29.03 13.53
N PHE B 525 127.71 -28.70 13.62
CA PHE B 525 128.16 -27.57 14.42
C PHE B 525 128.56 -26.42 13.51
N PRO B 526 128.04 -25.21 13.70
CA PRO B 526 128.43 -24.10 12.83
C PRO B 526 129.88 -23.69 13.00
N VAL B 527 130.69 -23.94 11.97
CA VAL B 527 132.12 -23.61 12.00
C VAL B 527 132.27 -22.11 12.20
N ASP B 528 132.64 -21.70 13.42
CA ASP B 528 132.77 -20.29 13.77
C ASP B 528 134.15 -19.83 13.31
N PHE B 529 134.22 -19.22 12.13
CA PHE B 529 135.48 -18.68 11.63
C PHE B 529 135.80 -17.30 12.18
N ASP B 530 134.97 -16.79 13.10
CA ASP B 530 135.23 -15.53 13.80
C ASP B 530 135.35 -15.77 15.30
N LYS B 531 135.75 -16.97 15.69
CA LYS B 531 135.81 -17.34 17.09
C LYS B 531 137.05 -16.73 17.75
N PRO B 532 136.95 -16.27 19.00
CA PRO B 532 138.15 -15.84 19.72
C PRO B 532 139.14 -16.98 19.87
N GLY B 533 140.29 -16.84 19.23
CA GLY B 533 141.30 -17.87 19.27
C GLY B 533 140.94 -19.12 18.49
N GLY B 534 140.23 -18.97 17.38
CA GLY B 534 139.83 -20.11 16.58
C GLY B 534 140.95 -20.63 15.70
N HIS B 535 140.60 -21.60 14.86
CA HIS B 535 141.56 -22.24 13.96
C HIS B 535 140.92 -22.49 12.60
N TYR B 536 140.20 -21.50 12.09
CA TYR B 536 139.52 -21.62 10.80
C TYR B 536 139.65 -20.30 10.04
N ARG B 537 139.46 -20.37 8.73
CA ARG B 537 139.43 -19.16 7.91
C ARG B 537 138.54 -19.39 6.70
N ARG B 538 137.64 -18.45 6.42
CA ARG B 538 136.85 -18.47 5.20
C ARG B 538 137.60 -17.70 4.11
N ALA B 539 137.89 -18.36 3.01
CA ALA B 539 138.66 -17.75 1.94
C ALA B 539 137.90 -16.57 1.34
N SER B 540 138.59 -15.82 0.49
CA SER B 540 138.00 -14.67 -0.19
C SER B 540 136.74 -15.10 -0.93
N VAL B 541 135.59 -14.57 -0.51
CA VAL B 541 134.30 -15.00 -1.02
C VAL B 541 134.03 -14.29 -2.34
N LYS B 542 134.07 -15.04 -3.44
CA LYS B 542 133.47 -14.63 -4.69
C LYS B 542 132.11 -15.26 -4.83
N GLU B 543 131.21 -14.59 -5.57
CA GLU B 543 129.82 -15.02 -5.63
C GLU B 543 129.66 -16.44 -6.14
N THR B 544 130.72 -17.08 -6.66
CA THR B 544 130.66 -18.44 -7.17
C THR B 544 131.38 -19.45 -6.29
N ILE B 545 132.53 -19.11 -5.74
CA ILE B 545 133.40 -20.07 -5.07
C ILE B 545 133.53 -19.71 -3.59
N GLY B 546 133.62 -20.75 -2.74
CA GLY B 546 133.86 -20.57 -1.34
C GLY B 546 134.77 -21.66 -0.80
N ASP B 547 135.83 -21.27 -0.08
CA ASP B 547 136.81 -22.22 0.42
C ASP B 547 137.01 -22.03 1.91
N LEU B 548 137.21 -23.14 2.62
CA LEU B 548 137.47 -23.15 4.05
C LEU B 548 138.89 -23.67 4.28
N THR B 549 139.70 -22.89 4.98
CA THR B 549 141.08 -23.24 5.28
C THR B 549 141.20 -23.54 6.77
N ILE B 550 141.63 -24.75 7.09
CA ILE B 550 141.91 -25.17 8.45
C ILE B 550 143.41 -24.97 8.69
N LEU B 551 143.76 -24.14 9.65
CA LEU B 551 145.14 -23.80 9.97
C LEU B 551 145.52 -24.45 11.30
N ASN B 552 146.70 -25.05 11.35
CA ASN B 552 147.15 -25.81 12.51
C ASN B 552 146.09 -26.84 12.92
N ALA B 553 145.83 -27.77 12.00
CA ALA B 553 144.81 -28.78 12.22
C ALA B 553 145.06 -29.53 13.52
N GLN B 554 143.98 -29.99 14.14
CA GLN B 554 144.06 -30.74 15.38
C GLN B 554 143.08 -31.90 15.30
N LEU B 555 143.19 -32.82 16.28
CA LEU B 555 142.30 -33.98 16.30
C LEU B 555 140.83 -33.58 16.40
N ARG B 556 140.54 -32.38 16.89
CA ARG B 556 139.16 -31.94 17.08
C ARG B 556 138.63 -31.14 15.90
N HIS B 557 139.45 -30.89 14.88
CA HIS B 557 139.02 -30.16 13.70
C HIS B 557 138.71 -31.10 12.53
N GLY B 558 138.39 -32.36 12.82
CA GLY B 558 138.03 -33.33 11.81
C GLY B 558 136.59 -33.80 12.00
N GLY B 559 136.14 -34.61 11.03
CA GLY B 559 134.80 -35.16 11.02
C GLY B 559 134.17 -34.97 9.67
N THR B 560 132.84 -34.97 9.63
CA THR B 560 132.08 -34.83 8.39
C THR B 560 131.80 -33.35 8.17
N TYR B 561 132.60 -32.71 7.33
CA TYR B 561 132.35 -31.33 6.95
C TYR B 561 131.29 -31.28 5.86
N THR B 562 130.51 -30.19 5.87
CA THR B 562 129.43 -30.00 4.92
C THR B 562 129.47 -28.58 4.39
N CYS B 563 129.62 -28.45 3.08
CA CYS B 563 129.46 -27.17 2.39
C CYS B 563 128.00 -27.00 1.99
N MET B 564 127.46 -25.80 2.22
CA MET B 564 126.06 -25.49 1.95
C MET B 564 126.02 -24.11 1.30
N ALA B 565 125.84 -24.08 -0.02
CA ALA B 565 125.76 -22.84 -0.77
C ALA B 565 124.28 -22.54 -1.02
N GLN B 566 123.76 -21.48 -0.42
CA GLN B 566 122.33 -21.21 -0.43
C GLN B 566 122.05 -19.80 -0.92
N THR B 567 120.96 -19.65 -1.66
CA THR B 567 120.32 -18.38 -1.93
C THR B 567 119.00 -18.32 -1.17
N VAL B 568 118.42 -17.12 -1.10
CA VAL B 568 117.30 -16.85 -0.21
C VAL B 568 116.06 -17.68 -0.54
N VAL B 569 116.13 -18.47 -1.61
CA VAL B 569 115.03 -19.38 -1.94
C VAL B 569 115.50 -20.78 -2.30
N ASP B 570 116.76 -21.00 -2.64
CA ASP B 570 117.26 -22.30 -3.05
C ASP B 570 118.60 -22.55 -2.37
N GLY B 571 119.04 -23.80 -2.41
CA GLY B 571 120.30 -24.18 -1.80
C GLY B 571 120.78 -25.53 -2.28
N ALA B 572 122.09 -25.68 -2.35
CA ALA B 572 122.73 -26.95 -2.65
C ALA B 572 123.78 -27.23 -1.57
N SER B 573 124.17 -28.50 -1.47
CA SER B 573 125.07 -28.91 -0.41
C SER B 573 125.89 -30.11 -0.85
N LYS B 574 127.10 -30.21 -0.31
CA LYS B 574 127.98 -31.35 -0.50
C LYS B 574 128.65 -31.67 0.82
N GLU B 575 129.21 -32.88 0.91
CA GLU B 575 129.78 -33.38 2.15
C GLU B 575 131.14 -34.01 1.88
N ALA B 576 132.08 -33.77 2.79
CA ALA B 576 133.41 -34.37 2.76
C ALA B 576 133.73 -34.88 4.15
N THR B 577 134.74 -35.75 4.23
CA THR B 577 135.17 -36.33 5.49
C THR B 577 136.66 -36.04 5.69
N VAL B 578 136.98 -35.32 6.76
CA VAL B 578 138.34 -34.94 7.10
C VAL B 578 138.81 -35.79 8.26
N LEU B 579 139.95 -36.46 8.09
CA LEU B 579 140.53 -37.33 9.10
C LEU B 579 141.91 -36.82 9.46
N VAL B 580 142.08 -36.33 10.70
CA VAL B 580 143.40 -35.93 11.17
C VAL B 580 144.03 -37.13 11.87
N ARG B 581 145.36 -37.22 11.79
CA ARG B 581 146.08 -38.39 12.28
C ARG B 581 147.57 -38.25 11.97
N GLY B 582 148.42 -38.65 12.91
CA GLY B 582 149.86 -38.57 12.72
C GLY B 582 150.54 -39.92 12.78
N ALA C 9 -22.76 1.44 -27.91
CA ALA C 9 -24.12 1.51 -27.37
C ALA C 9 -25.10 0.95 -28.39
N THR C 10 -25.82 -0.10 -28.01
CA THR C 10 -26.80 -0.73 -28.88
C THR C 10 -28.19 -0.15 -28.64
N PHE C 11 -28.90 0.14 -29.73
CA PHE C 11 -30.26 0.64 -29.65
C PHE C 11 -31.05 0.14 -30.84
N GLY C 12 -32.38 0.24 -30.73
CA GLY C 12 -33.27 -0.22 -31.77
C GLY C 12 -33.26 0.69 -32.99
N PRO C 13 -33.85 0.23 -34.08
CA PRO C 13 -33.82 1.02 -35.33
C PRO C 13 -34.77 2.21 -35.27
N VAL C 14 -34.27 3.34 -35.74
CA VAL C 14 -35.03 4.60 -35.79
C VAL C 14 -35.07 5.06 -37.24
N PHE C 15 -36.26 5.21 -37.79
CA PHE C 15 -36.40 5.61 -39.19
C PHE C 15 -35.83 7.02 -39.41
N GLU C 16 -35.06 7.16 -40.49
CA GLU C 16 -34.58 8.45 -40.95
C GLU C 16 -35.24 8.89 -42.24
N GLU C 17 -35.29 8.01 -43.24
CA GLU C 17 -36.02 8.23 -44.48
C GLU C 17 -37.10 7.17 -44.61
N GLN C 18 -38.32 7.60 -44.91
CA GLN C 18 -39.47 6.73 -45.05
C GLN C 18 -40.06 6.85 -46.45
N PRO C 19 -40.77 5.84 -46.92
CA PRO C 19 -41.26 5.85 -48.31
C PRO C 19 -42.25 6.97 -48.56
N VAL C 20 -42.49 7.23 -49.84
CA VAL C 20 -43.36 8.31 -50.29
C VAL C 20 -44.13 7.84 -51.51
N GLY C 21 -45.44 8.05 -51.51
CA GLY C 21 -46.25 7.65 -52.65
C GLY C 21 -45.79 8.34 -53.93
N LEU C 22 -45.97 7.63 -55.05
CA LEU C 22 -45.46 8.12 -56.33
C LEU C 22 -46.46 7.85 -57.45
N LEU C 23 -46.68 8.88 -58.27
CA LEU C 23 -47.46 8.76 -59.50
C LEU C 23 -46.48 8.48 -60.63
N PHE C 24 -46.56 7.29 -61.23
CA PHE C 24 -45.62 6.90 -62.26
C PHE C 24 -46.14 7.32 -63.64
N PRO C 25 -45.52 8.28 -64.32
CA PRO C 25 -46.02 8.68 -65.64
C PRO C 25 -45.91 7.55 -66.64
N GLU C 26 -46.79 7.59 -67.65
CA GLU C 26 -46.71 6.57 -68.70
C GLU C 26 -45.51 6.78 -69.60
N GLU C 27 -45.14 8.04 -69.86
CA GLU C 27 -44.00 8.31 -70.72
C GLU C 27 -42.73 7.75 -70.11
N SER C 28 -42.56 7.92 -68.80
CA SER C 28 -41.43 7.39 -68.05
C SER C 28 -40.11 7.98 -68.56
N ALA C 29 -39.37 8.65 -67.68
CA ALA C 29 -38.02 9.07 -68.00
C ALA C 29 -37.06 7.90 -67.93
N GLU C 30 -37.17 7.12 -66.85
CA GLU C 30 -36.44 5.87 -66.68
C GLU C 30 -37.45 4.78 -66.35
N ASP C 31 -37.00 3.53 -66.43
CA ASP C 31 -37.87 2.39 -66.12
C ASP C 31 -37.47 1.79 -64.77
N GLN C 32 -37.49 2.62 -63.73
CA GLN C 32 -37.17 2.18 -62.38
C GLN C 32 -37.82 3.16 -61.40
N VAL C 33 -38.32 2.64 -60.30
CA VAL C 33 -38.90 3.45 -59.23
C VAL C 33 -38.27 3.03 -57.91
N THR C 34 -37.85 4.02 -57.12
CA THR C 34 -37.13 3.79 -55.87
C THR C 34 -37.95 4.33 -54.70
N LEU C 35 -38.56 3.43 -53.93
CA LEU C 35 -39.22 3.78 -52.68
C LEU C 35 -38.18 3.80 -51.57
N ALA C 36 -38.01 4.95 -50.93
CA ALA C 36 -36.92 5.15 -49.98
C ALA C 36 -37.26 4.52 -48.63
N CYS C 37 -36.21 4.08 -47.94
CA CYS C 37 -36.32 3.59 -46.58
C CYS C 37 -34.94 3.43 -45.97
N ARG C 38 -34.76 3.93 -44.75
CA ARG C 38 -33.44 4.00 -44.13
C ARG C 38 -33.63 4.12 -42.63
N ALA C 39 -32.78 3.43 -41.87
CA ALA C 39 -32.93 3.39 -40.42
C ALA C 39 -31.56 3.43 -39.75
N ARG C 40 -31.47 4.25 -38.71
CA ARG C 40 -30.30 4.26 -37.83
C ARG C 40 -30.41 3.11 -36.83
N ALA C 41 -29.40 2.25 -36.81
CA ALA C 41 -29.37 1.16 -35.83
C ALA C 41 -27.93 0.81 -35.51
N SER C 42 -27.59 0.77 -34.22
CA SER C 42 -26.23 0.43 -33.84
C SER C 42 -25.79 -0.90 -34.45
N PRO C 43 -26.50 -2.01 -34.23
CA PRO C 43 -26.29 -3.18 -35.07
C PRO C 43 -27.06 -3.02 -36.38
N PRO C 44 -26.35 -2.77 -37.50
CA PRO C 44 -27.03 -2.35 -38.73
C PRO C 44 -28.36 -3.04 -38.99
N ALA C 45 -29.37 -2.28 -39.37
CA ALA C 45 -30.72 -2.80 -39.49
C ALA C 45 -30.88 -3.56 -40.80
N THR C 46 -31.77 -4.55 -40.76
CA THR C 46 -32.20 -5.27 -41.95
C THR C 46 -33.58 -4.76 -42.35
N TYR C 47 -33.75 -4.47 -43.64
CA TYR C 47 -34.98 -3.90 -44.15
C TYR C 47 -35.77 -4.98 -44.88
N ARG C 48 -37.04 -5.11 -44.54
CA ARG C 48 -37.98 -5.97 -45.24
C ARG C 48 -39.03 -5.08 -45.89
N TRP C 49 -39.62 -5.56 -46.98
CA TRP C 49 -40.63 -4.80 -47.69
C TRP C 49 -41.89 -5.63 -47.84
N LYS C 50 -43.04 -4.99 -47.62
CA LYS C 50 -44.34 -5.66 -47.62
C LYS C 50 -45.28 -4.88 -48.51
N MET C 51 -45.73 -5.50 -49.60
CA MET C 51 -46.66 -4.91 -50.55
C MET C 51 -48.04 -5.51 -50.38
N ASN C 52 -49.05 -4.65 -50.35
CA ASN C 52 -50.44 -5.09 -50.22
C ASN C 52 -50.61 -6.02 -49.03
N GLY C 53 -49.80 -5.82 -48.00
CA GLY C 53 -49.88 -6.64 -46.80
C GLY C 53 -49.31 -8.04 -46.98
N THR C 54 -48.24 -8.17 -47.75
CA THR C 54 -47.62 -9.48 -47.97
C THR C 54 -46.13 -9.28 -48.24
N GLU C 55 -45.32 -10.17 -47.68
CA GLU C 55 -43.87 -10.06 -47.82
C GLU C 55 -43.48 -10.10 -49.28
N MET C 56 -42.36 -9.45 -49.60
CA MET C 56 -41.83 -9.41 -50.96
C MET C 56 -40.50 -10.15 -51.01
N ASN C 57 -40.39 -11.07 -51.97
CA ASN C 57 -39.16 -11.81 -52.20
C ASN C 57 -38.25 -10.94 -53.08
N LEU C 58 -37.18 -10.42 -52.49
CA LEU C 58 -36.32 -9.48 -53.22
C LEU C 58 -35.22 -10.20 -53.99
N GLU C 59 -34.67 -11.27 -53.44
CA GLU C 59 -33.64 -12.08 -54.10
C GLU C 59 -32.44 -11.24 -54.53
N PRO C 60 -31.32 -11.88 -54.87
CA PRO C 60 -30.15 -11.11 -55.31
C PRO C 60 -30.33 -10.46 -56.66
N GLY C 61 -30.95 -11.15 -57.61
CA GLY C 61 -31.05 -10.68 -58.98
C GLY C 61 -32.45 -10.43 -59.51
N SER C 62 -33.45 -10.49 -58.63
CA SER C 62 -34.84 -10.34 -59.06
C SER C 62 -35.19 -8.86 -59.30
N ARG C 63 -36.35 -8.67 -59.92
CA ARG C 63 -36.81 -7.32 -60.28
C ARG C 63 -37.00 -6.44 -59.05
N HIS C 64 -37.61 -6.98 -57.99
CA HIS C 64 -37.80 -6.20 -56.77
C HIS C 64 -36.48 -6.22 -56.00
N GLN C 65 -35.59 -5.31 -56.36
CA GLN C 65 -34.25 -5.26 -55.80
C GLN C 65 -34.21 -4.28 -54.64
N LEU C 66 -33.13 -4.36 -53.86
CA LEU C 66 -32.95 -3.47 -52.73
C LEU C 66 -31.56 -2.86 -52.77
N MET C 67 -31.47 -1.56 -52.49
CA MET C 67 -30.20 -0.85 -52.38
C MET C 67 -30.22 0.02 -51.14
N GLY C 68 -29.39 -0.34 -50.16
CA GLY C 68 -29.38 0.40 -48.90
C GLY C 68 -30.74 0.54 -48.26
N GLY C 69 -31.55 -0.52 -48.31
CA GLY C 69 -32.89 -0.49 -47.78
C GLY C 69 -33.94 0.06 -48.69
N ASN C 70 -33.55 0.86 -49.69
CA ASN C 70 -34.51 1.43 -50.63
C ASN C 70 -34.93 0.36 -51.62
N LEU C 71 -36.23 0.22 -51.83
CA LEU C 71 -36.76 -0.80 -52.75
C LEU C 71 -36.83 -0.23 -54.15
N VAL C 72 -36.17 -0.90 -55.10
CA VAL C 72 -36.14 -0.49 -56.50
C VAL C 72 -36.91 -1.51 -57.31
N ILE C 73 -37.97 -1.05 -57.98
CA ILE C 73 -38.75 -1.87 -58.90
C ILE C 73 -38.39 -1.45 -60.32
N MET C 74 -37.93 -2.42 -61.11
CA MET C 74 -37.52 -2.16 -62.49
C MET C 74 -38.71 -2.32 -63.42
N SER C 75 -38.79 -1.45 -64.42
CA SER C 75 -39.90 -1.43 -65.38
C SER C 75 -41.23 -1.54 -64.62
N PRO C 76 -41.58 -0.55 -63.80
CA PRO C 76 -42.81 -0.63 -63.02
C PRO C 76 -44.02 -0.91 -63.91
N THR C 77 -44.96 -1.69 -63.37
CA THR C 77 -46.15 -2.09 -64.11
C THR C 77 -47.39 -1.73 -63.31
N LYS C 78 -48.36 -1.10 -63.98
CA LYS C 78 -49.60 -0.71 -63.31
C LYS C 78 -50.41 -1.92 -62.86
N ALA C 79 -50.32 -3.03 -63.59
CA ALA C 79 -51.07 -4.23 -63.27
C ALA C 79 -50.36 -5.11 -62.25
N GLN C 80 -49.09 -4.86 -61.98
CA GLN C 80 -48.30 -5.70 -61.10
C GLN C 80 -47.79 -4.99 -59.86
N ASP C 81 -47.44 -3.71 -59.96
CA ASP C 81 -46.79 -2.99 -58.87
C ASP C 81 -47.65 -1.85 -58.31
N ALA C 82 -48.90 -1.73 -58.74
CA ALA C 82 -49.77 -0.68 -58.22
C ALA C 82 -50.30 -1.10 -56.86
N GLY C 83 -50.22 -0.19 -55.89
CA GLY C 83 -50.77 -0.46 -54.57
C GLY C 83 -49.85 0.05 -53.48
N VAL C 84 -50.05 -0.47 -52.28
CA VAL C 84 -49.40 0.05 -51.08
C VAL C 84 -48.08 -0.68 -50.85
N TYR C 85 -47.14 0.01 -50.22
CA TYR C 85 -45.83 -0.52 -49.87
C TYR C 85 -45.48 -0.07 -48.46
N GLN C 86 -44.86 -0.96 -47.70
CA GLN C 86 -44.50 -0.70 -46.32
C GLN C 86 -43.09 -1.22 -46.07
N CYS C 87 -42.32 -0.46 -45.30
CA CYS C 87 -40.96 -0.83 -44.94
C CYS C 87 -40.93 -1.27 -43.48
N LEU C 88 -40.20 -2.35 -43.22
CA LEU C 88 -40.05 -2.92 -41.89
C LEU C 88 -38.57 -2.95 -41.56
N ALA C 89 -38.13 -2.04 -40.70
CA ALA C 89 -36.74 -1.98 -40.27
C ALA C 89 -36.61 -2.78 -38.98
N SER C 90 -35.83 -3.86 -39.02
CA SER C 90 -35.73 -4.77 -37.90
C SER C 90 -34.27 -5.01 -37.56
N ASN C 91 -34.04 -5.43 -36.32
CA ASN C 91 -32.70 -5.70 -35.81
C ASN C 91 -32.82 -6.50 -34.52
N PRO C 92 -31.70 -6.90 -33.91
CA PRO C 92 -31.79 -7.72 -32.69
C PRO C 92 -32.75 -7.16 -31.64
N VAL C 93 -32.90 -5.84 -31.56
CA VAL C 93 -33.75 -5.26 -30.52
C VAL C 93 -35.22 -5.43 -30.87
N GLY C 94 -35.59 -5.28 -32.13
CA GLY C 94 -36.98 -5.39 -32.51
C GLY C 94 -37.21 -4.86 -33.92
N THR C 95 -38.49 -4.67 -34.24
CA THR C 95 -38.91 -4.27 -35.57
C THR C 95 -39.81 -3.05 -35.49
N VAL C 96 -39.73 -2.21 -36.52
CA VAL C 96 -40.53 -1.00 -36.61
C VAL C 96 -41.08 -0.87 -38.03
N VAL C 97 -42.33 -0.42 -38.12
CA VAL C 97 -43.03 -0.24 -39.39
C VAL C 97 -42.96 1.22 -39.81
N SER C 98 -42.93 1.44 -41.11
CA SER C 98 -42.91 2.78 -41.67
C SER C 98 -44.30 3.14 -42.20
N LYS C 99 -44.43 4.39 -42.63
CA LYS C 99 -45.67 4.80 -43.27
C LYS C 99 -45.96 3.92 -44.49
N GLU C 100 -47.22 3.89 -44.88
CA GLU C 100 -47.63 3.22 -46.12
C GLU C 100 -47.53 4.21 -47.26
N ALA C 101 -46.81 3.82 -48.32
CA ALA C 101 -46.64 4.66 -49.50
C ALA C 101 -47.32 3.99 -50.69
N VAL C 102 -48.15 4.73 -51.40
CA VAL C 102 -48.94 4.19 -52.49
C VAL C 102 -48.24 4.48 -53.80
N LEU C 103 -48.00 3.44 -54.59
CA LEU C 103 -47.53 3.56 -55.95
C LEU C 103 -48.75 3.54 -56.84
N ARG C 104 -49.02 4.67 -57.48
CA ARG C 104 -50.17 4.85 -58.36
C ARG C 104 -49.67 5.04 -59.78
N PHE C 105 -50.46 4.58 -60.75
CA PHE C 105 -50.11 4.62 -62.16
C PHE C 105 -51.18 5.41 -62.91
N GLY C 106 -50.80 6.56 -63.43
CA GLY C 106 -51.73 7.35 -64.22
C GLY C 106 -51.79 6.88 -65.66
N PHE C 107 -52.97 6.99 -66.25
CA PHE C 107 -53.21 6.49 -67.60
C PHE C 107 -54.56 6.99 -68.08
N LEU C 108 -54.97 6.53 -69.26
CA LEU C 108 -56.26 6.90 -69.85
C LEU C 108 -56.60 5.98 -71.01
N GLN C 109 -57.40 4.95 -70.77
CA GLN C 109 -57.81 4.06 -71.84
C GLN C 109 -58.74 4.80 -72.81
N GLU C 110 -59.05 4.15 -73.91
CA GLU C 110 -59.92 4.73 -74.93
C GLU C 110 -61.35 4.27 -74.70
N PHE C 111 -62.28 5.00 -75.29
CA PHE C 111 -63.70 4.71 -75.09
C PHE C 111 -64.04 3.34 -75.65
N SER C 112 -64.96 2.66 -74.97
CA SER C 112 -65.44 1.36 -75.43
C SER C 112 -65.97 1.48 -76.86
N LYS C 113 -65.56 0.52 -77.69
CA LYS C 113 -65.96 0.50 -79.09
C LYS C 113 -67.44 0.18 -79.27
N GLU C 114 -68.15 -0.13 -78.19
CA GLU C 114 -69.58 -0.42 -78.26
C GLU C 114 -70.33 0.79 -78.82
N GLU C 115 -71.24 0.54 -79.75
CA GLU C 115 -72.04 1.61 -80.34
C GLU C 115 -72.89 2.26 -79.27
N ARG C 116 -73.00 3.60 -79.33
CA ARG C 116 -73.70 4.36 -78.33
C ARG C 116 -75.08 4.75 -78.85
N ASP C 117 -76.10 4.54 -78.01
CA ASP C 117 -77.48 4.72 -78.42
C ASP C 117 -77.79 6.19 -78.70
N PRO C 118 -78.71 6.46 -79.64
CA PRO C 118 -79.17 7.83 -79.85
C PRO C 118 -80.17 8.25 -78.79
N VAL C 119 -80.32 9.57 -78.63
CA VAL C 119 -81.25 10.16 -77.67
C VAL C 119 -82.21 11.07 -78.42
N LYS C 120 -83.49 10.99 -78.06
CA LYS C 120 -84.53 11.74 -78.75
C LYS C 120 -85.50 12.36 -77.76
N THR C 121 -85.85 13.62 -77.99
CA THR C 121 -86.83 14.33 -77.18
C THR C 121 -87.47 15.41 -78.04
N HIS C 122 -88.49 16.06 -77.48
CA HIS C 122 -89.12 17.18 -78.17
C HIS C 122 -88.21 18.40 -78.14
N GLU C 123 -88.11 19.09 -79.27
CA GLU C 123 -87.33 20.31 -79.33
C GLU C 123 -87.88 21.33 -78.34
N GLY C 124 -86.98 22.06 -77.69
CA GLY C 124 -87.35 22.99 -76.66
C GLY C 124 -87.27 22.43 -75.26
N TRP C 125 -87.14 21.11 -75.12
CA TRP C 125 -86.93 20.49 -73.82
C TRP C 125 -85.43 20.50 -73.47
N GLY C 126 -85.15 20.14 -72.22
CA GLY C 126 -83.78 19.90 -71.82
C GLY C 126 -83.41 18.44 -71.95
N VAL C 127 -82.11 18.16 -72.01
CA VAL C 127 -81.65 16.81 -72.26
C VAL C 127 -80.25 16.62 -71.66
N MET C 128 -79.88 15.36 -71.44
CA MET C 128 -78.56 14.99 -70.97
C MET C 128 -77.99 13.92 -71.90
N LEU C 129 -76.76 14.13 -72.34
CA LEU C 129 -76.02 13.17 -73.13
C LEU C 129 -74.91 12.58 -72.27
N PRO C 130 -74.89 11.27 -72.05
CA PRO C 130 -73.88 10.70 -71.15
C PRO C 130 -72.55 10.49 -71.84
N CYS C 131 -71.48 10.68 -71.07
CA CYS C 131 -70.12 10.46 -71.55
C CYS C 131 -69.65 9.03 -71.29
N ASN C 132 -69.87 8.52 -70.09
CA ASN C 132 -69.43 7.19 -69.70
C ASN C 132 -67.95 7.03 -70.03
N PRO C 133 -67.08 7.76 -69.34
CA PRO C 133 -65.66 7.78 -69.72
C PRO C 133 -64.97 6.48 -69.32
N PRO C 134 -63.79 6.23 -69.88
CA PRO C 134 -63.08 4.97 -69.58
C PRO C 134 -62.26 5.08 -68.29
N ALA C 135 -61.73 3.92 -67.89
CA ALA C 135 -60.92 3.86 -66.68
C ALA C 135 -59.72 4.79 -66.78
N HIS C 136 -59.41 5.46 -65.68
CA HIS C 136 -58.36 6.45 -65.62
C HIS C 136 -58.07 6.74 -64.16
N TYR C 137 -56.79 6.99 -63.84
CA TYR C 137 -56.52 7.43 -62.48
C TYR C 137 -56.55 8.95 -62.41
N PRO C 138 -55.61 9.66 -63.04
CA PRO C 138 -55.52 11.10 -62.81
C PRO C 138 -56.77 11.80 -63.34
N GLY C 139 -57.20 12.84 -62.63
CA GLY C 139 -58.36 13.61 -63.02
C GLY C 139 -58.40 13.95 -64.50
N LEU C 140 -59.59 14.18 -65.04
CA LEU C 140 -59.79 14.40 -66.45
C LEU C 140 -60.57 15.69 -66.67
N SER C 141 -60.43 16.24 -67.88
CA SER C 141 -61.20 17.38 -68.33
C SER C 141 -62.07 16.94 -69.50
N TYR C 142 -63.38 17.04 -69.32
CA TYR C 142 -64.35 16.53 -70.29
C TYR C 142 -64.86 17.67 -71.15
N ARG C 143 -64.79 17.50 -72.47
CA ARG C 143 -65.39 18.40 -73.44
C ARG C 143 -66.23 17.55 -74.39
N TRP C 144 -66.94 18.21 -75.31
CA TRP C 144 -67.79 17.49 -76.24
C TRP C 144 -67.60 18.02 -77.65
N LEU C 145 -67.78 17.12 -78.61
CA LEU C 145 -67.57 17.39 -80.02
C LEU C 145 -68.88 17.22 -80.77
N LEU C 146 -69.07 18.04 -81.79
CA LEU C 146 -70.27 18.03 -82.61
C LEU C 146 -69.93 17.55 -84.02
N ASN C 147 -70.53 16.43 -84.42
CA ASN C 147 -70.39 15.89 -85.77
C ASN C 147 -69.00 15.32 -86.03
N GLU C 148 -68.00 16.18 -86.21
CA GLU C 148 -66.64 15.76 -86.54
C GLU C 148 -65.70 16.09 -85.37
N PHE C 149 -64.51 15.49 -85.41
CA PHE C 149 -63.59 15.62 -84.28
C PHE C 149 -63.13 17.05 -84.04
N PRO C 150 -62.57 17.76 -85.01
CA PRO C 150 -62.05 19.10 -84.70
C PRO C 150 -63.08 20.02 -84.06
N ASN C 151 -64.32 19.97 -84.53
CA ASN C 151 -65.36 20.88 -84.06
C ASN C 151 -65.72 20.62 -82.60
N PHE C 152 -65.96 21.70 -81.85
CA PHE C 152 -66.29 21.63 -80.44
C PHE C 152 -67.69 22.19 -80.21
N ILE C 153 -68.28 21.79 -79.10
CA ILE C 153 -69.62 22.31 -78.73
C ILE C 153 -69.52 23.79 -78.42
N PRO C 154 -70.51 24.60 -78.78
CA PRO C 154 -70.51 26.01 -78.35
C PRO C 154 -70.82 26.13 -76.86
N THR C 155 -69.83 26.62 -76.11
CA THR C 155 -70.02 26.89 -74.68
C THR C 155 -70.60 28.29 -74.54
N ASP C 156 -71.84 28.38 -74.06
CA ASP C 156 -72.56 29.64 -74.08
C ASP C 156 -73.45 29.89 -72.87
N GLY C 157 -73.85 28.86 -72.11
CA GLY C 157 -74.73 29.02 -70.96
C GLY C 157 -75.98 28.16 -71.06
N ARG C 158 -76.41 27.84 -72.28
CA ARG C 158 -77.47 26.87 -72.47
C ARG C 158 -76.95 25.45 -72.42
N HIS C 159 -75.64 25.26 -72.64
CA HIS C 159 -74.97 23.99 -72.51
C HIS C 159 -74.09 24.00 -71.27
N PHE C 160 -73.88 22.82 -70.69
CA PHE C 160 -73.01 22.69 -69.52
C PHE C 160 -72.44 21.28 -69.47
N VAL C 161 -71.12 21.18 -69.45
CA VAL C 161 -70.43 19.89 -69.40
C VAL C 161 -69.99 19.64 -67.97
N SER C 162 -70.54 18.58 -67.37
CA SER C 162 -70.17 18.20 -66.01
C SER C 162 -68.75 17.63 -66.03
N GLN C 163 -67.88 18.22 -65.22
CA GLN C 163 -66.49 17.78 -65.13
C GLN C 163 -66.28 16.74 -64.04
N THR C 164 -67.33 16.06 -63.62
CA THR C 164 -67.25 14.91 -62.74
C THR C 164 -67.78 13.65 -63.39
N THR C 165 -68.94 13.72 -64.02
CA THR C 165 -69.52 12.61 -64.76
C THR C 165 -69.24 12.70 -66.25
N GLY C 166 -68.74 13.83 -66.73
CA GLY C 166 -68.49 14.02 -68.14
C GLY C 166 -69.72 14.32 -68.97
N ASN C 167 -70.92 14.18 -68.40
CA ASN C 167 -72.14 14.32 -69.17
C ASN C 167 -72.27 15.74 -69.75
N LEU C 168 -73.25 15.90 -70.63
CA LEU C 168 -73.52 17.17 -71.30
C LEU C 168 -74.99 17.48 -71.11
N TYR C 169 -75.29 18.60 -70.45
CA TYR C 169 -76.65 19.03 -70.16
C TYR C 169 -77.00 20.21 -71.04
N ILE C 170 -78.10 20.09 -71.79
CA ILE C 170 -78.65 21.18 -72.58
C ILE C 170 -79.94 21.63 -71.89
N ALA C 171 -79.99 22.90 -71.51
CA ALA C 171 -81.15 23.42 -70.80
C ALA C 171 -82.38 23.44 -71.70
N ARG C 172 -82.28 24.06 -72.87
CA ARG C 172 -83.38 24.09 -73.83
C ARG C 172 -82.84 23.61 -75.18
N THR C 173 -83.30 22.43 -75.60
CA THR C 173 -82.92 21.87 -76.90
C THR C 173 -83.48 22.75 -78.01
N ASN C 174 -82.62 23.59 -78.58
CA ASN C 174 -83.00 24.49 -79.66
C ASN C 174 -82.69 23.82 -80.99
N ALA C 175 -83.33 24.31 -82.05
CA ALA C 175 -83.27 23.65 -83.36
C ALA C 175 -81.85 23.39 -83.84
N SER C 176 -80.88 24.22 -83.45
CA SER C 176 -79.52 24.04 -83.93
C SER C 176 -78.77 22.92 -83.23
N ASP C 177 -79.36 22.31 -82.20
CA ASP C 177 -78.72 21.23 -81.46
C ASP C 177 -78.96 19.87 -82.09
N LEU C 178 -79.54 19.82 -83.28
CA LEU C 178 -79.81 18.56 -83.98
C LEU C 178 -78.53 18.08 -84.66
N GLY C 179 -77.92 17.04 -84.10
CA GLY C 179 -76.68 16.53 -84.67
C GLY C 179 -76.09 15.43 -83.82
N ASN C 180 -74.82 15.15 -84.07
CA ASN C 180 -74.10 14.09 -83.39
C ASN C 180 -73.13 14.67 -82.37
N TYR C 181 -73.06 14.02 -81.21
CA TYR C 181 -72.33 14.50 -80.06
C TYR C 181 -71.46 13.38 -79.52
N SER C 182 -70.17 13.66 -79.31
CA SER C 182 -69.25 12.70 -78.72
C SER C 182 -68.52 13.35 -77.55
N CYS C 183 -68.04 12.50 -76.65
CA CYS C 183 -67.32 12.96 -75.47
C CYS C 183 -65.82 12.90 -75.73
N LEU C 184 -65.08 13.81 -75.11
CA LEU C 184 -63.63 13.89 -75.26
C LEU C 184 -63.02 14.14 -73.90
N ALA C 185 -62.25 13.17 -73.41
CA ALA C 185 -61.56 13.28 -72.15
C ALA C 185 -60.10 13.65 -72.40
N THR C 186 -59.61 14.67 -71.69
CA THR C 186 -58.23 15.09 -71.76
C THR C 186 -57.61 14.93 -70.39
N SER C 187 -56.60 14.06 -70.30
CA SER C 187 -55.91 13.78 -69.05
C SER C 187 -54.72 14.73 -68.95
N HIS C 188 -54.56 15.37 -67.79
CA HIS C 188 -53.43 16.25 -67.56
C HIS C 188 -52.87 15.96 -66.17
N LEU C 189 -51.61 15.53 -66.14
CA LEU C 189 -50.86 15.28 -64.90
C LEU C 189 -49.53 16.01 -65.00
N ASP C 190 -48.50 15.54 -64.28
CA ASP C 190 -47.21 16.21 -64.31
C ASP C 190 -46.84 16.60 -65.74
N PHE C 191 -46.83 15.62 -66.64
CA PHE C 191 -46.79 15.88 -68.07
C PHE C 191 -47.65 14.84 -68.76
N SER C 192 -48.70 15.30 -69.43
CA SER C 192 -49.53 14.42 -70.24
C SER C 192 -50.52 15.26 -71.03
N THR C 193 -50.55 15.04 -72.34
CA THR C 193 -51.47 15.74 -73.23
C THR C 193 -52.46 14.77 -73.88
N LYS C 194 -52.48 13.52 -73.44
CA LYS C 194 -53.31 12.51 -74.10
C LYS C 194 -54.77 12.91 -74.03
N SER C 195 -55.47 12.69 -75.13
CA SER C 195 -56.88 13.04 -75.26
C SER C 195 -57.55 11.97 -76.10
N VAL C 196 -58.69 11.49 -75.64
CA VAL C 196 -59.41 10.42 -76.34
C VAL C 196 -60.89 10.78 -76.38
N PHE C 197 -61.51 10.58 -77.53
CA PHE C 197 -62.92 10.87 -77.70
C PHE C 197 -63.68 9.59 -78.04
N SER C 198 -64.99 9.65 -77.88
CA SER C 198 -65.86 8.49 -77.95
C SER C 198 -66.60 8.43 -79.28
N LYS C 199 -67.20 7.27 -79.54
CA LYS C 199 -68.08 7.14 -80.70
C LYS C 199 -69.23 8.12 -80.58
N PHE C 200 -69.63 8.69 -81.72
CA PHE C 200 -70.62 9.75 -81.73
C PHE C 200 -72.01 9.19 -81.45
N ALA C 201 -72.66 9.70 -80.41
CA ALA C 201 -74.08 9.48 -80.24
C ALA C 201 -74.85 10.50 -81.09
N GLN C 202 -76.16 10.32 -81.18
CA GLN C 202 -76.99 11.12 -82.07
C GLN C 202 -78.16 11.70 -81.29
N LEU C 203 -78.49 12.97 -81.56
CA LEU C 203 -79.59 13.65 -80.90
C LEU C 203 -80.69 13.91 -81.92
N ASN C 204 -81.87 13.35 -81.68
CA ASN C 204 -83.01 13.49 -82.56
C ASN C 204 -84.03 14.41 -81.90
N LEU C 205 -84.54 15.38 -82.67
CA LEU C 205 -85.42 16.41 -82.15
C LEU C 205 -86.76 16.33 -82.89
N ALA C 206 -87.82 16.03 -82.15
CA ALA C 206 -89.16 15.98 -82.73
C ALA C 206 -89.71 17.39 -82.87
N ALA C 207 -91.02 17.51 -83.05
CA ALA C 207 -91.63 18.83 -83.15
C ALA C 207 -91.35 19.63 -81.89
N GLU C 208 -91.35 20.95 -82.03
CA GLU C 208 -91.03 21.83 -80.92
C GLU C 208 -92.14 21.81 -79.87
N ASP C 209 -91.78 22.15 -78.64
CA ASP C 209 -92.74 22.30 -77.55
C ASP C 209 -92.42 23.62 -76.87
N PRO C 210 -93.01 24.73 -77.34
CA PRO C 210 -92.67 26.05 -76.79
C PRO C 210 -93.22 26.29 -75.40
N ARG C 211 -94.05 25.40 -74.86
CA ARG C 211 -94.59 25.60 -73.52
C ARG C 211 -93.43 25.81 -72.54
N LEU C 212 -93.55 26.85 -71.71
CA LEU C 212 -92.48 27.15 -70.78
C LEU C 212 -92.37 26.04 -69.74
N PHE C 213 -91.13 25.80 -69.32
CA PHE C 213 -90.80 24.71 -68.41
C PHE C 213 -90.34 25.32 -67.09
N ALA C 214 -90.91 24.85 -66.00
CA ALA C 214 -90.42 25.27 -64.69
C ALA C 214 -89.02 24.72 -64.47
N PRO C 215 -88.11 25.51 -63.93
CA PRO C 215 -86.71 25.05 -63.85
C PRO C 215 -86.59 23.83 -62.94
N SER C 216 -85.89 22.81 -63.42
CA SER C 216 -85.67 21.59 -62.65
C SER C 216 -84.18 21.25 -62.68
N ILE C 217 -83.56 21.21 -61.51
CA ILE C 217 -82.14 20.88 -61.41
C ILE C 217 -81.98 19.38 -61.60
N LYS C 218 -81.13 19.01 -62.56
CA LYS C 218 -80.84 17.61 -62.81
C LYS C 218 -79.35 17.28 -62.70
N ALA C 219 -78.47 18.27 -62.88
CA ALA C 219 -77.05 18.11 -62.60
C ALA C 219 -76.83 18.68 -61.21
N ARG C 220 -76.79 17.79 -60.22
CA ARG C 220 -76.68 18.17 -58.81
C ARG C 220 -75.27 17.94 -58.29
N PHE C 221 -75.03 18.44 -57.09
CA PHE C 221 -73.81 18.18 -56.34
C PHE C 221 -74.12 17.36 -55.10
N PRO C 222 -73.15 16.62 -54.57
CA PRO C 222 -73.45 15.65 -53.53
C PRO C 222 -73.97 16.33 -52.28
N PRO C 223 -74.83 15.65 -51.50
CA PRO C 223 -75.29 16.25 -50.24
C PRO C 223 -74.17 16.43 -49.24
N GLU C 224 -73.16 15.56 -49.25
CA GLU C 224 -72.02 15.65 -48.36
C GLU C 224 -70.75 15.55 -49.20
N THR C 225 -69.93 16.60 -49.16
CA THR C 225 -68.68 16.66 -49.91
C THR C 225 -67.55 16.87 -48.91
N TYR C 226 -66.71 15.86 -48.73
CA TYR C 226 -65.62 15.89 -47.76
C TYR C 226 -64.32 16.34 -48.42
N ALA C 227 -63.68 17.33 -47.83
CA ALA C 227 -62.42 17.85 -48.33
C ALA C 227 -61.54 18.25 -47.16
N LEU C 228 -60.24 18.33 -47.42
CA LEU C 228 -59.24 18.69 -46.41
C LEU C 228 -58.79 20.13 -46.59
N VAL C 229 -58.32 20.73 -45.49
CA VAL C 229 -57.86 22.11 -45.56
C VAL C 229 -56.73 22.22 -46.57
N GLY C 230 -56.72 23.33 -47.30
CA GLY C 230 -55.76 23.54 -48.38
C GLY C 230 -56.17 22.94 -49.71
N GLN C 231 -57.11 22.01 -49.72
CA GLN C 231 -57.60 21.41 -50.95
C GLN C 231 -58.57 22.34 -51.66
N GLN C 232 -58.86 22.03 -52.92
CA GLN C 232 -59.87 22.73 -53.71
C GLN C 232 -61.11 21.87 -53.83
N VAL C 233 -62.28 22.50 -53.80
CA VAL C 233 -63.55 21.79 -53.97
C VAL C 233 -64.40 22.51 -55.00
N THR C 234 -65.25 21.74 -55.68
CA THR C 234 -66.10 22.28 -56.74
C THR C 234 -67.48 21.65 -56.67
N LEU C 235 -68.50 22.50 -56.69
CA LEU C 235 -69.90 22.09 -56.67
C LEU C 235 -70.56 22.42 -58.00
N GLU C 236 -71.32 21.46 -58.53
CA GLU C 236 -72.00 21.61 -59.81
C GLU C 236 -73.50 21.66 -59.60
N CYS C 237 -74.17 22.48 -60.40
CA CYS C 237 -75.62 22.69 -60.25
C CYS C 237 -76.15 23.22 -61.58
N PHE C 238 -76.98 22.44 -62.26
CA PHE C 238 -77.54 22.86 -63.54
C PHE C 238 -78.95 22.31 -63.69
N ALA C 239 -79.78 23.07 -64.39
CA ALA C 239 -81.21 22.78 -64.47
C ALA C 239 -81.72 23.01 -65.89
N PHE C 240 -82.83 22.35 -66.18
CA PHE C 240 -83.57 22.54 -67.41
C PHE C 240 -84.66 23.59 -67.19
N GLY C 241 -84.69 24.60 -68.04
CA GLY C 241 -85.74 25.60 -68.01
C GLY C 241 -85.88 26.33 -69.33
N ASN C 242 -87.08 26.35 -69.89
CA ASN C 242 -87.29 26.96 -71.20
C ASN C 242 -86.77 28.39 -71.26
N PRO C 243 -87.05 29.26 -70.28
CA PRO C 243 -86.22 30.45 -70.13
C PRO C 243 -84.92 30.07 -69.45
N VAL C 244 -83.79 30.49 -70.04
CA VAL C 244 -82.47 30.10 -69.57
C VAL C 244 -82.40 30.28 -68.05
N PRO C 245 -82.43 29.19 -67.27
CA PRO C 245 -82.44 29.35 -65.82
C PRO C 245 -81.15 30.03 -65.34
N ARG C 246 -81.32 31.01 -64.47
CA ARG C 246 -80.19 31.70 -63.85
C ARG C 246 -79.77 30.95 -62.59
N ILE C 247 -78.48 30.73 -62.43
CA ILE C 247 -77.94 29.93 -61.33
C ILE C 247 -77.29 30.88 -60.32
N LYS C 248 -77.71 30.76 -59.06
CA LYS C 248 -77.16 31.54 -57.96
C LYS C 248 -76.71 30.61 -56.85
N TRP C 249 -75.60 30.96 -56.21
CA TRP C 249 -75.04 30.19 -55.11
C TRP C 249 -75.10 30.99 -53.82
N ARG C 250 -75.34 30.31 -52.71
CA ARG C 250 -75.30 30.97 -51.41
C ARG C 250 -74.94 29.94 -50.35
N LYS C 251 -74.57 30.43 -49.17
CA LYS C 251 -74.26 29.59 -48.02
C LYS C 251 -75.29 29.85 -46.93
N VAL C 252 -75.87 28.77 -46.41
CA VAL C 252 -76.95 28.90 -45.42
C VAL C 252 -76.42 29.66 -44.22
N ASP C 253 -76.99 30.84 -43.96
CA ASP C 253 -76.52 31.71 -42.87
C ASP C 253 -75.03 31.97 -42.98
N GLY C 254 -74.57 32.22 -44.21
CA GLY C 254 -73.18 32.50 -44.47
C GLY C 254 -72.99 33.65 -45.45
N SER C 255 -71.99 34.49 -45.19
CA SER C 255 -71.72 35.64 -46.05
C SER C 255 -71.16 35.25 -47.40
N LEU C 256 -70.53 34.08 -47.51
CA LEU C 256 -69.86 33.69 -48.75
C LEU C 256 -68.70 34.64 -48.99
N SER C 257 -68.10 34.60 -50.17
CA SER C 257 -66.93 35.41 -50.46
C SER C 257 -67.18 36.33 -51.64
N PRO C 258 -66.67 37.57 -51.61
CA PRO C 258 -66.87 38.46 -52.77
C PRO C 258 -66.04 38.06 -53.97
N GLN C 259 -64.86 37.48 -53.78
CA GLN C 259 -64.02 37.11 -54.91
C GLN C 259 -64.73 36.10 -55.82
N TRP C 260 -65.44 35.16 -55.24
CA TRP C 260 -66.17 34.17 -56.02
C TRP C 260 -67.31 34.82 -56.78
N GLY C 261 -67.43 34.53 -58.08
CA GLY C 261 -68.49 35.11 -58.87
C GLY C 261 -69.87 34.67 -58.42
N THR C 262 -70.04 33.37 -58.20
CA THR C 262 -71.30 32.78 -57.74
C THR C 262 -72.43 32.98 -58.74
N ALA C 263 -72.10 33.23 -60.01
CA ALA C 263 -73.10 33.42 -61.05
C ALA C 263 -73.14 32.27 -62.06
N GLU C 264 -72.10 31.46 -62.12
CA GLU C 264 -72.00 30.34 -63.05
C GLU C 264 -72.51 29.07 -62.39
N PRO C 265 -72.77 28.02 -63.17
CA PRO C 265 -73.26 26.76 -62.58
C PRO C 265 -72.28 26.11 -61.63
N THR C 266 -70.99 26.42 -61.73
CA THR C 266 -69.94 25.79 -60.94
C THR C 266 -69.45 26.73 -59.86
N LEU C 267 -69.57 26.31 -58.60
CA LEU C 267 -68.99 27.04 -57.48
C LEU C 267 -67.64 26.43 -57.12
N GLN C 268 -66.61 27.27 -57.07
CA GLN C 268 -65.22 26.82 -56.90
C GLN C 268 -64.64 27.43 -55.64
N ILE C 269 -64.18 26.59 -54.72
CA ILE C 269 -63.46 27.05 -53.54
C ILE C 269 -62.02 26.53 -53.63
N PRO C 270 -61.07 27.36 -54.06
CA PRO C 270 -59.66 26.94 -53.99
C PRO C 270 -59.09 27.21 -52.62
N SER C 271 -58.31 26.26 -52.11
CA SER C 271 -57.72 26.33 -50.78
C SER C 271 -58.82 26.48 -49.73
N VAL C 272 -59.69 25.46 -49.66
CA VAL C 272 -60.80 25.46 -48.72
C VAL C 272 -60.25 25.61 -47.31
N SER C 273 -60.74 26.63 -46.60
CA SER C 273 -60.40 26.79 -45.19
C SER C 273 -61.48 26.11 -44.35
N PHE C 274 -61.21 26.02 -43.04
CA PHE C 274 -62.19 25.42 -42.14
C PHE C 274 -63.45 26.27 -42.07
N GLU C 275 -63.32 27.60 -42.22
CA GLU C 275 -64.48 28.47 -42.13
C GLU C 275 -65.43 28.26 -43.32
N ASP C 276 -64.91 27.82 -44.47
CA ASP C 276 -65.78 27.56 -45.61
C ASP C 276 -66.67 26.34 -45.39
N GLU C 277 -66.49 25.61 -44.29
CA GLU C 277 -67.38 24.50 -43.98
C GLU C 277 -68.81 24.98 -43.80
N GLY C 278 -69.76 24.07 -44.02
CA GLY C 278 -71.15 24.35 -43.77
C GLY C 278 -72.02 24.01 -44.96
N THR C 279 -73.27 24.45 -44.89
CA THR C 279 -74.27 24.10 -45.89
C THR C 279 -74.34 25.15 -46.99
N TYR C 280 -74.44 24.68 -48.23
CA TYR C 280 -74.51 25.51 -49.42
C TYR C 280 -75.80 25.20 -50.17
N GLU C 281 -76.35 26.21 -50.83
CA GLU C 281 -77.59 26.08 -51.59
C GLU C 281 -77.43 26.73 -52.96
N CYS C 282 -77.90 26.02 -53.99
CA CYS C 282 -77.97 26.50 -55.36
C CYS C 282 -79.42 26.73 -55.76
N GLU C 283 -79.64 27.81 -56.51
CA GLU C 283 -80.98 28.22 -56.94
C GLU C 283 -81.00 28.46 -58.43
N ALA C 284 -81.91 27.78 -59.13
CA ALA C 284 -82.18 28.02 -60.55
C ALA C 284 -83.48 28.80 -60.65
N GLU C 285 -83.40 30.01 -61.19
CA GLU C 285 -84.51 30.96 -61.19
C GLU C 285 -84.82 31.45 -62.60
N ASN C 286 -86.12 31.55 -62.90
CA ASN C 286 -86.58 32.17 -64.13
C ASN C 286 -88.02 32.64 -63.92
N SER C 287 -88.51 33.44 -64.89
CA SER C 287 -89.81 34.10 -64.74
C SER C 287 -90.90 33.13 -64.30
N LYS C 288 -90.84 31.88 -64.76
CA LYS C 288 -91.92 30.93 -64.52
C LYS C 288 -91.71 30.05 -63.30
N GLY C 289 -90.57 30.13 -62.63
CA GLY C 289 -90.40 29.35 -61.41
C GLY C 289 -89.00 29.45 -60.86
N ARG C 290 -88.76 28.63 -59.85
CA ARG C 290 -87.46 28.58 -59.20
C ARG C 290 -87.37 27.26 -58.43
N ASP C 291 -86.17 26.71 -58.37
CA ASP C 291 -85.92 25.50 -57.59
C ASP C 291 -84.56 25.61 -56.91
N THR C 292 -84.37 24.81 -55.87
CA THR C 292 -83.14 24.87 -55.08
C THR C 292 -82.66 23.47 -54.75
N VAL C 293 -81.36 23.39 -54.44
CA VAL C 293 -80.73 22.14 -54.01
C VAL C 293 -79.64 22.48 -53.01
N GLN C 294 -79.53 21.67 -51.95
CA GLN C 294 -78.62 21.94 -50.84
C GLN C 294 -77.64 20.79 -50.63
N GLY C 295 -76.53 21.12 -49.99
CA GLY C 295 -75.54 20.10 -49.62
C GLY C 295 -74.43 20.73 -48.79
N ARG C 296 -73.77 19.87 -48.01
CA ARG C 296 -72.78 20.33 -47.05
C ARG C 296 -71.35 20.12 -47.55
N ILE C 297 -70.52 21.13 -47.35
CA ILE C 297 -69.07 21.01 -47.43
C ILE C 297 -68.56 20.72 -46.02
N ILE C 298 -68.03 19.53 -45.81
CA ILE C 298 -67.52 19.10 -44.50
C ILE C 298 -65.99 19.10 -44.58
N VAL C 299 -65.37 20.06 -43.92
CA VAL C 299 -63.91 20.17 -43.92
C VAL C 299 -63.34 19.15 -42.93
N GLN C 300 -62.24 18.50 -43.32
CA GLN C 300 -61.62 17.47 -42.51
C GLN C 300 -60.10 17.70 -42.48
N ALA C 301 -59.40 16.80 -41.79
CA ALA C 301 -57.96 16.93 -41.61
C ALA C 301 -57.37 15.54 -41.38
N GLN C 302 -56.09 15.42 -41.72
CA GLN C 302 -55.37 14.17 -41.50
C GLN C 302 -54.89 14.08 -40.05
N PRO C 303 -54.50 12.88 -39.61
CA PRO C 303 -53.99 12.74 -38.24
C PRO C 303 -52.67 13.47 -38.07
N GLU C 304 -52.47 14.03 -36.88
CA GLU C 304 -51.18 14.62 -36.52
C GLU C 304 -50.96 14.43 -35.02
N TRP C 305 -49.74 14.06 -34.66
CA TRP C 305 -49.46 13.69 -33.27
C TRP C 305 -49.57 14.89 -32.35
N LEU C 306 -49.73 14.61 -31.06
CA LEU C 306 -49.79 15.64 -30.03
C LEU C 306 -48.90 15.23 -28.86
N LYS C 307 -49.06 13.97 -28.43
CA LYS C 307 -48.18 13.35 -27.45
C LYS C 307 -47.89 11.94 -27.95
N VAL C 308 -46.64 11.49 -27.75
CA VAL C 308 -46.20 10.18 -28.22
C VAL C 308 -45.22 9.60 -27.21
N ILE C 309 -44.87 8.34 -27.42
CA ILE C 309 -43.99 7.61 -26.52
C ILE C 309 -42.55 7.97 -26.80
N SER C 310 -41.64 7.57 -25.92
CA SER C 310 -40.23 7.88 -26.05
C SER C 310 -39.41 6.72 -25.52
N ASP C 311 -38.16 6.62 -25.99
CA ASP C 311 -37.25 5.60 -25.49
C ASP C 311 -37.18 5.66 -23.97
N THR C 312 -37.36 4.51 -23.33
CA THR C 312 -37.47 4.45 -21.88
C THR C 312 -36.74 3.24 -21.34
N GLU C 313 -36.06 3.45 -20.21
CA GLU C 313 -35.49 2.39 -19.38
C GLU C 313 -36.32 2.25 -18.12
N ALA C 314 -36.71 1.03 -17.79
CA ALA C 314 -37.55 0.78 -16.62
C ALA C 314 -37.03 -0.45 -15.88
N ASP C 315 -37.09 -0.39 -14.55
CA ASP C 315 -36.61 -1.50 -13.73
C ASP C 315 -37.55 -2.69 -13.82
N ILE C 316 -37.01 -3.87 -13.52
CA ILE C 316 -37.81 -5.09 -13.59
C ILE C 316 -39.01 -4.98 -12.65
N GLY C 317 -40.16 -5.47 -13.12
CA GLY C 317 -41.35 -5.47 -12.31
C GLY C 317 -41.92 -4.09 -12.04
N SER C 318 -41.74 -3.16 -12.97
CA SER C 318 -42.26 -1.80 -12.79
C SER C 318 -43.63 -1.66 -13.44
N ASN C 319 -44.29 -0.55 -13.12
CA ASN C 319 -45.55 -0.17 -13.74
C ASN C 319 -45.29 1.02 -14.67
N LEU C 320 -45.69 0.88 -15.93
CA LEU C 320 -45.35 1.86 -16.96
C LEU C 320 -46.61 2.28 -17.70
N ARG C 321 -46.88 3.58 -17.72
CA ARG C 321 -48.01 4.17 -18.43
C ARG C 321 -47.49 4.90 -19.66
N TRP C 322 -47.85 4.42 -20.84
CA TRP C 322 -47.52 5.07 -22.10
C TRP C 322 -48.79 5.65 -22.70
N GLY C 323 -48.66 6.82 -23.33
CA GLY C 323 -49.80 7.48 -23.93
C GLY C 323 -49.47 8.16 -25.24
N CYS C 324 -50.30 7.93 -26.27
CA CYS C 324 -50.16 8.60 -27.55
C CYS C 324 -51.48 9.25 -27.90
N ALA C 325 -51.44 10.53 -28.29
CA ALA C 325 -52.61 11.29 -28.64
C ALA C 325 -52.43 11.94 -30.01
N ALA C 326 -53.53 12.05 -30.75
CA ALA C 326 -53.51 12.58 -32.10
C ALA C 326 -54.72 13.47 -32.33
N ALA C 327 -54.59 14.36 -33.30
CA ALA C 327 -55.65 15.27 -33.69
C ALA C 327 -56.04 15.02 -35.15
N GLY C 328 -57.31 15.26 -35.44
CA GLY C 328 -57.86 15.06 -36.78
C GLY C 328 -59.37 15.15 -36.77
N LYS C 329 -59.96 15.76 -37.80
CA LYS C 329 -61.40 16.01 -37.78
C LYS C 329 -62.19 14.72 -37.58
N PRO C 330 -62.00 13.65 -38.37
CA PRO C 330 -62.47 12.34 -37.92
C PRO C 330 -61.56 11.80 -36.83
N ARG C 331 -62.04 11.80 -35.58
CA ARG C 331 -61.22 11.47 -34.42
C ARG C 331 -60.31 10.28 -34.71
N PRO C 332 -59.00 10.49 -34.81
CA PRO C 332 -58.11 9.35 -35.09
C PRO C 332 -58.16 8.32 -33.99
N MET C 333 -58.43 7.07 -34.37
CA MET C 333 -58.35 5.94 -33.46
C MET C 333 -56.92 5.44 -33.39
N VAL C 334 -56.46 5.16 -32.16
CA VAL C 334 -55.08 4.79 -31.89
C VAL C 334 -55.00 3.29 -31.68
N ARG C 335 -53.94 2.68 -32.20
CA ARG C 335 -53.66 1.26 -32.06
C ARG C 335 -52.18 1.11 -31.69
N TRP C 336 -51.80 -0.10 -31.30
CA TRP C 336 -50.44 -0.36 -30.85
C TRP C 336 -49.83 -1.52 -31.61
N LEU C 337 -48.51 -1.47 -31.76
CA LEU C 337 -47.73 -2.50 -32.43
C LEU C 337 -46.53 -2.85 -31.57
N ARG C 338 -46.26 -4.15 -31.42
CA ARG C 338 -45.09 -4.64 -30.71
C ARG C 338 -44.20 -5.34 -31.73
N ASN C 339 -43.03 -4.77 -32.00
CA ASN C 339 -42.10 -5.31 -32.99
C ASN C 339 -42.80 -5.53 -34.33
N GLY C 340 -43.62 -4.57 -34.74
CA GLY C 340 -44.29 -4.66 -36.02
C GLY C 340 -45.38 -5.70 -36.09
N GLU C 341 -46.09 -5.95 -34.98
CA GLU C 341 -47.19 -6.90 -34.96
C GLU C 341 -48.30 -6.33 -34.09
N PRO C 342 -49.56 -6.62 -34.41
CA PRO C 342 -50.66 -6.05 -33.64
C PRO C 342 -50.55 -6.47 -32.17
N LEU C 343 -50.60 -5.48 -31.29
CA LEU C 343 -50.51 -5.72 -29.85
C LEU C 343 -51.92 -5.57 -29.27
N ALA C 344 -52.62 -6.69 -29.13
CA ALA C 344 -53.92 -6.68 -28.48
C ALA C 344 -53.74 -6.77 -26.96
N SER C 345 -54.79 -6.37 -26.24
CA SER C 345 -54.73 -6.42 -24.78
C SER C 345 -54.68 -7.87 -24.31
N GLN C 346 -53.47 -8.39 -24.10
CA GLN C 346 -53.29 -9.75 -23.62
C GLN C 346 -53.26 -9.76 -22.09
N ASN C 347 -53.04 -10.93 -21.52
CA ASN C 347 -53.01 -11.08 -20.07
C ASN C 347 -51.94 -10.20 -19.43
N ARG C 348 -50.78 -10.10 -20.09
CA ARG C 348 -49.64 -9.41 -19.49
C ARG C 348 -49.74 -7.89 -19.55
N VAL C 349 -50.43 -7.34 -20.55
CA VAL C 349 -50.38 -5.92 -20.85
C VAL C 349 -51.80 -5.40 -21.04
N GLU C 350 -52.08 -4.20 -20.54
CA GLU C 350 -53.40 -3.59 -20.69
C GLU C 350 -53.33 -2.53 -21.78
N VAL C 351 -54.30 -2.59 -22.71
CA VAL C 351 -54.39 -1.66 -23.82
C VAL C 351 -55.78 -1.03 -23.81
N LEU C 352 -55.84 0.30 -23.86
CA LEU C 352 -57.12 1.02 -23.89
C LEU C 352 -56.97 2.21 -24.85
N ALA C 353 -57.33 1.99 -26.11
CA ALA C 353 -57.30 3.04 -27.12
C ALA C 353 -55.94 3.73 -27.18
N GLY C 354 -55.82 4.88 -26.51
CA GLY C 354 -54.62 5.68 -26.56
C GLY C 354 -53.64 5.46 -25.43
N ASP C 355 -53.96 4.61 -24.46
CA ASP C 355 -53.11 4.34 -23.32
C ASP C 355 -52.68 2.88 -23.31
N LEU C 356 -51.44 2.63 -22.91
CA LEU C 356 -50.91 1.29 -22.79
C LEU C 356 -50.19 1.15 -21.46
N ARG C 357 -50.68 0.25 -20.61
CA ARG C 357 -50.17 0.08 -19.25
C ARG C 357 -49.50 -1.28 -19.13
N PHE C 358 -48.18 -1.25 -18.92
CA PHE C 358 -47.42 -2.44 -18.53
C PHE C 358 -47.45 -2.58 -17.03
N SER C 359 -47.90 -3.75 -16.56
CA SER C 359 -47.95 -4.08 -15.15
C SER C 359 -46.90 -5.14 -14.86
N LYS C 360 -45.95 -4.80 -13.97
CA LYS C 360 -44.85 -5.69 -13.59
C LYS C 360 -44.07 -6.14 -14.82
N LEU C 361 -43.30 -5.18 -15.35
CA LEU C 361 -42.49 -5.43 -16.54
C LEU C 361 -41.47 -6.54 -16.28
N ASN C 362 -41.14 -7.28 -17.34
CA ASN C 362 -40.13 -8.32 -17.30
C ASN C 362 -39.15 -8.10 -18.45
N LEU C 363 -38.05 -8.86 -18.43
CA LEU C 363 -37.04 -8.74 -19.47
C LEU C 363 -37.58 -9.10 -20.86
N GLU C 364 -38.68 -9.84 -20.93
CA GLU C 364 -39.23 -10.23 -22.22
C GLU C 364 -39.98 -9.10 -22.89
N ASP C 365 -40.44 -8.11 -22.13
CA ASP C 365 -41.21 -7.00 -22.68
C ASP C 365 -40.34 -5.99 -23.42
N SER C 366 -39.02 -6.08 -23.29
CA SER C 366 -38.13 -5.16 -23.99
C SER C 366 -38.36 -5.26 -25.50
N GLY C 367 -38.13 -4.16 -26.19
CA GLY C 367 -38.21 -4.17 -27.64
C GLY C 367 -38.79 -2.88 -28.17
N MET C 368 -39.12 -2.89 -29.45
CA MET C 368 -39.63 -1.71 -30.14
C MET C 368 -41.15 -1.71 -30.13
N TYR C 369 -41.72 -0.61 -29.64
CA TYR C 369 -43.17 -0.44 -29.60
C TYR C 369 -43.54 0.78 -30.44
N GLN C 370 -44.75 0.75 -30.99
CA GLN C 370 -45.22 1.85 -31.82
C GLN C 370 -46.69 2.09 -31.56
N CYS C 371 -47.08 3.36 -31.59
CA CYS C 371 -48.48 3.76 -31.56
C CYS C 371 -48.85 4.38 -32.90
N VAL C 372 -50.00 3.97 -33.42
CA VAL C 372 -50.40 4.25 -34.79
C VAL C 372 -51.81 4.83 -34.77
N ALA C 373 -51.95 6.06 -35.23
CA ALA C 373 -53.23 6.76 -35.21
C ALA C 373 -53.76 6.88 -36.62
N GLU C 374 -55.02 6.48 -36.82
CA GLU C 374 -55.62 6.45 -38.15
C GLU C 374 -56.98 7.11 -38.15
N ASN C 375 -57.29 7.75 -39.28
CA ASN C 375 -58.65 8.18 -39.58
C ASN C 375 -58.93 7.88 -41.05
N LYS C 376 -60.13 8.20 -41.49
CA LYS C 376 -60.51 7.96 -42.88
C LYS C 376 -59.56 8.63 -43.85
N HIS C 377 -58.76 9.59 -43.39
CA HIS C 377 -57.85 10.34 -44.24
C HIS C 377 -56.40 9.90 -44.14
N GLY C 378 -56.08 8.84 -43.40
CA GLY C 378 -54.74 8.31 -43.44
C GLY C 378 -54.31 7.72 -42.10
N THR C 379 -52.99 7.55 -41.99
CA THR C 379 -52.35 6.89 -40.86
C THR C 379 -51.06 7.62 -40.50
N ILE C 380 -50.70 7.53 -39.22
CA ILE C 380 -49.44 8.06 -38.72
C ILE C 380 -48.87 7.10 -37.68
N TYR C 381 -47.55 7.01 -37.63
CA TYR C 381 -46.84 6.09 -36.75
C TYR C 381 -45.89 6.86 -35.85
N ALA C 382 -45.65 6.31 -34.66
CA ALA C 382 -44.62 6.81 -33.77
C ALA C 382 -44.02 5.65 -33.01
N SER C 383 -42.69 5.58 -32.95
CA SER C 383 -41.99 4.43 -32.41
C SER C 383 -41.14 4.83 -31.20
N ALA C 384 -40.75 3.81 -30.43
CA ALA C 384 -39.88 4.01 -29.27
C ALA C 384 -39.35 2.65 -28.84
N GLU C 385 -38.31 2.68 -28.00
CA GLU C 385 -37.65 1.49 -27.49
C GLU C 385 -37.91 1.37 -25.99
N LEU C 386 -38.19 0.16 -25.54
CA LEU C 386 -38.39 -0.15 -24.14
C LEU C 386 -37.28 -1.09 -23.70
N ALA C 387 -36.51 -0.66 -22.69
CA ALA C 387 -35.42 -1.46 -22.13
C ALA C 387 -35.73 -1.75 -20.67
N VAL C 388 -35.99 -3.01 -20.35
CA VAL C 388 -36.18 -3.42 -18.97
C VAL C 388 -34.82 -3.78 -18.39
N GLN C 389 -34.50 -3.19 -17.25
CA GLN C 389 -33.16 -3.19 -16.67
C GLN C 389 -33.06 -4.24 -15.57
N ALA C 390 -32.17 -5.21 -15.74
CA ALA C 390 -31.71 -6.01 -14.62
C ALA C 390 -30.39 -5.42 -14.15
N LEU C 391 -30.06 -5.63 -12.88
CA LEU C 391 -28.87 -5.00 -12.31
C LEU C 391 -28.58 -5.49 -10.89
N ALA C 392 -27.33 -5.85 -10.63
CA ALA C 392 -26.92 -6.18 -9.29
C ALA C 392 -26.74 -4.91 -8.47
N PRO C 393 -26.76 -5.01 -7.14
CA PRO C 393 -26.60 -3.81 -6.30
C PRO C 393 -25.22 -3.16 -6.46
N ASP C 394 -25.24 -1.83 -6.57
CA ASP C 394 -24.03 -1.03 -6.70
C ASP C 394 -24.11 0.12 -5.71
N PHE C 395 -23.01 0.37 -4.99
CA PHE C 395 -22.95 1.45 -4.00
C PHE C 395 -22.11 2.64 -4.44
N ARG C 396 -21.56 2.65 -5.65
CA ARG C 396 -20.76 3.78 -6.11
C ARG C 396 -21.58 5.07 -6.14
N GLN C 397 -22.89 4.97 -6.35
CA GLN C 397 -23.72 6.15 -6.51
C GLN C 397 -24.38 6.63 -5.22
N ASN C 398 -24.42 5.79 -4.17
CA ASN C 398 -25.06 6.21 -2.93
C ASN C 398 -24.54 5.36 -1.77
N PRO C 399 -23.29 5.57 -1.36
CA PRO C 399 -22.74 4.77 -0.26
C PRO C 399 -23.28 5.18 1.10
N VAL C 400 -22.92 4.37 2.10
CA VAL C 400 -23.36 4.61 3.47
C VAL C 400 -22.55 5.70 4.17
N ARG C 401 -21.38 6.05 3.63
CA ARG C 401 -20.54 7.11 4.20
C ARG C 401 -19.91 6.71 5.53
N ARG C 402 -18.58 6.60 5.51
CA ARG C 402 -17.76 6.05 6.58
C ARG C 402 -17.90 6.75 7.93
N LEU C 403 -18.48 7.94 8.01
CA LEU C 403 -18.54 8.66 9.28
C LEU C 403 -19.96 8.76 9.81
N ILE C 404 -20.12 8.38 11.07
CA ILE C 404 -21.37 8.50 11.83
C ILE C 404 -21.02 9.01 13.21
N PRO C 405 -20.98 10.32 13.44
CA PRO C 405 -20.86 10.82 14.81
C PRO C 405 -22.20 10.73 15.52
N ALA C 406 -22.14 10.59 16.84
CA ALA C 406 -23.37 10.44 17.62
C ALA C 406 -23.20 11.16 18.96
N ALA C 407 -24.05 10.83 19.91
CA ALA C 407 -24.07 11.45 21.22
C ALA C 407 -24.64 10.46 22.23
N ARG C 408 -24.17 10.56 23.47
CA ARG C 408 -24.63 9.65 24.51
C ARG C 408 -26.15 9.73 24.68
N GLY C 409 -26.80 8.58 24.60
CA GLY C 409 -28.23 8.50 24.79
C GLY C 409 -29.08 8.98 23.64
N GLY C 410 -28.48 9.32 22.50
CA GLY C 410 -29.24 9.81 21.38
C GLY C 410 -29.71 8.71 20.45
N GLU C 411 -30.55 9.11 19.49
CA GLU C 411 -31.04 8.21 18.45
C GLU C 411 -30.25 8.44 17.16
N ILE C 412 -30.03 7.36 16.43
CA ILE C 412 -29.23 7.38 15.21
C ILE C 412 -30.02 6.68 14.10
N SER C 413 -30.06 7.30 12.93
CA SER C 413 -30.73 6.74 11.76
C SER C 413 -29.72 6.69 10.61
N ILE C 414 -29.42 5.48 10.15
CA ILE C 414 -28.43 5.27 9.08
C ILE C 414 -29.14 4.71 7.86
N PRO C 415 -29.30 5.47 6.78
CA PRO C 415 -29.99 4.95 5.60
C PRO C 415 -29.10 4.04 4.79
N CYS C 416 -29.75 3.14 4.04
CA CYS C 416 -29.06 2.28 3.09
C CYS C 416 -29.92 2.19 1.83
N GLN C 417 -29.46 2.83 0.75
CA GLN C 417 -30.23 2.94 -0.50
C GLN C 417 -29.32 2.62 -1.67
N PRO C 418 -29.02 1.34 -1.89
CA PRO C 418 -28.27 0.93 -3.08
C PRO C 418 -29.12 1.04 -4.34
N ARG C 419 -28.46 0.85 -5.48
CA ARG C 419 -29.10 0.89 -6.79
C ARG C 419 -29.13 -0.54 -7.33
N ALA C 420 -30.33 -1.10 -7.42
CA ALA C 420 -30.54 -2.47 -7.87
C ALA C 420 -31.79 -2.50 -8.74
N ALA C 421 -31.83 -3.46 -9.67
CA ALA C 421 -32.94 -3.52 -10.62
C ALA C 421 -34.25 -3.59 -9.85
N PRO C 422 -34.58 -4.70 -9.19
CA PRO C 422 -35.63 -4.63 -8.17
C PRO C 422 -35.07 -4.12 -6.86
N LYS C 423 -35.92 -3.42 -6.10
CA LYS C 423 -35.49 -2.80 -4.86
C LYS C 423 -34.75 -3.83 -3.99
N ALA C 424 -33.65 -3.39 -3.40
CA ALA C 424 -32.72 -4.30 -2.74
C ALA C 424 -33.19 -4.69 -1.34
N THR C 425 -33.20 -6.00 -1.07
CA THR C 425 -33.41 -6.50 0.27
C THR C 425 -32.20 -6.15 1.14
N ILE C 426 -32.47 -5.56 2.31
CA ILE C 426 -31.44 -4.93 3.13
C ILE C 426 -31.31 -5.69 4.45
N LEU C 427 -30.07 -5.79 4.94
CA LEU C 427 -29.79 -6.32 6.26
C LEU C 427 -28.64 -5.51 6.86
N TRP C 428 -28.61 -5.43 8.19
CA TRP C 428 -27.61 -4.66 8.91
C TRP C 428 -26.84 -5.56 9.88
N SER C 429 -25.52 -5.35 9.96
CA SER C 429 -24.70 -6.12 10.88
C SER C 429 -23.59 -5.25 11.42
N LYS C 430 -23.40 -5.26 12.75
CA LYS C 430 -22.26 -4.59 13.37
C LYS C 430 -21.14 -5.59 13.57
N GLY C 431 -19.96 -5.25 13.05
CA GLY C 431 -18.85 -6.18 13.09
C GLY C 431 -19.20 -7.48 12.37
N THR C 432 -19.23 -8.57 13.13
CA THR C 432 -19.58 -9.88 12.60
C THR C 432 -20.94 -10.37 13.10
N GLU C 433 -21.67 -9.55 13.84
CA GLU C 433 -22.94 -9.93 14.45
C GLU C 433 -24.09 -9.25 13.72
N ILE C 434 -25.09 -10.05 13.35
CA ILE C 434 -26.27 -9.51 12.69
C ILE C 434 -27.17 -8.84 13.71
N LEU C 435 -27.98 -7.90 13.25
CA LEU C 435 -28.87 -7.13 14.10
C LEU C 435 -30.32 -7.33 13.66
N GLY C 436 -31.23 -7.31 14.63
CA GLY C 436 -32.64 -7.46 14.35
C GLY C 436 -33.47 -6.42 15.06
N ASN C 437 -34.78 -6.65 15.13
CA ASN C 437 -35.70 -5.71 15.79
C ASN C 437 -35.67 -5.98 17.28
N SER C 438 -34.78 -5.27 17.98
CA SER C 438 -34.71 -5.30 19.43
C SER C 438 -35.30 -4.01 19.99
N THR C 439 -35.31 -3.90 21.33
CA THR C 439 -35.84 -2.70 21.97
C THR C 439 -35.05 -1.46 21.55
N ARG C 440 -33.73 -1.59 21.45
CA ARG C 440 -32.88 -0.46 21.09
C ARG C 440 -32.62 -0.39 19.59
N VAL C 441 -32.48 -1.53 18.92
CA VAL C 441 -32.12 -1.59 17.51
C VAL C 441 -33.36 -1.92 16.69
N THR C 442 -33.45 -1.35 15.49
CA THR C 442 -34.57 -1.61 14.60
C THR C 442 -34.09 -1.54 13.15
N VAL C 443 -34.51 -2.52 12.36
CA VAL C 443 -34.25 -2.57 10.92
C VAL C 443 -35.56 -2.18 10.24
N THR C 444 -35.64 -0.93 9.80
CA THR C 444 -36.90 -0.36 9.36
C THR C 444 -37.33 -0.93 8.00
N LEU C 445 -38.53 -0.54 7.56
CA LEU C 445 -39.05 -0.98 6.29
C LEU C 445 -38.24 -0.41 5.13
N ASP C 446 -38.10 0.92 5.09
CA ASP C 446 -37.34 1.56 4.02
C ASP C 446 -35.90 1.05 3.95
N GLY C 447 -35.38 0.48 5.03
CA GLY C 447 -34.02 -0.03 5.07
C GLY C 447 -33.12 0.68 6.07
N THR C 448 -33.55 1.81 6.62
CA THR C 448 -32.71 2.56 7.56
C THR C 448 -32.54 1.80 8.86
N LEU C 449 -31.36 1.90 9.45
CA LEU C 449 -31.06 1.33 10.75
C LEU C 449 -31.29 2.37 11.83
N ILE C 450 -32.12 2.03 12.82
CA ILE C 450 -32.44 2.92 13.93
C ILE C 450 -31.83 2.34 15.19
N ILE C 451 -30.96 3.13 15.84
CA ILE C 451 -30.35 2.75 17.11
C ILE C 451 -30.79 3.77 18.14
N ARG C 452 -31.10 3.31 19.35
CA ARG C 452 -31.69 4.15 20.38
C ARG C 452 -30.88 4.06 21.67
N ASN C 453 -30.76 5.20 22.35
CA ASN C 453 -30.04 5.32 23.61
C ASN C 453 -28.65 4.66 23.50
N ILE C 454 -27.82 5.31 22.69
CA ILE C 454 -26.51 4.77 22.32
C ILE C 454 -25.53 4.94 23.46
N SER C 455 -24.60 3.98 23.56
CA SER C 455 -23.55 3.99 24.57
C SER C 455 -22.20 3.79 23.89
N ARG C 456 -21.12 4.04 24.64
CA ARG C 456 -19.78 3.92 24.11
C ARG C 456 -19.42 2.50 23.70
N SER C 457 -20.24 1.51 24.07
CA SER C 457 -20.00 0.14 23.66
C SER C 457 -20.45 -0.15 22.22
N ASP C 458 -21.19 0.77 21.60
CA ASP C 458 -21.66 0.57 20.24
C ASP C 458 -20.73 1.14 19.18
N GLU C 459 -19.80 2.01 19.58
CA GLU C 459 -18.77 2.52 18.66
C GLU C 459 -18.19 1.38 17.86
N GLY C 460 -18.14 1.54 16.54
CA GLY C 460 -17.56 0.50 15.71
C GLY C 460 -18.10 0.54 14.29
N LYS C 461 -17.87 -0.56 13.57
CA LYS C 461 -18.19 -0.66 12.15
C LYS C 461 -19.58 -1.26 11.99
N TYR C 462 -20.46 -0.56 11.27
CA TYR C 462 -21.80 -1.02 10.95
C TYR C 462 -21.90 -1.16 9.43
N THR C 463 -22.33 -2.32 8.96
CA THR C 463 -22.33 -2.65 7.55
C THR C 463 -23.73 -2.97 7.08
N CYS C 464 -24.06 -2.43 5.91
CA CYS C 464 -25.29 -2.76 5.20
C CYS C 464 -24.98 -3.78 4.11
N PHE C 465 -25.73 -4.88 4.11
CA PHE C 465 -25.66 -5.92 3.09
C PHE C 465 -26.96 -5.88 2.31
N ALA C 466 -26.87 -5.64 1.01
CA ALA C 466 -28.03 -5.56 0.13
C ALA C 466 -27.96 -6.65 -0.92
N GLU C 467 -29.11 -7.19 -1.29
CA GLU C 467 -29.15 -8.24 -2.29
C GLU C 467 -30.42 -8.11 -3.12
N ASN C 468 -30.47 -8.89 -4.21
CA ASN C 468 -31.62 -8.90 -5.09
C ASN C 468 -31.45 -10.06 -6.07
N PHE C 469 -32.48 -10.25 -6.90
CA PHE C 469 -32.56 -11.34 -7.87
C PHE C 469 -31.18 -11.67 -8.42
N MET C 470 -30.42 -10.64 -8.76
CA MET C 470 -29.22 -10.79 -9.57
C MET C 470 -27.96 -10.91 -8.71
N GLY C 471 -27.83 -10.14 -7.64
CA GLY C 471 -26.55 -10.14 -6.95
C GLY C 471 -26.64 -9.57 -5.55
N LYS C 472 -25.44 -9.33 -4.99
CA LYS C 472 -25.30 -8.82 -3.64
C LYS C 472 -24.16 -7.82 -3.57
N ALA C 473 -24.31 -6.83 -2.68
CA ALA C 473 -23.29 -5.82 -2.44
C ALA C 473 -23.34 -5.44 -0.96
N ASN C 474 -22.32 -4.71 -0.51
CA ASN C 474 -22.21 -4.38 0.90
C ASN C 474 -21.35 -3.13 1.08
N SER C 475 -21.63 -2.37 2.12
CA SER C 475 -20.84 -1.18 2.42
C SER C 475 -20.90 -0.86 3.92
N THR C 476 -19.79 -0.34 4.45
CA THR C 476 -19.61 -0.17 5.89
C THR C 476 -19.47 1.30 6.25
N GLY C 477 -19.69 1.59 7.53
CA GLY C 477 -19.49 2.93 8.07
C GLY C 477 -19.08 2.89 9.52
N ILE C 478 -18.27 3.87 9.93
CA ILE C 478 -17.75 3.97 11.29
C ILE C 478 -18.71 4.77 12.15
N LEU C 479 -18.88 4.34 13.40
CA LEU C 479 -19.76 4.97 14.37
C LEU C 479 -18.96 5.35 15.62
N SER C 480 -19.04 6.63 15.98
CA SER C 480 -18.18 7.26 16.99
C SER C 480 -19.05 7.97 18.03
N VAL C 481 -19.19 7.34 19.21
CA VAL C 481 -20.09 7.82 20.26
C VAL C 481 -19.38 8.88 21.09
N ARG C 482 -19.94 10.09 21.10
CA ARG C 482 -19.38 11.24 21.80
C ARG C 482 -20.27 11.61 22.98
N ASP C 483 -19.79 12.55 23.78
CA ASP C 483 -20.66 13.15 24.79
C ASP C 483 -21.65 14.08 24.11
N ALA C 484 -22.83 14.21 24.72
CA ALA C 484 -23.91 15.00 24.13
C ALA C 484 -23.78 16.44 24.58
N THR C 485 -23.71 17.36 23.62
CA THR C 485 -23.76 18.78 23.93
C THR C 485 -25.15 19.13 24.46
N LYS C 486 -25.21 19.61 25.70
CA LYS C 486 -26.48 19.91 26.35
C LYS C 486 -26.35 21.18 27.17
N ILE C 487 -27.46 21.90 27.28
CA ILE C 487 -27.53 23.14 28.05
C ILE C 487 -27.87 22.79 29.49
N THR C 488 -26.93 23.09 30.40
CA THR C 488 -27.16 22.81 31.82
C THR C 488 -28.04 23.88 32.47
N LEU C 489 -27.81 25.15 32.13
CA LEU C 489 -28.59 26.27 32.65
C LEU C 489 -29.18 27.02 31.47
N ALA C 490 -30.52 26.97 31.37
CA ALA C 490 -31.26 27.56 30.25
C ALA C 490 -31.87 28.90 30.64
N PRO C 491 -31.89 29.87 29.73
CA PRO C 491 -32.52 31.16 30.04
C PRO C 491 -34.03 31.13 29.86
N SER C 492 -34.73 31.78 30.78
CA SER C 492 -36.17 31.91 30.73
C SER C 492 -36.54 33.30 30.22
N SER C 493 -37.84 33.57 30.17
CA SER C 493 -38.32 34.85 29.66
C SER C 493 -37.90 35.98 30.59
N ALA C 494 -38.16 37.21 30.15
CA ALA C 494 -37.79 38.40 30.91
C ALA C 494 -38.61 39.57 30.43
N ASP C 495 -38.84 40.52 31.33
CA ASP C 495 -39.55 41.76 31.04
C ASP C 495 -38.70 42.94 31.48
N ILE C 496 -38.55 43.94 30.61
CA ILE C 496 -37.62 45.04 30.85
C ILE C 496 -38.18 46.32 30.23
N ASN C 497 -37.64 47.45 30.68
CA ASN C 497 -37.99 48.76 30.16
C ASN C 497 -36.98 49.20 29.11
N VAL C 498 -37.34 50.23 28.36
CA VAL C 498 -36.46 50.77 27.33
C VAL C 498 -35.34 51.55 28.01
N GLY C 499 -34.10 51.31 27.56
CA GLY C 499 -32.93 51.95 28.10
C GLY C 499 -32.19 51.13 29.15
N ASP C 500 -32.82 50.10 29.70
CA ASP C 500 -32.19 49.26 30.71
C ASP C 500 -31.51 48.06 30.04
N ASN C 501 -30.53 47.50 30.75
CA ASN C 501 -29.74 46.40 30.24
C ASN C 501 -30.34 45.05 30.64
N LEU C 502 -30.11 44.05 29.80
CA LEU C 502 -30.59 42.69 30.03
C LEU C 502 -29.47 41.70 29.78
N THR C 503 -29.51 40.57 30.50
CA THR C 503 -28.52 39.50 30.35
C THR C 503 -29.24 38.18 30.21
N LEU C 504 -28.99 37.48 29.11
CA LEU C 504 -29.51 36.14 28.87
C LEU C 504 -28.35 35.16 28.91
N GLN C 505 -28.40 34.22 29.84
CA GLN C 505 -27.32 33.26 30.06
C GLN C 505 -27.65 31.92 29.41
N CYS C 506 -26.59 31.18 29.05
CA CYS C 506 -26.75 29.86 28.46
C CYS C 506 -25.53 29.04 28.88
N HIS C 507 -25.69 28.20 29.89
CA HIS C 507 -24.59 27.40 30.45
C HIS C 507 -24.71 25.99 29.88
N ALA C 508 -23.72 25.60 29.06
CA ALA C 508 -23.74 24.35 28.34
C ALA C 508 -22.53 23.49 28.70
N SER C 509 -22.59 22.22 28.31
CA SER C 509 -21.49 21.27 28.48
C SER C 509 -21.30 20.51 27.18
N HIS C 510 -20.08 20.06 26.94
CA HIS C 510 -19.73 19.44 25.67
C HIS C 510 -18.59 18.43 25.88
N ASP C 511 -18.36 17.62 24.87
CA ASP C 511 -17.24 16.68 24.89
C ASP C 511 -15.94 17.47 24.87
N PRO C 512 -14.98 17.15 25.75
CA PRO C 512 -13.73 17.94 25.78
C PRO C 512 -12.97 17.94 24.47
N THR C 513 -13.06 16.88 23.67
CA THR C 513 -12.27 16.80 22.45
C THR C 513 -12.59 17.92 21.48
N MET C 514 -13.83 18.42 21.48
CA MET C 514 -14.31 19.34 20.47
C MET C 514 -14.54 20.73 21.06
N ASP C 515 -14.34 21.75 20.22
CA ASP C 515 -14.67 23.11 20.58
C ASP C 515 -16.18 23.31 20.54
N LEU C 516 -16.64 24.37 21.21
CA LEU C 516 -18.06 24.70 21.30
C LEU C 516 -18.29 26.09 20.75
N THR C 517 -19.37 26.25 20.00
CA THR C 517 -19.72 27.53 19.38
C THR C 517 -21.12 27.93 19.80
N PHE C 518 -21.26 29.16 20.29
CA PHE C 518 -22.54 29.70 20.72
C PHE C 518 -23.13 30.57 19.63
N THR C 519 -24.44 30.49 19.45
CA THR C 519 -25.18 31.30 18.52
C THR C 519 -26.43 31.84 19.21
N TRP C 520 -26.77 33.09 18.90
CA TRP C 520 -27.95 33.73 19.47
C TRP C 520 -28.78 34.29 18.32
N THR C 521 -30.01 33.81 18.18
CA THR C 521 -30.91 34.29 17.15
C THR C 521 -32.13 34.96 17.77
N LEU C 522 -32.75 35.86 17.01
CA LEU C 522 -33.90 36.63 17.47
C LEU C 522 -34.97 36.56 16.38
N ASP C 523 -35.94 35.67 16.55
CA ASP C 523 -36.99 35.46 15.56
C ASP C 523 -36.39 35.07 14.21
N ASP C 524 -35.44 34.14 14.25
CA ASP C 524 -34.76 33.61 13.07
C ASP C 524 -33.80 34.62 12.44
N PHE C 525 -33.45 35.68 13.16
CA PHE C 525 -32.47 36.65 12.69
C PHE C 525 -31.16 36.46 13.44
N PRO C 526 -30.03 36.26 12.74
CA PRO C 526 -28.76 36.10 13.46
C PRO C 526 -28.34 37.38 14.17
N VAL C 527 -28.35 37.36 15.50
CA VAL C 527 -27.98 38.54 16.28
C VAL C 527 -26.56 38.96 15.91
N ASP C 528 -26.46 40.02 15.11
CA ASP C 528 -25.17 40.51 14.62
C ASP C 528 -24.54 41.37 15.70
N PHE C 529 -23.64 40.77 16.50
CA PHE C 529 -22.95 41.49 17.55
C PHE C 529 -21.76 42.31 17.04
N ASP C 530 -21.54 42.35 15.73
CA ASP C 530 -20.52 43.19 15.13
C ASP C 530 -21.13 44.21 14.17
N LYS C 531 -22.40 44.57 14.40
CA LYS C 531 -23.10 45.45 13.48
C LYS C 531 -22.67 46.91 13.72
N PRO C 532 -22.53 47.71 12.66
CA PRO C 532 -22.25 49.14 12.85
C PRO C 532 -23.35 49.83 13.64
N GLY C 533 -22.99 50.32 14.82
CA GLY C 533 -23.94 51.01 15.68
C GLY C 533 -24.99 50.10 16.29
N GLY C 534 -24.62 48.87 16.63
CA GLY C 534 -25.55 47.94 17.23
C GLY C 534 -25.79 48.21 18.71
N HIS C 535 -26.56 47.31 19.31
CA HIS C 535 -26.92 47.41 20.73
C HIS C 535 -26.88 46.03 21.38
N TYR C 536 -25.85 45.25 21.09
CA TYR C 536 -25.71 43.91 21.64
C TYR C 536 -24.25 43.67 22.04
N ARG C 537 -24.06 42.66 22.88
CA ARG C 537 -22.72 42.22 23.25
C ARG C 537 -22.74 40.74 23.59
N ARG C 538 -21.84 39.97 22.99
CA ARG C 538 -21.64 38.58 23.40
C ARG C 538 -20.54 38.55 24.45
N ALA C 539 -20.87 38.03 25.64
CA ALA C 539 -19.93 38.06 26.75
C ALA C 539 -18.68 37.24 26.43
N SER C 540 -17.69 37.38 27.30
CA SER C 540 -16.43 36.64 27.15
C SER C 540 -16.72 35.15 27.04
N VAL C 541 -16.44 34.58 25.87
CA VAL C 541 -16.85 33.21 25.57
C VAL C 541 -15.82 32.24 26.16
N LYS C 542 -16.23 31.52 27.20
CA LYS C 542 -15.57 30.30 27.60
C LYS C 542 -16.31 29.12 26.98
N GLU C 543 -15.58 28.04 26.71
CA GLU C 543 -16.15 26.93 25.95
C GLU C 543 -17.38 26.31 26.59
N THR C 544 -17.75 26.70 27.81
CA THR C 544 -18.91 26.15 28.49
C THR C 544 -20.09 27.12 28.57
N ILE C 545 -19.85 28.40 28.84
CA ILE C 545 -20.91 29.36 29.13
C ILE C 545 -20.93 30.43 28.06
N GLY C 546 -22.13 30.89 27.72
CA GLY C 546 -22.29 31.99 26.78
C GLY C 546 -23.43 32.91 27.18
N ASP C 547 -23.18 34.22 27.23
CA ASP C 547 -24.18 35.18 27.66
C ASP C 547 -24.32 36.29 26.62
N LEU C 548 -25.55 36.75 26.44
CA LEU C 548 -25.87 37.85 25.55
C LEU C 548 -26.39 39.01 26.38
N THR C 549 -25.75 40.17 26.24
CA THR C 549 -26.11 41.38 26.97
C THR C 549 -26.71 42.37 25.99
N ILE C 550 -27.96 42.77 26.27
CA ILE C 550 -28.64 43.80 25.51
C ILE C 550 -28.46 45.12 26.25
N LEU C 551 -27.83 46.09 25.60
CA LEU C 551 -27.51 47.39 26.17
C LEU C 551 -28.42 48.44 25.52
N ASN C 552 -28.98 49.31 26.35
CA ASN C 552 -29.96 50.30 25.89
C ASN C 552 -31.08 49.61 25.09
N ALA C 553 -31.78 48.72 25.80
CA ALA C 553 -32.85 47.95 25.17
C ALA C 553 -33.86 48.87 24.52
N GLN C 554 -34.48 48.39 23.44
CA GLN C 554 -35.48 49.13 22.71
C GLN C 554 -36.62 48.19 22.34
N LEU C 555 -37.73 48.79 21.87
CA LEU C 555 -38.88 47.99 21.49
C LEU C 555 -38.56 46.99 20.39
N ARG C 556 -37.49 47.23 19.63
CA ARG C 556 -37.08 46.40 18.50
C ARG C 556 -36.06 45.34 18.89
N HIS C 557 -35.60 45.33 20.14
CA HIS C 557 -34.65 44.35 20.62
C HIS C 557 -35.32 43.26 21.47
N GLY C 558 -36.63 43.05 21.28
CA GLY C 558 -37.35 42.02 22.00
C GLY C 558 -37.90 40.97 21.05
N GLY C 559 -38.48 39.92 21.64
CA GLY C 559 -39.05 38.82 20.90
C GLY C 559 -38.56 37.50 21.45
N THR C 560 -38.60 36.48 20.61
CA THR C 560 -38.21 35.12 21.00
C THR C 560 -36.73 34.93 20.70
N TYR C 561 -35.89 35.06 21.74
CA TYR C 561 -34.48 34.79 21.60
C TYR C 561 -34.24 33.27 21.69
N THR C 562 -33.21 32.82 20.98
CA THR C 562 -32.86 31.40 20.93
C THR C 562 -31.36 31.25 21.10
N CYS C 563 -30.95 30.53 22.14
CA CYS C 563 -29.57 30.12 22.32
C CYS C 563 -29.35 28.78 21.64
N MET C 564 -28.24 28.67 20.92
CA MET C 564 -27.89 27.47 20.16
C MET C 564 -26.41 27.19 20.41
N ALA C 565 -26.12 26.23 21.29
CA ALA C 565 -24.75 25.83 21.59
C ALA C 565 -24.46 24.57 20.81
N GLN C 566 -23.60 24.68 19.79
CA GLN C 566 -23.38 23.60 18.84
C GLN C 566 -21.90 23.33 18.66
N THR C 567 -21.59 22.05 18.48
CA THR C 567 -20.32 21.58 17.94
C THR C 567 -20.53 21.05 16.53
N VAL C 568 -19.43 20.84 15.82
CA VAL C 568 -19.47 20.57 14.39
C VAL C 568 -20.22 19.29 14.04
N VAL C 569 -20.66 18.54 15.06
CA VAL C 569 -21.46 17.35 14.81
C VAL C 569 -22.71 17.28 15.69
N ASP C 570 -22.80 18.03 16.78
CA ASP C 570 -23.94 17.96 17.68
C ASP C 570 -24.34 19.38 18.05
N GLY C 571 -25.53 19.52 18.62
CA GLY C 571 -26.02 20.82 19.02
C GLY C 571 -27.19 20.72 19.97
N ALA C 572 -27.29 21.71 20.86
CA ALA C 572 -28.41 21.87 21.75
C ALA C 572 -28.93 23.30 21.64
N SER C 573 -30.17 23.50 22.06
CA SER C 573 -30.81 24.80 21.89
C SER C 573 -31.85 25.01 22.98
N LYS C 574 -32.03 26.27 23.34
CA LYS C 574 -33.09 26.68 24.25
C LYS C 574 -33.66 28.01 23.78
N GLU C 575 -34.85 28.34 24.28
CA GLU C 575 -35.59 29.51 23.83
C GLU C 575 -36.11 30.30 25.02
N ALA C 576 -36.03 31.62 24.91
CA ALA C 576 -36.57 32.54 25.90
C ALA C 576 -37.35 33.63 25.18
N THR C 577 -38.17 34.35 25.93
CA THR C 577 -38.99 35.43 25.39
C THR C 577 -38.70 36.70 26.18
N VAL C 578 -38.21 37.73 25.49
CA VAL C 578 -37.87 39.02 26.08
C VAL C 578 -38.92 40.03 25.65
N LEU C 579 -39.50 40.74 26.63
CA LEU C 579 -40.52 41.74 26.38
C LEU C 579 -40.00 43.08 26.88
N VAL C 580 -39.72 43.99 25.97
CA VAL C 580 -39.34 45.35 26.29
C VAL C 580 -40.60 46.20 26.31
N ARG C 581 -40.56 47.30 27.07
CA ARG C 581 -41.76 48.09 27.31
C ARG C 581 -41.41 49.57 27.34
N GLY C 582 -42.27 50.37 26.72
CA GLY C 582 -42.09 51.81 26.64
C GLY C 582 -43.23 52.57 27.30
C1 NAG D . 15.22 6.37 12.88
C2 NAG D . 16.56 5.76 13.32
C3 NAG D . 16.58 5.55 14.84
C4 NAG D . 16.23 6.85 15.56
C5 NAG D . 14.91 7.40 15.03
C6 NAG D . 14.56 8.75 15.62
C7 NAG D . 17.67 4.34 11.65
C8 NAG D . 17.77 2.96 11.06
N2 NAG D . 16.78 4.49 12.65
O3 NAG D . 17.87 5.12 15.24
O4 NAG D . 16.09 6.60 16.95
O5 NAG D . 15.00 7.58 13.61
O6 NAG D . 15.72 9.56 15.79
O7 NAG D . 18.35 5.28 11.24
C1 NAG D . 16.83 7.57 17.72
C2 NAG D . 16.04 7.85 18.99
C3 NAG D . 16.81 8.80 19.89
C4 NAG D . 18.22 8.26 20.15
C5 NAG D . 18.92 7.99 18.82
C6 NAG D . 20.28 7.36 18.99
C7 NAG D . 13.59 7.69 18.88
C8 NAG D . 12.32 8.41 18.52
N2 NAG D . 14.72 8.38 18.70
O3 NAG D . 16.12 8.97 21.13
O4 NAG D . 18.97 9.16 20.95
O5 NAG D . 18.12 7.08 18.04
O6 NAG D . 20.19 5.94 19.08
O7 NAG D . 13.59 6.54 19.32
C1 BMA D . 18.87 8.63 22.29
C2 BMA D . 20.25 8.05 22.69
C3 BMA D . 20.19 7.54 24.11
C4 BMA D . 19.61 8.60 25.08
C5 BMA D . 18.25 9.11 24.56
C6 BMA D . 17.66 10.21 25.41
O2 BMA D . 21.25 9.07 22.65
O3 BMA D . 21.47 7.11 24.58
O4 BMA D . 19.44 8.04 26.37
O5 BMA D . 18.44 9.63 23.22
O6 BMA D . 16.37 9.79 25.85
C1 MAN D . 21.66 5.74 24.16
C2 MAN D . 22.74 5.10 25.09
C3 MAN D . 24.13 5.57 24.71
C4 MAN D . 24.37 5.42 23.21
C5 MAN D . 23.30 6.20 22.45
C6 MAN D . 23.46 6.12 20.94
O2 MAN D . 22.76 3.68 24.96
O3 MAN D . 25.15 4.88 25.44
O4 MAN D . 25.66 5.92 22.86
O5 MAN D . 22.02 5.67 22.78
O6 MAN D . 23.46 7.44 20.42
C1 NAG E . 30.36 -3.62 51.11
C2 NAG E . 30.82 -4.99 51.58
C3 NAG E . 32.16 -4.90 52.31
C4 NAG E . 33.18 -4.17 51.44
C5 NAG E . 32.61 -2.83 50.96
C6 NAG E . 33.52 -2.10 50.00
C7 NAG E . 29.40 -5.12 53.61
C8 NAG E . 30.01 -3.82 54.04
N2 NAG E . 29.82 -5.62 52.44
O3 NAG E . 32.63 -6.21 52.60
O4 NAG E . 34.36 -3.92 52.19
O5 NAG E . 31.37 -3.04 50.28
O6 NAG E . 32.97 -0.85 49.60
O7 NAG E . 28.55 -5.70 54.29
C1 NAG E . 35.34 -4.92 51.87
C2 NAG E . 36.73 -4.29 51.99
C3 NAG E . 37.81 -5.34 51.71
C4 NAG E . 37.61 -6.55 52.61
C5 NAG E . 36.19 -7.10 52.46
C6 NAG E . 35.89 -8.24 53.41
C7 NAG E . 37.18 -1.93 51.51
C8 NAG E . 37.28 -0.88 50.44
N2 NAG E . 36.87 -3.16 51.08
O3 NAG E . 39.09 -4.77 51.93
O4 NAG E . 38.55 -7.57 52.29
O5 NAG E . 35.23 -6.06 52.75
O6 NAG E . 34.50 -8.56 53.42
O7 NAG E . 37.36 -1.67 52.70
C1 BMA E . 39.60 -7.50 53.28
C2 BMA E . 39.91 -8.91 53.80
C3 BMA E . 41.05 -8.84 54.81
C4 BMA E . 42.25 -8.05 54.25
C5 BMA E . 41.80 -6.69 53.69
C6 BMA E . 42.92 -5.91 53.01
O2 BMA E . 40.35 -9.75 52.73
O3 BMA E . 41.47 -10.14 55.21
O4 BMA E . 43.20 -7.84 55.28
O5 BMA E . 40.78 -6.91 52.72
O6 BMA E . 42.36 -4.75 52.42
C1 NAG F . -26.43 16.42 -36.30
C2 NAG F . -27.20 15.12 -36.33
C3 NAG F . -26.24 13.97 -36.65
C4 NAG F . -25.37 14.28 -37.87
C5 NAG F . -24.82 15.71 -37.85
C6 NAG F . -24.20 16.13 -39.17
C7 NAG F . -28.94 14.06 -34.96
C8 NAG F . -29.52 13.94 -33.59
N2 NAG F . -27.89 14.89 -35.07
O3 NAG F . -26.99 12.79 -36.88
O4 NAG F . -24.25 13.41 -37.84
O5 NAG F . -25.85 16.67 -37.55
O6 NAG F . -24.95 15.64 -40.27
O7 NAG F . -29.38 13.43 -35.92
C1 NAG F . -24.33 12.41 -38.86
C2 NAG F . -22.95 12.27 -39.48
C3 NAG F . -22.94 11.16 -40.52
C4 NAG F . -23.48 9.87 -39.92
C5 NAG F . -24.85 10.12 -39.29
C6 NAG F . -25.39 8.90 -38.57
C7 NAG F . -21.22 13.92 -40.08
C8 NAG F . -20.95 15.25 -40.72
N2 NAG F . -22.50 13.53 -40.05
O3 NAG F . -21.61 10.96 -40.99
O4 NAG F . -23.61 8.89 -40.95
O5 NAG F . -24.75 11.16 -38.32
O6 NAG F . -26.47 9.24 -37.71
O7 NAG F . -20.32 13.23 -39.59
C1 BMA F . -22.54 7.94 -40.80
C2 BMA F . -23.18 6.52 -40.82
C3 BMA F . -22.11 5.44 -40.94
C4 BMA F . -21.07 5.78 -42.03
C5 BMA F . -20.50 7.18 -41.79
C6 BMA F . -19.49 7.60 -42.83
O2 BMA F . -24.04 6.38 -41.93
O3 BMA F . -22.69 4.18 -41.21
O4 BMA F . -20.02 4.83 -42.02
O5 BMA F . -21.59 8.11 -41.84
O6 BMA F . -19.17 8.97 -42.62
C1 MAN F . -22.68 3.39 -40.00
C2 MAN F . -21.96 2.07 -40.35
C3 MAN F . -22.85 1.22 -41.27
C4 MAN F . -24.26 1.06 -40.68
C5 MAN F . -24.87 2.45 -40.43
C6 MAN F . -26.24 2.38 -39.79
O2 MAN F . -21.73 1.28 -39.17
O3 MAN F . -22.28 -0.06 -41.53
O4 MAN F . -25.08 0.34 -41.59
O5 MAN F . -24.00 3.18 -39.53
O6 MAN F . -26.98 3.55 -40.15
C1 MAN F . -20.32 0.94 -39.12
C2 MAN F . -20.18 -0.55 -39.51
C3 MAN F . -20.72 -1.44 -38.39
C4 MAN F . -20.08 -1.08 -37.05
C5 MAN F . -20.34 0.41 -36.76
C6 MAN F . -19.69 0.87 -35.46
O2 MAN F . -18.81 -0.92 -39.67
O3 MAN F . -20.53 -2.83 -38.67
O4 MAN F . -20.64 -1.87 -36.01
O5 MAN F . -19.79 1.20 -37.82
O6 MAN F . -20.07 2.21 -35.22
C1 MAN F . -17.86 9.05 -42.00
C2 MAN F . -17.73 10.45 -41.35
C3 MAN F . -17.52 11.54 -42.42
C4 MAN F . -16.40 11.14 -43.38
C5 MAN F . -16.74 9.78 -44.01
C6 MAN F . -15.68 9.29 -44.99
O2 MAN F . -16.60 10.53 -40.49
O3 MAN F . -17.23 12.80 -41.84
O4 MAN F . -16.27 12.12 -44.41
O5 MAN F . -16.84 8.80 -42.95
O6 MAN F . -16.14 8.09 -45.58
C1 NAG G . 33.38 -25.42 15.46
C2 NAG G . 31.93 -25.52 14.97
C3 NAG G . 30.96 -25.40 16.14
C4 NAG G . 31.33 -26.42 17.23
C5 NAG G . 32.79 -26.28 17.62
C6 NAG G . 33.24 -27.33 18.60
C7 NAG G . 30.63 -24.56 13.12
C8 NAG G . 30.49 -23.41 12.17
N2 NAG G . 31.66 -24.49 13.99
O3 NAG G . 29.64 -25.62 15.69
O4 NAG G . 30.50 -26.22 18.37
O5 NAG G . 33.61 -26.42 16.46
O6 NAG G . 33.01 -28.64 18.10
O7 NAG G . 29.86 -25.51 13.11
C1 NAG G . 29.80 -27.45 18.61
C2 NAG G . 29.47 -27.55 20.10
C3 NAG G . 28.66 -28.82 20.37
C4 NAG G . 27.45 -28.88 19.47
C5 NAG G . 27.86 -28.74 18.01
C6 NAG G . 26.69 -28.68 17.05
C7 NAG G . 31.29 -26.39 21.27
C8 NAG G . 32.52 -26.55 22.10
N2 NAG G . 30.67 -27.52 20.91
O3 NAG G . 28.26 -28.84 21.74
O4 NAG G . 26.77 -30.12 19.64
O5 NAG G . 28.60 -27.51 17.84
O6 NAG G . 26.07 -27.40 17.08
O7 NAG G . 30.87 -25.28 20.93
C1 BMA G . 25.62 -29.88 20.48
C2 BMA G . 24.35 -30.16 19.66
C3 BMA G . 23.12 -30.03 20.56
C4 BMA G . 23.27 -30.85 21.84
C5 BMA G . 24.59 -30.49 22.56
C6 BMA G . 24.84 -31.33 23.79
O2 BMA G . 24.35 -31.49 19.16
O3 BMA G . 21.94 -30.40 19.87
O4 BMA G . 22.18 -30.60 22.71
O5 BMA G . 25.68 -30.71 21.64
O6 BMA G . 26.18 -31.10 24.22
C1 MAN G . 21.91 -29.77 18.57
C2 MAN G . 20.54 -29.08 18.43
C3 MAN G . 19.43 -30.13 18.31
C4 MAN G . 19.77 -31.17 17.21
C5 MAN G . 21.15 -31.79 17.49
C6 MAN G . 21.59 -32.76 16.41
O2 MAN G . 20.46 -28.31 17.22
O3 MAN G . 18.16 -29.54 18.06
O4 MAN G . 18.79 -32.18 17.19
O5 MAN G . 22.13 -30.73 17.56
O6 MAN G . 20.81 -32.50 15.25
C1 NAG H . -1.54 -20.36 42.00
C2 NAG H . -2.24 -19.16 42.61
C3 NAG H . -3.76 -19.33 42.53
C4 NAG H . -4.19 -19.67 41.12
C5 NAG H . -3.39 -20.86 40.59
C6 NAG H . -3.68 -21.18 39.14
C7 NAG H . -2.18 -17.87 44.71
C8 NAG H . -1.65 -17.81 46.11
N2 NAG H . -1.82 -18.93 43.98
O3 NAG H . -4.40 -18.13 42.96
O4 NAG H . -5.57 -20.03 41.11
O5 NAG H . -1.99 -20.58 40.67
O6 NAG H . -2.83 -22.20 38.64
O7 NAG H . -2.91 -16.99 44.25
C1 NAG H . -6.35 -18.93 40.56
C2 NAG H . -7.53 -19.53 39.81
C3 NAG H . -8.43 -18.42 39.26
C4 NAG H . -8.84 -17.47 40.39
C5 NAG H . -7.60 -16.95 41.10
C6 NAG H . -7.93 -16.09 42.30
C7 NAG H . -7.02 -21.72 38.84
C8 NAG H . -6.53 -22.46 37.63
N2 NAG H . -7.09 -20.40 38.73
O3 NAG H . -9.59 -18.99 38.67
O4 NAG H . -9.57 -16.38 39.86
O5 NAG H . -6.82 -18.06 41.59
O6 NAG H . -7.03 -14.99 42.41
O7 NAG H . -7.33 -22.31 39.87
C1 NAG I . 96.87 -39.41 -8.54
C2 NAG I . 95.65 -40.12 -7.94
C3 NAG I . 95.74 -40.11 -6.41
C4 NAG I . 97.09 -40.64 -5.94
C5 NAG I . 98.23 -39.90 -6.63
C6 NAG I . 99.59 -40.47 -6.30
C7 NAG I . 93.53 -40.13 -9.17
C8 NAG I . 92.30 -39.33 -9.53
N2 NAG I . 94.42 -39.51 -8.39
O3 NAG I . 94.69 -40.92 -5.88
O4 NAG I . 97.21 -40.48 -4.54
O5 NAG I . 98.07 -40.00 -8.06
O6 NAG I . 99.63 -41.88 -6.43
O7 NAG I . 93.70 -41.28 -9.56
C1 NAG I . 97.13 -41.77 -3.90
C2 NAG I . 97.65 -41.65 -2.47
C3 NAG I . 97.53 -42.98 -1.75
C4 NAG I . 96.10 -43.51 -1.83
C5 NAG I . 95.64 -43.55 -3.29
C6 NAG I . 94.18 -43.94 -3.44
C7 NAG I . 99.56 -40.45 -1.48
C8 NAG I . 101.00 -40.08 -1.64
N2 NAG I . 99.03 -41.19 -2.46
O3 NAG I . 97.91 -42.82 -0.38
O4 NAG I . 96.02 -44.81 -1.28
O5 NAG I . 95.78 -42.24 -3.88
O6 NAG I . 93.44 -43.65 -2.26
O7 NAG I . 98.90 -40.11 -0.50
C1 BMA I . 95.64 -44.70 0.11
C2 BMA I . 94.77 -45.93 0.48
C3 BMA I . 94.46 -45.93 1.98
C4 BMA I . 95.73 -45.70 2.82
C5 BMA I . 96.47 -44.44 2.33
C6 BMA I . 97.77 -44.19 3.09
O2 BMA I . 95.48 -47.13 0.21
O3 BMA I . 93.82 -47.13 2.38
O4 BMA I . 95.39 -45.54 4.19
O5 BMA I . 96.79 -44.61 0.95
O6 BMA I . 98.39 -43.03 2.55
C1 NAG J . 87.05 -17.13 -9.14
C2 NAG J . 85.92 -17.07 -10.15
C3 NAG J . 85.54 -15.62 -10.45
C4 NAG J . 85.27 -14.86 -9.15
C5 NAG J . 86.42 -15.03 -8.18
C6 NAG J . 86.15 -14.43 -6.82
C7 NAG J . 85.92 -19.04 -11.62
C8 NAG J . 86.36 -19.60 -12.93
N2 NAG J . 86.27 -17.77 -11.37
O3 NAG J . 84.40 -15.59 -11.29
O4 NAG J . 85.12 -13.48 -9.43
O5 NAG J . 86.68 -16.43 -7.95
O6 NAG J . 85.04 -15.03 -6.19
O7 NAG J . 85.29 -19.71 -10.81
C1 NAG J . 83.75 -13.09 -9.25
C2 NAG J . 83.63 -11.57 -9.46
C3 NAG J . 82.18 -11.13 -9.35
C4 NAG J . 81.30 -11.96 -10.29
C5 NAG J . 81.50 -13.44 -10.01
C6 NAG J . 80.73 -14.33 -10.95
C7 NAG J . 84.50 -9.52 -8.41
C8 NAG J . 85.41 -8.96 -7.36
N2 NAG J . 84.46 -10.85 -8.51
O3 NAG J . 82.07 -9.75 -9.69
O4 NAG J . 79.93 -11.61 -10.12
O5 NAG J . 82.88 -13.78 -10.16
O6 NAG J . 81.35 -14.39 -12.23
O7 NAG J . 83.81 -8.79 -9.13
C1 BMA J . 79.40 -11.30 -11.43
C2 BMA J . 77.92 -11.73 -11.47
C3 BMA J . 77.33 -11.37 -12.82
C4 BMA J . 77.59 -9.88 -13.17
C5 BMA J . 79.09 -9.57 -13.05
C6 BMA J . 79.40 -8.10 -13.29
O2 BMA J . 77.17 -11.03 -10.50
O3 BMA J . 75.94 -11.63 -12.87
O4 BMA J . 77.16 -9.61 -14.49
O5 BMA J . 79.53 -9.92 -11.72
O6 BMA J . 80.82 -7.94 -13.27
C1 MAN J . 75.65 -12.36 -14.07
C2 MAN J . 74.15 -12.18 -14.36
C3 MAN J . 73.34 -12.84 -13.26
C4 MAN J . 73.76 -14.31 -13.06
C5 MAN J . 75.28 -14.39 -12.83
C6 MAN J . 75.80 -15.82 -12.77
O2 MAN J . 73.76 -12.83 -15.58
O3 MAN J . 71.93 -12.77 -13.52
O4 MAN J . 73.09 -14.87 -11.93
O5 MAN J . 75.98 -13.73 -13.91
O6 MAN J . 77.21 -15.79 -12.64
C1 MAN J . 81.11 -6.53 -13.09
C2 MAN J . 82.57 -6.29 -13.56
C3 MAN J . 83.54 -6.90 -12.57
C4 MAN J . 83.24 -6.41 -11.14
C5 MAN J . 81.79 -6.77 -10.78
C6 MAN J . 81.38 -6.28 -9.40
O2 MAN J . 82.88 -4.89 -13.60
O3 MAN J . 84.91 -6.63 -12.91
O4 MAN J . 84.13 -7.03 -10.22
O5 MAN J . 80.91 -6.15 -11.74
O6 MAN J . 80.07 -6.75 -9.12
C1 NAG K . -52.82 -4.40 -54.50
C2 NAG K . -53.23 -5.15 -55.77
C3 NAG K . -54.03 -4.25 -56.71
C4 NAG K . -55.18 -3.59 -55.97
C5 NAG K . -54.67 -2.88 -54.72
C6 NAG K . -55.79 -2.30 -53.88
C7 NAG K . -51.10 -5.01 -57.01
C8 NAG K . -51.19 -3.52 -56.88
N2 NAG K . -52.09 -5.73 -56.46
O3 NAG K . -54.52 -5.01 -57.81
O4 NAG K . -55.84 -2.66 -56.81
O5 NAG K . -53.97 -3.81 -53.89
O6 NAG K . -56.80 -3.26 -53.63
O7 NAG K . -50.16 -5.55 -57.60
C1 NAG K . -57.03 -3.31 -57.34
C2 NAG K . -58.13 -2.27 -57.53
C3 NAG K . -59.38 -2.91 -58.12
C4 NAG K . -59.03 -3.66 -59.41
C5 NAG K . -57.88 -4.64 -59.14
C6 NAG K . -57.41 -5.34 -60.40
C7 NAG K . -58.29 -0.30 -56.07
C8 NAG K . -58.67 0.22 -54.71
N2 NAG K . -58.45 -1.61 -56.27
O3 NAG K . -60.35 -1.91 -58.39
O4 NAG K . -60.16 -4.41 -59.85
O5 NAG K . -56.75 -3.95 -58.60
O6 NAG K . -56.20 -6.04 -60.18
O7 NAG K . -57.85 0.44 -56.94
C1 BMA K . -61.00 -3.59 -60.69
C2 BMA K . -61.95 -4.54 -61.44
C3 BMA K . -62.95 -3.73 -62.26
C4 BMA K . -63.65 -2.67 -61.39
C5 BMA K . -62.59 -1.80 -60.69
C6 BMA K . -63.21 -0.77 -59.75
O2 BMA K . -62.69 -5.35 -60.54
O3 BMA K . -63.92 -4.58 -62.88
O4 BMA K . -64.48 -1.85 -62.20
O5 BMA K . -61.75 -2.66 -59.90
O6 BMA K . -64.16 -0.01 -60.48
C1 NAG L . -74.63 11.81 -87.60
C2 NAG L . -74.33 12.25 -89.03
C3 NAG L . -75.27 11.56 -90.01
C4 NAG L . -75.25 10.05 -89.81
C5 NAG L . -75.48 9.71 -88.34
C6 NAG L . -75.32 8.24 -88.04
C7 NAG L . -73.90 14.39 -90.17
C8 NAG L . -74.11 15.88 -90.13
N2 NAG L . -74.43 13.70 -89.15
O3 NAG L . -74.88 11.88 -91.34
O4 NAG L . -76.26 9.44 -90.59
O5 NAG L . -74.53 10.40 -87.51
O6 NAG L . -74.71 8.03 -86.78
O7 NAG L . -73.29 13.84 -91.08
C1 NAG L . -75.71 9.06 -91.86
C2 NAG L . -76.32 7.71 -92.25
C3 NAG L . -75.82 7.29 -93.64
C4 NAG L . -76.06 8.40 -94.65
C5 NAG L . -75.46 9.71 -94.15
C6 NAG L . -75.77 10.89 -95.05
C7 NAG L . -76.79 6.43 -90.20
C8 NAG L . -76.32 5.34 -89.30
N2 NAG L . -76.01 6.68 -91.27
O3 NAG L . -76.51 6.11 -94.05
O4 NAG L . -75.45 8.06 -95.89
O5 NAG L . -76.02 10.03 -92.86
O6 NAG L . -77.16 11.19 -95.04
O7 NAG L . -77.82 7.07 -89.99
C1 NAG M . -18.49 -7.65 1.08
C2 NAG M . -18.56 -9.13 0.73
C3 NAG M . -17.18 -9.64 0.30
C4 NAG M . -16.62 -8.75 -0.82
C5 NAG M . -16.65 -7.29 -0.41
C6 NAG M . -16.23 -6.35 -1.51
C7 NAG M . -18.53 -9.97 3.06
C8 NAG M . -17.30 -9.15 3.27
N2 NAG M . -19.08 -9.93 1.83
O3 NAG M . -17.27 -10.98 -0.14
O4 NAG M . -15.29 -9.13 -1.13
O5 NAG M . -17.98 -6.91 -0.03
O6 NAG M . -17.08 -6.47 -2.64
O7 NAG M . -19.02 -10.67 3.95
C1 NAG M . -15.31 -9.77 -2.41
C2 NAG M . -13.88 -9.90 -2.94
C3 NAG M . -13.87 -10.65 -4.27
C4 NAG M . -14.61 -11.98 -4.14
C5 NAG M . -16.01 -11.75 -3.57
C6 NAG M . -16.77 -13.03 -3.32
C7 NAG M . -11.97 -8.36 -2.87
C8 NAG M . -11.51 -6.95 -3.08
N2 NAG M . -13.27 -8.59 -3.10
O3 NAG M . -12.52 -10.89 -4.66
O4 NAG M . -14.73 -12.59 -5.41
O5 NAG M . -15.91 -11.06 -2.32
O6 NAG M . -16.04 -13.93 -2.50
O7 NAG M . -11.21 -9.25 -2.51
C1 BMA M . -13.75 -13.65 -5.52
C2 BMA M . -14.44 -14.84 -6.22
C3 BMA M . -13.43 -15.92 -6.59
C4 BMA M . -12.17 -15.32 -7.26
C5 BMA M . -11.59 -14.18 -6.39
C6 BMA M . -10.40 -13.51 -7.03
O2 BMA M . -15.06 -14.42 -7.44
O3 BMA M . -14.01 -16.87 -7.47
O4 BMA M . -11.18 -16.33 -7.41
O5 BMA M . -12.61 -13.19 -6.24
O6 BMA M . -9.22 -13.93 -6.35
C1 MAN M . -8.79 -12.89 -5.44
C2 MAN M . -8.38 -13.58 -4.11
C3 MAN M . -8.42 -12.58 -2.96
C4 MAN M . -8.32 -11.15 -3.50
C5 MAN M . -9.56 -10.84 -4.33
C6 MAN M . -9.46 -9.54 -5.12
O2 MAN M . -7.04 -14.05 -4.16
O3 MAN M . -7.40 -12.83 -2.00
O4 MAN M . -8.22 -10.23 -2.42
O5 MAN M . -9.82 -11.92 -5.27
O6 MAN M . -8.15 -9.44 -5.69
C1 MAN M . -7.97 -12.81 -0.68
C2 MAN M . -6.81 -12.56 0.32
C3 MAN M . -5.91 -13.78 0.38
C4 MAN M . -6.72 -15.05 0.67
C5 MAN M . -7.83 -15.20 -0.40
C6 MAN M . -8.73 -16.39 -0.15
O2 MAN M . -7.31 -12.38 1.65
O3 MAN M . -4.89 -13.63 1.36
O4 MAN M . -5.88 -16.19 0.63
O5 MAN M . -8.65 -14.02 -0.40
O6 MAN M . -9.77 -16.38 -1.12
C1 MAN M . -8.22 -8.60 -6.86
C2 MAN M . -9.21 -9.29 -7.84
C3 MAN M . -8.57 -10.55 -8.42
C4 MAN M . -7.20 -10.23 -9.03
C5 MAN M . -6.30 -9.60 -7.97
C6 MAN M . -4.96 -9.17 -8.52
O2 MAN M . -9.48 -8.45 -8.97
O3 MAN M . -9.41 -11.18 -9.38
O4 MAN M . -6.60 -11.41 -9.51
O5 MAN M . -6.94 -8.40 -7.44
O6 MAN M . -4.19 -8.59 -7.47
C1 MAN M . -13.99 -18.18 -6.86
C2 MAN M . -14.29 -19.21 -7.98
C3 MAN M . -15.74 -19.11 -8.43
C4 MAN M . -16.68 -19.21 -7.21
C5 MAN M . -16.33 -18.11 -6.20
C6 MAN M . -17.17 -18.18 -4.95
O2 MAN M . -14.12 -20.55 -7.53
O3 MAN M . -16.08 -20.10 -9.40
O4 MAN M . -18.03 -19.06 -7.63
O5 MAN M . -14.95 -18.26 -5.81
O6 MAN M . -16.85 -17.06 -4.13
C1 NAG N . 15.94 1.94 63.46
C2 NAG N . 15.72 0.43 63.63
C3 NAG N . 14.96 0.16 64.92
C4 NAG N . 15.66 0.82 66.09
C5 NAG N . 15.92 2.30 65.81
C6 NAG N . 16.73 2.98 66.89
C7 NAG N . 15.23 -1.34 62.00
C8 NAG N . 16.29 -2.14 62.71
N2 NAG N . 15.01 -0.11 62.48
O3 NAG N . 14.87 -1.24 65.13
O4 NAG N . 14.85 0.71 67.26
O5 NAG N . 16.64 2.45 64.59
O6 NAG N . 18.12 2.96 66.58
O7 NAG N . 14.61 -1.79 61.04
C1 NAG O . -28.35 37.65 -28.82
C2 NAG O . -27.93 37.31 -27.39
C3 NAG O . -26.41 37.15 -27.32
C4 NAG O . -25.94 36.14 -28.36
C5 NAG O . -26.46 36.53 -29.74
C6 NAG O . -26.13 35.51 -30.81
C7 NAG O . -29.33 38.12 -25.53
C8 NAG O . -29.65 39.28 -24.65
N2 NAG O . -28.37 38.33 -26.45
O3 NAG O . -26.04 36.71 -26.01
O4 NAG O . -24.51 36.10 -28.40
O5 NAG O . -27.88 36.64 -29.72
O6 NAG O . -26.65 34.23 -30.48
O7 NAG O . -29.90 37.04 -25.44
C1 NAG P . -49.00 39.41 -34.26
C2 NAG P . -49.46 40.84 -33.97
C3 NAG P . -50.57 41.25 -34.94
C4 NAG P . -50.14 41.02 -36.37
C5 NAG P . -49.67 39.58 -36.56
C6 NAG P . -49.13 39.31 -37.95
C7 NAG P . -49.08 41.13 -31.56
C8 NAG P . -49.73 41.25 -30.21
N2 NAG P . -49.91 40.97 -32.59
O3 NAG P . -50.90 42.62 -34.74
O4 NAG P . -51.23 41.27 -37.26
O5 NAG P . -48.62 39.30 -35.63
O6 NAG P . -47.96 40.07 -38.21
O7 NAG P . -47.86 41.18 -31.70
C1 NAG Q . 5.13 -25.31 59.70
C2 NAG Q . 4.85 -23.81 59.82
C3 NAG Q . 4.78 -23.43 61.30
C4 NAG Q . 3.78 -24.32 62.04
C5 NAG Q . 4.07 -25.79 61.78
C6 NAG Q . 3.01 -26.71 62.35
C7 NAG Q . 7.18 -23.25 59.22
C8 NAG Q . 8.06 -22.33 58.43
N2 NAG Q . 5.86 -23.03 59.14
O3 NAG Q . 4.40 -22.06 61.41
O4 NAG Q . 3.84 -24.06 63.44
O5 NAG Q . 4.10 -26.04 60.37
O6 NAG Q . 3.20 -26.91 63.75
O7 NAG Q . 7.64 -24.16 59.91
C1 NAG R . 112.98 -33.10 -17.74
C2 NAG R . 113.69 -34.40 -18.12
C3 NAG R . 114.51 -34.19 -19.39
C4 NAG R . 113.63 -33.64 -20.50
C5 NAG R . 112.94 -32.37 -20.03
C6 NAG R . 111.94 -31.82 -21.04
C7 NAG R . 114.20 -35.86 -16.21
C8 NAG R . 115.20 -36.21 -15.15
N2 NAG R . 114.55 -34.87 -17.04
O3 NAG R . 115.07 -35.44 -19.79
O4 NAG R . 114.43 -33.33 -21.65
O5 NAG R . 112.19 -32.64 -18.84
O6 NAG R . 110.68 -32.45 -20.91
O7 NAG R . 113.12 -36.44 -16.32
C1 NAG S . 150.73 -23.94 7.03
C2 NAG S . 152.08 -24.30 6.40
C3 NAG S . 153.21 -23.87 7.32
C4 NAG S . 153.08 -22.39 7.67
C5 NAG S . 151.67 -22.08 8.19
C6 NAG S . 151.44 -20.60 8.39
C7 NAG S . 151.70 -26.28 5.00
C8 NAG S . 151.86 -27.76 4.87
N2 NAG S . 152.17 -25.72 6.12
O3 NAG S . 154.46 -24.12 6.69
O4 NAG S . 154.04 -22.04 8.66
O5 NAG S . 150.68 -22.53 7.25
O6 NAG S . 152.67 -19.88 8.43
O7 NAG S . 151.14 -25.61 4.12
C1 NAG T . -79.55 27.75 -81.18
C2 NAG T . -80.20 28.79 -82.10
C3 NAG T . -79.14 29.42 -83.01
C4 NAG T . -77.98 29.96 -82.18
C5 NAG T . -77.43 28.87 -81.28
C6 NAG T . -76.35 29.36 -80.34
C7 NAG T . -82.19 28.92 -83.53
C8 NAG T . -83.20 28.13 -84.30
N2 NAG T . -81.27 28.20 -82.89
O3 NAG T . -79.74 30.47 -83.76
O4 NAG T . -76.94 30.43 -83.03
O5 NAG T . -78.48 28.35 -80.44
O6 NAG T . -75.99 28.38 -79.39
O7 NAG T . -82.20 30.14 -83.49
C1 NAG U . -39.12 -3.86 12.71
C2 NAG U . -40.32 -4.48 12.00
C3 NAG U . -40.82 -3.54 10.90
C4 NAG U . -41.09 -2.15 11.48
C5 NAG U . -39.85 -1.63 12.18
C6 NAG U . -40.06 -0.30 12.85
C7 NAG U . -40.03 -6.90 12.16
C8 NAG U . -39.66 -8.16 11.43
N2 NAG U . -40.00 -5.77 11.45
O3 NAG U . -42.01 -4.07 10.33
O4 NAG U . -41.46 -1.25 10.42
O5 NAG U . -39.45 -2.55 13.20
O6 NAG U . -41.41 -0.15 13.31
O7 NAG U . -40.35 -6.91 13.35
C1 NAG V . -31.06 5.73 28.38
C2 NAG V . -31.93 6.94 28.73
C3 NAG V . -31.70 7.35 30.17
C4 NAG V . -31.90 6.18 31.11
C5 NAG V . -31.03 5.01 30.68
C6 NAG V . -31.28 3.75 31.49
C7 NAG V . -32.50 8.35 26.80
C8 NAG V . -32.09 9.53 25.97
N2 NAG V . -31.69 8.05 27.82
O3 NAG V . -32.59 8.41 30.51
O4 NAG V . -31.57 6.54 32.45
O5 NAG V . -31.31 4.67 29.31
O6 NAG V . -31.04 2.57 30.72
O7 NAG V . -33.50 7.69 26.55
#